data_7QQH
#
_entry.id   7QQH
#
_cell.length_a   73.286
_cell.length_b   79.099
_cell.length_c   178.016
_cell.angle_alpha   80.909
_cell.angle_beta   79.112
_cell.angle_gamma   62.667
#
_symmetry.space_group_name_H-M   'P 1'
#
loop_
_entity.id
_entity.type
_entity.pdbx_description
1 polymer 'Myogenesis-regulating glycosidase'
2 branched 2-acetamido-2-deoxy-beta-D-glucopyranose-(1-4)-2-acetamido-2-deoxy-beta-D-glucopyranose
3 branched alpha-D-galactopyranose-(1-4)-beta-D-glucopyranose
4 non-polymer 2-acetamido-2-deoxy-beta-D-glucopyranose
5 non-polymer 1,2-ETHANEDIOL
6 non-polymer 'MALONATE ION'
7 water water
#
_entity_poly.entity_id   1
_entity_poly.type   'polypeptide(L)'
_entity_poly.pdbx_seq_one_letter_code
;GVSLRKAERLRAELLDLKAGGFSIRNQKGEQVFRLAFRSGALDLDSCSRDGALLGCSLTADGLPLHFFIQTVRPKDTVMC
YRVRWEEAAPGRAVEHAMFLGDAAAHWYGGAEMRTQHWPIRLDGQQEPQPFVTSDVYSSDAAFGGILERYWLSSRAAAIK
VNDSVPFHLGWNSTERSLRLQARYHDTPYKPPAGRAAAPELSYRVCVGSDVTSIHKYMVRRYFNKPSRVPAPEAFRDPIW
STWALYGRAVDQDKVLRFAQQIRLHHFNSSHLEIDDMYTPAYGDFDFDEVKFPNASDMFRRLRDAGFRVTLWVHPFVNYN
SSRFGEGVERELFVREPTGRLPALVRWWNGIGAVLDFTHPKARDWFQGHLRRLRSRYSVASFKFDAGEVSYLPRDFSTYR
PLPDPSVWSRRYTEMALPFFSLAEVRVGYQSQNISCFFRLVNRDSVWGYDLGLRSLIPAVLTVSMLGYPFILPDMVGGNA
VPQRTAGGDVPERELYIRWLEVAAFMPAMQFSIPPWRYDAEVVAIAQKFAALRASLVAPLLLELAGEVTDTGDPIVRPLW
WIAPGDETAHRIDSQFLIGDTLLVAPVLEPGKQERDVYLPAGKWRSYKGELFDKTPVLLTDYPVDLDEIAYFTWAS
;
_entity_poly.pdbx_strand_id   A,B,C,D
#
# COMPACT_ATOMS: atom_id res chain seq x y z
N GLU A 13 -0.66 -22.70 -22.89
CA GLU A 13 -0.49 -21.24 -23.26
C GLU A 13 0.94 -21.04 -23.78
N LEU A 14 1.86 -20.47 -22.98
CA LEU A 14 3.27 -20.23 -23.34
C LEU A 14 4.17 -21.18 -22.53
N LEU A 15 3.62 -22.31 -22.09
CA LEU A 15 4.33 -23.38 -21.33
C LEU A 15 4.59 -24.57 -22.26
N ASP A 16 5.85 -24.99 -22.41
CA ASP A 16 6.28 -26.19 -23.16
C ASP A 16 6.50 -27.35 -22.18
N LEU A 17 5.63 -28.37 -22.21
CA LEU A 17 5.74 -29.58 -21.37
C LEU A 17 6.46 -30.68 -22.17
N LYS A 18 7.58 -31.18 -21.64
CA LYS A 18 8.28 -32.41 -22.12
C LYS A 18 8.18 -33.46 -21.02
N ALA A 19 8.69 -34.67 -21.28
CA ALA A 19 8.64 -35.82 -20.34
C ALA A 19 9.44 -35.48 -19.06
N GLY A 20 10.57 -34.79 -19.21
CA GLY A 20 11.56 -34.59 -18.12
C GLY A 20 11.44 -33.24 -17.43
N GLY A 21 10.47 -32.40 -17.82
CA GLY A 21 10.24 -31.08 -17.21
C GLY A 21 9.50 -30.13 -18.15
N PHE A 22 9.34 -28.87 -17.74
CA PHE A 22 8.66 -27.82 -18.55
C PHE A 22 9.42 -26.49 -18.45
N SER A 23 9.14 -25.61 -19.41
CA SER A 23 9.63 -24.20 -19.46
C SER A 23 8.44 -23.29 -19.79
N ILE A 24 8.49 -22.04 -19.34
CA ILE A 24 7.43 -21.01 -19.62
C ILE A 24 8.10 -19.78 -20.23
N ARG A 25 7.43 -19.17 -21.22
CA ARG A 25 7.86 -17.91 -21.87
C ARG A 25 6.84 -16.81 -21.55
N ASN A 26 7.27 -15.55 -21.56
CA ASN A 26 6.37 -14.36 -21.53
C ASN A 26 5.99 -14.02 -22.98
N GLN A 27 5.16 -13.01 -23.19
CA GLN A 27 4.65 -12.62 -24.53
C GLN A 27 5.78 -12.04 -25.39
N LYS A 28 6.85 -11.52 -24.77
CA LYS A 28 8.06 -11.01 -25.48
C LYS A 28 8.88 -12.20 -26.03
N GLY A 29 8.64 -13.41 -25.54
CA GLY A 29 9.26 -14.65 -26.05
C GLY A 29 10.47 -15.07 -25.23
N GLU A 30 10.75 -14.41 -24.10
CA GLU A 30 11.86 -14.77 -23.18
C GLU A 30 11.47 -16.01 -22.36
N GLN A 31 12.43 -16.88 -22.06
CA GLN A 31 12.28 -18.01 -21.09
C GLN A 31 12.40 -17.44 -19.67
N VAL A 32 11.29 -17.42 -18.91
CA VAL A 32 11.21 -16.78 -17.56
C VAL A 32 11.09 -17.85 -16.46
N PHE A 33 10.94 -19.12 -16.83
CA PHE A 33 10.83 -20.26 -15.88
C PHE A 33 11.22 -21.56 -16.58
N ARG A 34 12.07 -22.36 -15.92
CA ARG A 34 12.49 -23.71 -16.39
C ARG A 34 12.54 -24.66 -15.19
N LEU A 35 11.92 -25.84 -15.30
CA LEU A 35 11.82 -26.83 -14.19
C LEU A 35 11.97 -28.25 -14.72
N ALA A 36 12.79 -29.06 -14.04
CA ALA A 36 13.03 -30.49 -14.32
C ALA A 36 12.32 -31.35 -13.26
N PHE A 37 11.69 -32.44 -13.70
CA PHE A 37 11.16 -33.50 -12.81
C PHE A 37 12.34 -34.37 -12.38
N ARG A 38 12.50 -34.62 -11.08
CA ARG A 38 13.70 -35.31 -10.53
C ARG A 38 13.33 -36.57 -9.71
N SER A 39 12.04 -36.84 -9.50
CA SER A 39 11.53 -38.08 -8.84
C SER A 39 10.84 -38.98 -9.88
N GLY A 40 11.02 -38.68 -11.18
CA GLY A 40 10.45 -39.46 -12.29
C GLY A 40 10.24 -38.60 -13.53
N ALA A 41 9.69 -39.18 -14.59
CA ALA A 41 9.34 -38.50 -15.86
C ALA A 41 7.87 -38.78 -16.21
N LEU A 42 7.24 -37.90 -16.97
CA LEU A 42 5.85 -38.07 -17.48
C LEU A 42 5.86 -38.99 -18.71
N ASP A 43 4.82 -39.81 -18.86
CA ASP A 43 4.42 -40.43 -20.15
C ASP A 43 3.45 -39.47 -20.84
N LEU A 44 3.91 -38.77 -21.88
CA LEU A 44 3.13 -37.71 -22.58
C LEU A 44 1.88 -38.31 -23.25
N ASP A 45 1.91 -39.60 -23.60
CA ASP A 45 0.76 -40.33 -24.21
C ASP A 45 -0.38 -40.50 -23.20
N SER A 46 -0.13 -40.28 -21.90
CA SER A 46 -1.14 -40.36 -20.81
C SER A 46 -1.76 -38.99 -20.52
N CYS A 47 -1.33 -37.93 -21.23
CA CYS A 47 -1.78 -36.53 -21.02
C CYS A 47 -2.90 -36.18 -21.99
N SER A 48 -4.01 -35.61 -21.47
CA SER A 48 -5.18 -35.11 -22.23
C SER A 48 -5.53 -33.70 -21.78
N ARG A 49 -6.24 -32.94 -22.62
CA ARG A 49 -6.59 -31.50 -22.40
C ARG A 49 -8.11 -31.36 -22.32
N ASP A 50 -8.62 -30.73 -21.27
CA ASP A 50 -10.03 -30.26 -21.15
C ASP A 50 -10.02 -28.77 -20.80
N GLY A 51 -10.22 -27.91 -21.80
CA GLY A 51 -10.14 -26.44 -21.65
C GLY A 51 -8.74 -26.00 -21.26
N ALA A 52 -8.58 -25.33 -20.12
CA ALA A 52 -7.29 -24.79 -19.61
C ALA A 52 -6.55 -25.84 -18.79
N LEU A 53 -7.18 -27.00 -18.53
CA LEU A 53 -6.63 -28.10 -17.69
C LEU A 53 -5.89 -29.11 -18.59
N LEU A 54 -4.65 -29.42 -18.22
CA LEU A 54 -3.81 -30.49 -18.85
C LEU A 54 -3.46 -31.52 -17.76
N GLY A 55 -4.11 -32.69 -17.78
CA GLY A 55 -3.91 -33.78 -16.80
C GLY A 55 -3.19 -34.96 -17.41
N CYS A 56 -2.35 -35.65 -16.62
CA CYS A 56 -1.58 -36.86 -17.02
C CYS A 56 -1.72 -37.93 -15.93
N SER A 57 -1.91 -39.18 -16.33
CA SER A 57 -2.33 -40.31 -15.45
C SER A 57 -1.16 -41.25 -15.11
N LEU A 58 -0.12 -41.34 -15.94
CA LEU A 58 1.00 -42.31 -15.76
C LEU A 58 2.35 -41.61 -15.93
N THR A 59 3.38 -42.11 -15.22
CA THR A 59 4.82 -41.74 -15.37
C THR A 59 5.43 -42.57 -16.50
N ALA A 60 6.67 -42.27 -16.91
CA ALA A 60 7.40 -42.95 -18.00
C ALA A 60 7.69 -44.41 -17.61
N ASP A 61 7.89 -44.68 -16.32
CA ASP A 61 8.12 -46.03 -15.76
C ASP A 61 6.79 -46.82 -15.69
N GLY A 62 5.65 -46.12 -15.80
CA GLY A 62 4.31 -46.71 -15.88
C GLY A 62 3.58 -46.76 -14.55
N LEU A 63 3.97 -45.90 -13.59
CA LEU A 63 3.29 -45.79 -12.27
C LEU A 63 2.09 -44.85 -12.39
N PRO A 64 0.96 -45.12 -11.68
CA PRO A 64 -0.16 -44.18 -11.65
C PRO A 64 0.21 -42.87 -10.95
N LEU A 65 -0.35 -41.76 -11.45
CA LEU A 65 0.04 -40.36 -11.10
C LEU A 65 -1.18 -39.44 -11.25
N HIS A 66 -1.41 -38.55 -10.27
CA HIS A 66 -2.29 -37.36 -10.42
C HIS A 66 -1.39 -36.14 -10.69
N PHE A 67 -1.12 -35.86 -11.97
CA PHE A 67 -0.40 -34.66 -12.45
C PHE A 67 -1.37 -33.78 -13.26
N PHE A 68 -1.31 -32.46 -13.07
CA PHE A 68 -2.01 -31.50 -13.97
C PHE A 68 -1.28 -30.15 -14.01
N ILE A 69 -1.47 -29.44 -15.13
CA ILE A 69 -1.15 -27.99 -15.29
C ILE A 69 -2.44 -27.29 -15.71
N GLN A 70 -2.94 -26.37 -14.88
CA GLN A 70 -4.11 -25.51 -15.20
C GLN A 70 -3.62 -24.09 -15.48
N THR A 71 -3.98 -23.55 -16.64
CA THR A 71 -3.77 -22.14 -17.05
C THR A 71 -4.88 -21.26 -16.45
N VAL A 72 -4.50 -20.15 -15.80
CA VAL A 72 -5.45 -19.14 -15.24
C VAL A 72 -4.95 -17.75 -15.68
N ARG A 73 -5.86 -16.90 -16.18
CA ARG A 73 -5.59 -15.50 -16.57
C ARG A 73 -6.34 -14.59 -15.60
N PRO A 74 -5.78 -14.29 -14.41
CA PRO A 74 -6.50 -13.55 -13.37
C PRO A 74 -6.65 -12.05 -13.68
N LYS A 75 -5.67 -11.47 -14.38
CA LYS A 75 -5.63 -10.05 -14.83
C LYS A 75 -5.19 -10.00 -16.29
N ASP A 76 -5.35 -8.84 -16.93
CA ASP A 76 -4.97 -8.61 -18.35
C ASP A 76 -3.46 -8.81 -18.54
N THR A 77 -2.65 -8.51 -17.52
CA THR A 77 -1.16 -8.46 -17.61
C THR A 77 -0.51 -9.67 -16.90
N VAL A 78 -1.30 -10.62 -16.38
CA VAL A 78 -0.80 -11.76 -15.56
C VAL A 78 -1.33 -13.07 -16.15
N MET A 79 -0.43 -14.02 -16.44
CA MET A 79 -0.77 -15.43 -16.76
C MET A 79 -0.18 -16.33 -15.66
N CYS A 80 -1.01 -17.17 -15.03
CA CYS A 80 -0.58 -18.11 -13.95
C CYS A 80 -0.72 -19.56 -14.44
N TYR A 81 0.14 -20.43 -13.90
CA TYR A 81 0.19 -21.88 -14.20
C TYR A 81 0.15 -22.65 -12.87
N ARG A 82 -0.98 -23.30 -12.57
CA ARG A 82 -1.15 -24.18 -11.38
C ARG A 82 -0.59 -25.55 -11.75
N VAL A 83 0.36 -26.06 -10.97
CA VAL A 83 1.05 -27.36 -11.23
C VAL A 83 0.86 -28.27 -10.01
N ARG A 84 0.55 -29.54 -10.24
CA ARG A 84 0.40 -30.58 -9.18
C ARG A 84 1.07 -31.87 -9.64
N TRP A 85 1.95 -32.44 -8.80
CA TRP A 85 2.52 -33.81 -8.95
C TRP A 85 2.24 -34.58 -7.66
N GLU A 86 1.30 -35.54 -7.72
CA GLU A 86 0.84 -36.36 -6.57
C GLU A 86 0.97 -37.84 -6.93
N GLU A 87 1.86 -38.56 -6.24
CA GLU A 87 2.25 -39.98 -6.55
C GLU A 87 1.08 -40.92 -6.21
N GLY A 91 3.93 -44.06 -0.75
CA GLY A 91 4.94 -43.23 -0.06
C GLY A 91 6.26 -43.13 -0.83
N ARG A 92 6.26 -42.37 -1.93
CA ARG A 92 7.48 -42.01 -2.72
C ARG A 92 7.61 -40.48 -2.77
N ALA A 93 8.77 -39.94 -2.36
CA ALA A 93 9.07 -38.48 -2.32
C ALA A 93 9.00 -37.88 -3.72
N VAL A 94 8.47 -36.65 -3.82
CA VAL A 94 8.40 -35.85 -5.07
C VAL A 94 9.50 -34.77 -5.00
N GLU A 95 10.31 -34.64 -6.06
CA GLU A 95 11.30 -33.54 -6.20
C GLU A 95 11.21 -32.94 -7.61
N HIS A 96 11.01 -31.63 -7.69
CA HIS A 96 11.22 -30.80 -8.91
C HIS A 96 12.40 -29.86 -8.66
N ALA A 97 13.30 -29.73 -9.65
CA ALA A 97 14.44 -28.79 -9.66
C ALA A 97 14.06 -27.54 -10.45
N MET A 98 13.89 -26.40 -9.76
CA MET A 98 13.59 -25.07 -10.39
C MET A 98 14.92 -24.39 -10.74
N PHE A 99 15.16 -24.18 -12.04
CA PHE A 99 16.38 -23.52 -12.58
C PHE A 99 16.21 -21.99 -12.47
N LEU A 100 17.22 -21.31 -11.93
CA LEU A 100 17.22 -19.83 -11.78
C LEU A 100 17.56 -19.20 -13.14
N GLY A 101 18.35 -19.87 -13.98
CA GLY A 101 18.65 -19.46 -15.36
C GLY A 101 20.02 -18.81 -15.50
N ASP A 102 20.21 -17.96 -16.52
CA ASP A 102 21.51 -17.31 -16.84
C ASP A 102 21.75 -16.14 -15.87
N ALA A 103 22.93 -15.51 -15.97
CA ALA A 103 23.46 -14.48 -15.06
C ALA A 103 22.52 -13.26 -14.98
N ALA A 104 21.73 -12.98 -16.03
CA ALA A 104 20.81 -11.83 -16.13
C ALA A 104 19.53 -12.07 -15.31
N ALA A 105 19.23 -13.32 -14.94
CA ALA A 105 18.07 -13.68 -14.10
C ALA A 105 18.49 -13.65 -12.62
N HIS A 106 17.81 -12.84 -11.82
CA HIS A 106 18.10 -12.62 -10.37
C HIS A 106 16.83 -12.91 -9.57
N TRP A 107 16.96 -13.58 -8.43
CA TRP A 107 15.81 -14.10 -7.63
C TRP A 107 15.84 -13.56 -6.19
N TYR A 108 14.65 -13.36 -5.63
CA TYR A 108 14.41 -12.75 -4.29
C TYR A 108 13.35 -13.56 -3.54
N GLY A 109 13.31 -13.43 -2.22
CA GLY A 109 12.29 -14.05 -1.34
C GLY A 109 12.86 -15.20 -0.52
N GLY A 110 12.08 -16.28 -0.36
CA GLY A 110 12.45 -17.45 0.46
C GLY A 110 12.54 -17.08 1.93
N ALA A 111 13.64 -17.42 2.60
CA ALA A 111 13.81 -17.36 4.07
C ALA A 111 14.93 -16.40 4.47
N GLU A 112 14.81 -15.78 5.64
CA GLU A 112 15.97 -15.22 6.39
C GLU A 112 17.01 -16.33 6.53
N MET A 113 18.29 -16.03 6.28
CA MET A 113 19.41 -17.00 6.35
C MET A 113 20.57 -16.38 7.12
N ARG A 114 21.53 -17.20 7.57
CA ARG A 114 22.73 -16.75 8.31
C ARG A 114 23.59 -15.87 7.38
N THR A 115 23.93 -16.41 6.20
CA THR A 115 24.65 -15.69 5.11
C THR A 115 23.61 -15.20 4.11
N GLN A 116 23.17 -13.94 4.25
CA GLN A 116 22.06 -13.36 3.44
C GLN A 116 22.62 -12.56 2.27
N HIS A 117 22.50 -13.10 1.06
CA HIS A 117 22.87 -12.44 -0.21
C HIS A 117 21.61 -11.84 -0.86
N TRP A 118 21.78 -10.79 -1.65
CA TRP A 118 20.71 -10.17 -2.47
C TRP A 118 21.33 -9.74 -3.79
N PRO A 119 20.93 -10.32 -4.95
CA PRO A 119 19.90 -11.36 -5.02
C PRO A 119 20.35 -12.69 -4.39
N ILE A 120 19.45 -13.68 -4.35
CA ILE A 120 19.68 -15.02 -3.73
C ILE A 120 20.90 -15.67 -4.39
N ARG A 121 21.86 -16.12 -3.57
CA ARG A 121 23.03 -16.92 -3.99
C ARG A 121 23.25 -18.01 -2.94
N LEU A 122 23.14 -19.28 -3.34
CA LEU A 122 23.36 -20.45 -2.46
C LEU A 122 24.57 -21.24 -3.01
N ASP A 123 25.60 -21.39 -2.18
CA ASP A 123 26.89 -22.03 -2.57
C ASP A 123 26.82 -23.54 -2.29
N GLY A 124 27.54 -24.34 -3.08
CA GLY A 124 27.72 -25.78 -2.87
C GLY A 124 26.43 -26.56 -3.10
N GLN A 125 26.27 -27.65 -2.35
CA GLN A 125 25.17 -28.65 -2.52
C GLN A 125 24.45 -28.80 -1.17
N GLN A 126 23.12 -28.77 -1.19
CA GLN A 126 22.27 -29.02 0.00
C GLN A 126 21.12 -29.96 -0.41
N GLU A 127 21.06 -31.14 0.19
CA GLU A 127 19.92 -32.09 0.08
C GLU A 127 18.70 -31.40 0.67
N PRO A 128 17.49 -31.54 0.08
CA PRO A 128 16.31 -30.87 0.61
C PRO A 128 16.12 -31.17 2.10
N GLN A 129 15.95 -30.14 2.92
CA GLN A 129 15.69 -30.25 4.39
C GLN A 129 14.41 -29.48 4.69
N PRO A 130 13.70 -29.80 5.80
CA PRO A 130 12.40 -29.19 6.09
C PRO A 130 12.45 -27.65 6.00
N PHE A 131 11.58 -27.06 5.18
CA PHE A 131 11.41 -25.59 5.06
C PHE A 131 10.53 -25.11 6.22
N VAL A 132 11.14 -24.99 7.40
CA VAL A 132 10.48 -24.68 8.71
C VAL A 132 11.28 -23.58 9.42
N THR A 133 10.63 -22.84 10.31
CA THR A 133 11.25 -21.79 11.15
C THR A 133 12.35 -22.41 12.01
N SER A 134 13.61 -22.06 11.75
CA SER A 134 14.79 -22.48 12.56
C SER A 134 15.60 -21.27 13.02
N ASP A 135 16.36 -21.42 14.10
CA ASP A 135 17.35 -20.43 14.61
C ASP A 135 18.65 -20.60 13.80
N VAL A 136 18.93 -19.70 12.86
CA VAL A 136 20.05 -19.88 11.90
C VAL A 136 21.33 -19.24 12.45
N TYR A 137 21.30 -18.70 13.67
CA TYR A 137 22.45 -17.98 14.28
C TYR A 137 23.75 -18.81 14.13
N SER A 138 23.67 -20.13 14.32
CA SER A 138 24.85 -21.05 14.29
C SER A 138 24.87 -21.96 13.05
N SER A 139 23.96 -21.80 12.08
CA SER A 139 23.73 -22.78 10.97
C SER A 139 23.48 -22.09 9.60
N ASP A 140 24.31 -22.42 8.60
CA ASP A 140 24.30 -21.85 7.22
C ASP A 140 23.41 -22.69 6.28
N ALA A 141 23.02 -23.90 6.68
CA ALA A 141 22.09 -24.78 5.92
C ALA A 141 20.64 -24.34 6.19
N ALA A 142 20.30 -24.11 7.47
CA ALA A 142 18.92 -23.96 7.98
C ALA A 142 18.22 -22.74 7.37
N PHE A 143 16.90 -22.69 7.52
CA PHE A 143 16.01 -21.58 7.10
C PHE A 143 15.55 -20.84 8.37
N GLY A 144 15.56 -19.51 8.33
CA GLY A 144 15.42 -18.64 9.51
C GLY A 144 13.99 -18.52 9.99
N GLY A 145 13.77 -17.66 10.98
CA GLY A 145 12.50 -17.48 11.70
C GLY A 145 11.40 -16.87 10.84
N ILE A 146 11.78 -16.02 9.88
CA ILE A 146 10.81 -15.37 8.94
C ILE A 146 11.07 -15.98 7.56
N LEU A 147 10.06 -16.63 6.99
CA LEU A 147 10.17 -17.30 5.66
C LEU A 147 8.79 -17.43 5.04
N GLU A 148 8.80 -17.71 3.75
CA GLU A 148 7.59 -17.95 2.92
C GLU A 148 8.05 -18.77 1.72
N ARG A 149 7.18 -19.64 1.20
CA ARG A 149 7.51 -20.54 0.07
C ARG A 149 7.28 -19.74 -1.22
N TYR A 150 8.00 -18.63 -1.36
CA TYR A 150 7.77 -17.59 -2.41
C TYR A 150 9.11 -17.13 -2.97
N TRP A 151 9.26 -17.25 -4.29
CA TRP A 151 10.47 -16.82 -5.04
C TRP A 151 10.05 -15.95 -6.24
N LEU A 152 10.72 -14.81 -6.40
CA LEU A 152 10.42 -13.77 -7.41
C LEU A 152 11.64 -13.61 -8.32
N SER A 153 11.42 -13.56 -9.64
CA SER A 153 12.47 -13.39 -10.67
C SER A 153 12.46 -11.94 -11.17
N SER A 154 13.64 -11.39 -11.45
CA SER A 154 13.86 -10.08 -12.12
C SER A 154 13.27 -10.08 -13.54
N ARG A 155 12.96 -11.26 -14.09
CA ARG A 155 12.34 -11.43 -15.43
C ARG A 155 10.80 -11.43 -15.33
N ALA A 156 10.25 -11.02 -14.18
CA ALA A 156 8.79 -10.81 -13.95
C ALA A 156 8.05 -12.15 -13.95
N ALA A 157 8.64 -13.17 -13.31
CA ALA A 157 8.00 -14.46 -12.99
C ALA A 157 8.15 -14.72 -11.49
N ALA A 158 7.17 -15.39 -10.89
CA ALA A 158 7.16 -15.74 -9.45
C ALA A 158 6.56 -17.14 -9.25
N ILE A 159 6.98 -17.82 -8.19
CA ILE A 159 6.41 -19.14 -7.78
C ILE A 159 5.98 -19.05 -6.31
N LYS A 160 4.75 -19.46 -6.03
CA LYS A 160 4.25 -19.73 -4.66
C LYS A 160 4.01 -21.24 -4.53
N VAL A 161 4.75 -21.91 -3.65
CA VAL A 161 4.53 -23.36 -3.32
C VAL A 161 3.30 -23.44 -2.40
N ASN A 162 2.38 -24.35 -2.73
CA ASN A 162 1.07 -24.56 -2.03
C ASN A 162 1.32 -24.78 -0.55
N ASP A 163 0.46 -24.24 0.31
CA ASP A 163 0.53 -24.39 1.80
C ASP A 163 0.36 -25.87 2.17
N SER A 164 -0.33 -26.65 1.34
CA SER A 164 -0.64 -28.09 1.57
C SER A 164 0.65 -28.92 1.59
N VAL A 165 1.71 -28.46 0.93
CA VAL A 165 2.91 -29.32 0.62
C VAL A 165 3.68 -29.56 1.91
N PRO A 166 4.07 -30.82 2.20
CA PRO A 166 5.08 -31.11 3.22
C PRO A 166 6.44 -30.73 2.63
N PHE A 167 6.73 -29.43 2.63
CA PHE A 167 7.73 -28.78 1.75
C PHE A 167 9.12 -28.83 2.38
N HIS A 168 10.08 -29.39 1.63
CA HIS A 168 11.53 -29.43 1.93
C HIS A 168 12.27 -28.72 0.80
N LEU A 169 13.31 -27.95 1.13
CA LEU A 169 14.09 -27.15 0.15
C LEU A 169 15.57 -27.52 0.25
N GLY A 170 16.17 -27.80 -0.91
CA GLY A 170 17.62 -27.91 -1.11
C GLY A 170 18.05 -27.01 -2.25
N TRP A 171 19.29 -27.14 -2.71
CA TRP A 171 19.82 -26.35 -3.87
C TRP A 171 21.04 -27.06 -4.46
N ASN A 172 21.39 -26.70 -5.69
CA ASN A 172 22.49 -27.28 -6.48
C ASN A 172 23.13 -26.14 -7.28
N SER A 173 24.29 -25.65 -6.84
CA SER A 173 24.97 -24.46 -7.40
C SER A 173 25.52 -24.76 -8.80
N THR A 174 25.88 -26.02 -9.07
CA THR A 174 26.44 -26.47 -10.38
C THR A 174 25.46 -26.15 -11.51
N GLU A 175 24.17 -26.39 -11.30
CA GLU A 175 23.09 -26.13 -12.31
C GLU A 175 22.22 -24.95 -11.84
N ARG A 176 22.61 -24.28 -10.76
CA ARG A 176 21.94 -23.09 -10.17
C ARG A 176 20.43 -23.38 -10.06
N SER A 177 20.09 -24.43 -9.32
CA SER A 177 18.69 -24.92 -9.13
C SER A 177 18.30 -24.85 -7.65
N LEU A 178 17.04 -24.57 -7.38
CA LEU A 178 16.36 -24.86 -6.09
C LEU A 178 15.74 -26.26 -6.18
N ARG A 179 15.98 -27.11 -5.19
CA ARG A 179 15.40 -28.47 -5.13
C ARG A 179 14.13 -28.43 -4.28
N LEU A 180 12.97 -28.43 -4.94
CA LEU A 180 11.63 -28.40 -4.29
C LEU A 180 11.18 -29.85 -4.05
N GLN A 181 11.00 -30.24 -2.78
CA GLN A 181 10.69 -31.64 -2.41
C GLN A 181 9.44 -31.69 -1.52
N ALA A 182 8.58 -32.68 -1.78
CA ALA A 182 7.50 -33.15 -0.89
C ALA A 182 7.85 -34.55 -0.40
N ARG A 183 7.92 -34.75 0.92
CA ARG A 183 8.22 -36.07 1.55
C ARG A 183 7.61 -36.11 2.95
N TYR A 184 7.31 -37.31 3.44
CA TYR A 184 6.74 -37.57 4.79
C TYR A 184 7.72 -38.40 5.65
N HIS A 185 8.82 -38.90 5.06
CA HIS A 185 9.85 -39.69 5.78
C HIS A 185 10.91 -38.74 6.35
N ASP A 186 11.28 -38.93 7.63
CA ASP A 186 12.39 -38.21 8.31
C ASP A 186 12.13 -36.70 8.17
N THR A 187 11.11 -36.19 8.87
CA THR A 187 10.62 -34.79 8.79
C THR A 187 9.65 -34.50 9.93
N PRO A 188 9.52 -33.23 10.38
CA PRO A 188 8.50 -32.86 11.36
C PRO A 188 7.11 -32.57 10.75
N TYR A 189 6.92 -32.77 9.44
CA TYR A 189 5.59 -32.66 8.77
C TYR A 189 4.81 -33.96 9.01
N LYS A 190 3.55 -33.85 9.47
CA LYS A 190 2.58 -34.97 9.56
C LYS A 190 1.53 -34.78 8.48
N PRO A 191 0.92 -35.87 7.95
CA PRO A 191 -0.27 -35.73 7.10
C PRO A 191 -1.48 -35.34 7.97
N PRO A 192 -2.57 -34.79 7.38
CA PRO A 192 -3.85 -34.70 8.08
C PRO A 192 -4.52 -36.08 8.13
N ALA A 198 1.17 -40.02 1.53
CA ALA A 198 0.90 -39.71 0.10
C ALA A 198 1.49 -38.35 -0.28
N PRO A 199 2.81 -38.27 -0.60
CA PRO A 199 3.46 -36.99 -0.90
C PRO A 199 2.89 -36.29 -2.14
N GLU A 200 2.98 -34.96 -2.15
CA GLU A 200 2.21 -34.05 -3.03
C GLU A 200 2.99 -32.73 -3.15
N LEU A 201 3.54 -32.44 -4.34
CA LEU A 201 4.19 -31.14 -4.65
C LEU A 201 3.29 -30.36 -5.61
N SER A 202 2.74 -29.24 -5.13
CA SER A 202 1.90 -28.31 -5.93
C SER A 202 2.37 -26.87 -5.72
N TYR A 203 2.15 -26.03 -6.72
CA TYR A 203 2.63 -24.62 -6.74
C TYR A 203 1.94 -23.86 -7.87
N ARG A 204 1.98 -22.53 -7.79
CA ARG A 204 1.49 -21.62 -8.85
C ARG A 204 2.67 -20.76 -9.33
N VAL A 205 2.95 -20.80 -10.64
CA VAL A 205 3.92 -19.92 -11.32
C VAL A 205 3.12 -18.85 -12.07
N CYS A 206 3.30 -17.57 -11.71
CA CYS A 206 2.64 -16.41 -12.39
C CYS A 206 3.71 -15.60 -13.15
N VAL A 207 3.35 -15.14 -14.35
CA VAL A 207 4.23 -14.34 -15.27
C VAL A 207 3.54 -12.99 -15.51
N GLY A 208 4.26 -11.88 -15.27
CA GLY A 208 3.76 -10.51 -15.45
C GLY A 208 4.60 -9.72 -16.43
N SER A 209 4.32 -8.42 -16.55
CA SER A 209 4.97 -7.47 -17.49
C SER A 209 6.30 -6.95 -16.91
N ASP A 210 6.40 -6.81 -15.58
CA ASP A 210 7.64 -6.36 -14.88
C ASP A 210 7.68 -6.94 -13.46
N VAL A 211 8.87 -6.99 -12.86
CA VAL A 211 9.15 -7.64 -11.54
C VAL A 211 8.29 -7.01 -10.44
N THR A 212 8.05 -5.69 -10.45
CA THR A 212 7.30 -4.98 -9.38
C THR A 212 5.81 -5.34 -9.48
N SER A 213 5.22 -5.30 -10.68
CA SER A 213 3.79 -5.63 -10.95
C SER A 213 3.46 -7.05 -10.47
N ILE A 214 4.26 -8.03 -10.90
CA ILE A 214 4.00 -9.47 -10.61
C ILE A 214 4.17 -9.70 -9.11
N HIS A 215 5.19 -9.10 -8.49
CA HIS A 215 5.40 -9.17 -7.02
C HIS A 215 4.15 -8.65 -6.29
N LYS A 216 3.64 -7.49 -6.69
CA LYS A 216 2.45 -6.86 -6.05
C LYS A 216 1.25 -7.79 -6.19
N TYR A 217 1.08 -8.43 -7.36
CA TYR A 217 -0.02 -9.41 -7.60
C TYR A 217 0.11 -10.57 -6.61
N MET A 218 1.31 -11.15 -6.48
CA MET A 218 1.58 -12.35 -5.65
C MET A 218 1.37 -11.99 -4.17
N VAL A 219 1.88 -10.83 -3.74
CA VAL A 219 1.77 -10.34 -2.33
C VAL A 219 0.29 -10.13 -1.97
N ARG A 220 -0.49 -9.47 -2.83
CA ARG A 220 -1.93 -9.17 -2.57
C ARG A 220 -2.72 -10.50 -2.52
N ARG A 221 -2.29 -11.50 -3.29
CA ARG A 221 -2.98 -12.79 -3.40
C ARG A 221 -2.75 -13.63 -2.13
N TYR A 222 -1.50 -13.72 -1.64
CA TYR A 222 -1.05 -14.74 -0.67
C TYR A 222 -0.84 -14.18 0.74
N PHE A 223 -0.36 -12.95 0.89
CA PHE A 223 0.02 -12.39 2.22
C PHE A 223 -1.05 -11.41 2.71
N ASN A 224 -1.43 -11.52 3.97
CA ASN A 224 -2.29 -10.52 4.66
C ASN A 224 -1.42 -9.31 5.03
N LYS A 225 -2.05 -8.14 5.15
CA LYS A 225 -1.40 -6.87 5.55
C LYS A 225 -1.67 -6.65 7.03
N PRO A 226 -0.75 -6.01 7.78
CA PRO A 226 -1.08 -5.53 9.11
C PRO A 226 -2.08 -4.37 8.94
N SER A 227 -3.10 -4.30 9.80
CA SER A 227 -4.17 -3.28 9.73
C SER A 227 -3.92 -2.18 10.75
N ARG A 228 -2.85 -2.31 11.55
CA ARG A 228 -2.49 -1.32 12.61
C ARG A 228 -1.02 -0.92 12.44
N VAL A 229 -0.64 0.20 13.07
CA VAL A 229 0.77 0.72 13.08
C VAL A 229 1.25 0.71 14.53
N PRO A 230 2.49 0.23 14.80
CA PRO A 230 3.09 0.35 16.12
C PRO A 230 3.20 1.80 16.60
N ALA A 231 3.60 2.00 17.86
CA ALA A 231 3.80 3.33 18.49
C ALA A 231 4.65 4.20 17.58
N PRO A 232 4.24 5.45 17.26
CA PRO A 232 5.00 6.30 16.35
C PRO A 232 6.44 6.58 16.79
N GLU A 233 6.70 6.62 18.11
CA GLU A 233 8.04 6.91 18.70
C GLU A 233 9.03 5.81 18.32
N ALA A 234 8.55 4.59 18.07
CA ALA A 234 9.40 3.41 17.69
C ALA A 234 9.98 3.61 16.29
N PHE A 235 9.38 4.48 15.47
CA PHE A 235 9.85 4.84 14.11
C PHE A 235 10.72 6.10 14.15
N ARG A 236 10.95 6.68 15.33
CA ARG A 236 11.69 7.96 15.48
C ARG A 236 12.85 7.79 16.46
N ASP A 237 12.55 7.58 17.74
CA ASP A 237 13.56 7.60 18.84
C ASP A 237 14.25 6.25 18.88
N PRO A 238 15.56 6.21 19.24
CA PRO A 238 16.26 4.93 19.37
C PRO A 238 15.65 4.06 20.48
N ILE A 239 15.69 2.74 20.28
CA ILE A 239 15.38 1.73 21.31
C ILE A 239 16.69 1.36 22.01
N TRP A 240 16.65 1.14 23.32
CA TRP A 240 17.84 0.83 24.15
C TRP A 240 17.64 -0.55 24.82
N SER A 241 18.46 -1.52 24.45
CA SER A 241 18.45 -2.91 24.98
C SER A 241 19.64 -3.12 25.91
N THR A 242 19.43 -3.86 27.00
CA THR A 242 20.47 -4.20 28.00
C THR A 242 21.35 -5.35 27.51
N TRP A 243 20.99 -6.03 26.42
CA TRP A 243 21.52 -7.38 26.10
C TRP A 243 23.02 -7.34 25.75
N ALA A 244 23.41 -6.67 24.66
CA ALA A 244 24.80 -6.65 24.17
C ALA A 244 25.70 -5.96 25.20
N LEU A 245 25.16 -4.94 25.88
CA LEU A 245 25.89 -4.10 26.87
C LEU A 245 26.24 -4.92 28.12
N TYR A 246 25.25 -5.50 28.79
CA TYR A 246 25.35 -6.11 30.15
C TYR A 246 25.31 -7.65 30.07
N GLY A 247 24.59 -8.23 29.12
CA GLY A 247 24.37 -9.69 29.04
C GLY A 247 23.48 -10.19 30.17
N ARG A 248 23.65 -11.46 30.58
CA ARG A 248 22.82 -12.13 31.62
C ARG A 248 22.92 -11.36 32.94
N ALA A 249 24.09 -10.77 33.24
CA ALA A 249 24.44 -10.17 34.54
C ALA A 249 23.71 -8.84 34.77
N VAL A 250 22.77 -8.46 33.90
CA VAL A 250 21.89 -7.25 34.06
C VAL A 250 21.31 -7.25 35.48
N ASP A 251 21.26 -6.06 36.10
CA ASP A 251 20.89 -5.75 37.51
C ASP A 251 19.96 -4.53 37.52
N GLN A 252 19.36 -4.22 38.68
CA GLN A 252 18.58 -2.98 38.93
C GLN A 252 19.48 -1.75 38.79
N ASP A 253 20.68 -1.78 39.36
CA ASP A 253 21.65 -0.65 39.34
C ASP A 253 22.05 -0.36 37.89
N LYS A 254 22.38 -1.40 37.12
CA LYS A 254 22.86 -1.31 35.72
C LYS A 254 21.76 -0.72 34.83
N VAL A 255 20.50 -1.14 35.02
CA VAL A 255 19.34 -0.62 34.25
C VAL A 255 19.22 0.89 34.50
N LEU A 256 19.31 1.32 35.76
CA LEU A 256 19.14 2.74 36.16
C LEU A 256 20.34 3.59 35.69
N ARG A 257 21.56 3.04 35.77
CA ARG A 257 22.81 3.69 35.30
C ARG A 257 22.74 3.87 33.77
N PHE A 258 22.25 2.85 33.06
CA PHE A 258 22.02 2.87 31.59
C PHE A 258 21.04 4.00 31.25
N ALA A 259 19.89 4.04 31.92
CA ALA A 259 18.81 5.03 31.73
C ALA A 259 19.36 6.45 31.93
N GLN A 260 20.09 6.66 33.04
CA GLN A 260 20.74 7.96 33.37
C GLN A 260 21.67 8.38 32.23
N GLN A 261 22.58 7.48 31.81
CA GLN A 261 23.63 7.74 30.79
C GLN A 261 22.98 8.11 29.44
N ILE A 262 21.85 7.50 29.10
CA ILE A 262 21.06 7.83 27.87
C ILE A 262 20.63 9.31 27.94
N ARG A 263 20.16 9.76 29.12
CA ARG A 263 19.66 11.15 29.32
C ARG A 263 20.82 12.15 29.31
N LEU A 264 21.93 11.82 29.99
CA LEU A 264 23.11 12.73 30.13
C LEU A 264 23.77 12.97 28.77
N HIS A 265 23.68 12.00 27.84
CA HIS A 265 24.23 12.11 26.47
C HIS A 265 23.17 12.64 25.49
N HIS A 266 22.02 13.09 26.01
CA HIS A 266 20.96 13.87 25.30
C HIS A 266 20.35 13.06 24.15
N PHE A 267 20.02 11.80 24.42
CA PHE A 267 19.29 10.89 23.49
C PHE A 267 17.84 10.72 23.95
N ASN A 268 16.90 10.78 23.02
CA ASN A 268 15.50 10.31 23.20
C ASN A 268 15.52 8.77 23.29
N SER A 269 14.41 8.18 23.74
CA SER A 269 14.20 6.70 23.77
C SER A 269 12.74 6.40 23.45
N SER A 270 12.48 5.52 22.48
CA SER A 270 11.15 4.89 22.28
C SER A 270 10.78 4.16 23.58
N HIS A 271 11.73 3.36 24.09
CA HIS A 271 11.60 2.54 25.32
C HIS A 271 12.95 1.90 25.65
N LEU A 272 13.09 1.46 26.90
CA LEU A 272 14.24 0.66 27.39
C LEU A 272 13.76 -0.80 27.48
N GLU A 273 14.48 -1.72 26.82
CA GLU A 273 14.15 -3.17 26.80
C GLU A 273 15.08 -3.90 27.77
N ILE A 274 14.55 -4.38 28.90
CA ILE A 274 15.29 -5.16 29.92
C ILE A 274 15.30 -6.61 29.46
N ASP A 275 16.49 -7.17 29.20
CA ASP A 275 16.67 -8.49 28.55
C ASP A 275 17.02 -9.55 29.60
N ASP A 276 17.29 -10.77 29.13
CA ASP A 276 17.91 -11.90 29.87
C ASP A 276 19.04 -11.37 30.74
N MET A 277 19.09 -11.67 32.06
CA MET A 277 18.12 -12.42 32.84
C MET A 277 17.65 -11.56 34.01
N TYR A 278 16.33 -11.40 34.18
CA TYR A 278 15.72 -10.61 35.29
C TYR A 278 14.86 -11.51 36.19
N THR A 279 14.72 -12.80 35.88
CA THR A 279 13.92 -13.79 36.67
C THR A 279 14.86 -14.71 37.45
N PRO A 280 14.40 -15.33 38.55
CA PRO A 280 15.22 -16.28 39.31
C PRO A 280 15.55 -17.55 38.51
N ALA A 281 14.60 -17.99 37.68
CA ALA A 281 14.71 -19.15 36.77
C ALA A 281 13.86 -18.89 35.52
N TYR A 282 14.21 -19.53 34.41
CA TYR A 282 13.50 -19.38 33.11
C TYR A 282 12.18 -20.15 33.18
N GLY A 283 11.06 -19.43 33.05
CA GLY A 283 9.69 -19.93 33.31
C GLY A 283 8.98 -19.13 34.38
N ASP A 284 9.73 -18.62 35.38
CA ASP A 284 9.23 -17.61 36.35
C ASP A 284 9.01 -16.30 35.59
N PHE A 285 7.99 -15.52 35.98
CA PHE A 285 7.60 -14.27 35.27
C PHE A 285 8.01 -13.05 36.10
N ASP A 286 7.98 -13.13 37.44
CA ASP A 286 8.31 -12.00 38.34
C ASP A 286 9.84 -11.92 38.54
N PHE A 287 10.30 -10.80 39.10
CA PHE A 287 11.73 -10.39 39.13
C PHE A 287 12.49 -11.13 40.23
N ASP A 288 13.73 -11.52 39.92
CA ASP A 288 14.75 -12.01 40.89
C ASP A 288 14.99 -10.91 41.94
N GLU A 289 14.58 -11.15 43.20
CA GLU A 289 14.61 -10.16 44.30
C GLU A 289 16.06 -9.81 44.68
N VAL A 290 17.05 -10.65 44.30
CA VAL A 290 18.49 -10.39 44.58
C VAL A 290 18.99 -9.29 43.63
N LYS A 291 18.88 -9.51 42.33
CA LYS A 291 19.38 -8.58 41.27
C LYS A 291 18.44 -7.38 41.12
N PHE A 292 17.18 -7.49 41.56
CA PHE A 292 16.17 -6.41 41.51
C PHE A 292 15.49 -6.28 42.88
N PRO A 293 16.19 -5.78 43.91
CA PRO A 293 15.64 -5.66 45.26
C PRO A 293 14.30 -4.92 45.34
N ASN A 294 14.12 -3.84 44.56
CA ASN A 294 12.88 -3.02 44.56
C ASN A 294 12.52 -2.70 43.11
N ALA A 295 11.97 -3.67 42.39
CA ALA A 295 11.51 -3.55 41.00
C ALA A 295 10.52 -2.38 40.86
N SER A 296 9.53 -2.30 41.75
CA SER A 296 8.49 -1.23 41.78
C SER A 296 9.15 0.15 41.70
N ASP A 297 10.16 0.38 42.53
CA ASP A 297 10.93 1.65 42.63
C ASP A 297 11.72 1.88 41.34
N MET A 298 12.36 0.83 40.80
CA MET A 298 13.11 0.88 39.52
C MET A 298 12.19 1.41 38.42
N PHE A 299 10.97 0.87 38.30
CA PHE A 299 9.98 1.23 37.25
C PHE A 299 9.43 2.64 37.52
N ARG A 300 9.26 3.02 38.80
CA ARG A 300 8.80 4.37 39.21
C ARG A 300 9.83 5.41 38.75
N ARG A 301 11.13 5.14 38.97
CA ARG A 301 12.26 6.04 38.61
C ARG A 301 12.36 6.14 37.07
N LEU A 302 12.23 5.02 36.36
CA LEU A 302 12.26 4.98 34.87
C LEU A 302 11.08 5.79 34.31
N ARG A 303 9.88 5.66 34.89
CA ARG A 303 8.67 6.41 34.47
C ARG A 303 8.90 7.91 34.67
N ASP A 304 9.43 8.31 35.83
CA ASP A 304 9.74 9.72 36.20
C ASP A 304 10.78 10.31 35.24
N ALA A 305 11.71 9.49 34.74
CA ALA A 305 12.80 9.91 33.82
C ALA A 305 12.34 9.83 32.36
N GLY A 306 11.07 9.49 32.10
CA GLY A 306 10.45 9.51 30.76
C GLY A 306 10.82 8.28 29.92
N PHE A 307 10.88 7.10 30.54
CA PHE A 307 11.17 5.81 29.87
C PHE A 307 9.94 4.91 29.93
N ARG A 308 9.41 4.55 28.76
CA ARG A 308 8.59 3.33 28.55
C ARG A 308 9.54 2.14 28.66
N VAL A 309 9.04 0.98 29.10
CA VAL A 309 9.86 -0.25 29.33
C VAL A 309 9.18 -1.45 28.67
N THR A 310 9.98 -2.28 28.00
CA THR A 310 9.58 -3.62 27.49
C THR A 310 10.44 -4.68 28.19
N LEU A 311 9.93 -5.91 28.28
CA LEU A 311 10.58 -7.06 28.96
C LEU A 311 10.75 -8.22 27.98
N TRP A 312 11.94 -8.82 27.99
CA TRP A 312 12.28 -10.07 27.26
C TRP A 312 11.49 -11.24 27.84
N VAL A 313 10.71 -11.90 26.99
CA VAL A 313 9.95 -13.14 27.32
C VAL A 313 10.24 -14.19 26.25
N HIS A 314 9.86 -15.43 26.53
CA HIS A 314 10.19 -16.64 25.73
C HIS A 314 9.17 -17.72 26.03
N PRO A 315 9.04 -18.76 25.18
CA PRO A 315 8.01 -19.77 25.36
C PRO A 315 8.42 -20.98 26.23
N PHE A 316 9.56 -20.92 26.90
CA PHE A 316 10.17 -22.05 27.64
C PHE A 316 9.87 -21.96 29.14
N VAL A 317 9.70 -23.12 29.78
CA VAL A 317 9.70 -23.29 31.26
C VAL A 317 10.72 -24.38 31.60
N ASN A 318 11.88 -23.99 32.15
CA ASN A 318 12.97 -24.91 32.52
C ASN A 318 12.51 -25.81 33.66
N TYR A 319 13.19 -26.93 33.88
CA TYR A 319 12.80 -27.98 34.86
C TYR A 319 12.96 -27.42 36.29
N ASN A 320 13.90 -26.48 36.50
CA ASN A 320 14.16 -25.88 37.85
C ASN A 320 13.33 -24.59 38.03
N SER A 321 12.40 -24.28 37.13
CA SER A 321 11.42 -23.18 37.29
C SER A 321 10.34 -23.61 38.28
N SER A 322 9.91 -22.71 39.16
CA SER A 322 8.81 -22.93 40.13
C SER A 322 7.48 -23.10 39.40
N ARG A 323 7.46 -22.88 38.07
CA ARG A 323 6.26 -22.95 37.20
C ARG A 323 6.23 -24.25 36.38
N PHE A 324 7.33 -25.02 36.35
CA PHE A 324 7.45 -26.28 35.57
C PHE A 324 6.38 -27.28 36.04
N GLY A 325 6.29 -27.51 37.36
CA GLY A 325 5.30 -28.43 37.96
C GLY A 325 3.89 -28.05 37.54
N GLU A 326 3.55 -26.76 37.61
CA GLU A 326 2.22 -26.23 37.27
C GLU A 326 1.88 -26.57 35.80
N GLY A 327 2.83 -26.33 34.89
CA GLY A 327 2.70 -26.63 33.46
C GLY A 327 2.45 -28.10 33.18
N VAL A 328 3.17 -29.00 33.86
CA VAL A 328 3.04 -30.48 33.70
C VAL A 328 1.61 -30.88 34.11
N GLU A 329 1.17 -30.45 35.30
CA GLU A 329 -0.11 -30.86 35.94
C GLU A 329 -1.30 -30.31 35.13
N ARG A 330 -1.16 -29.13 34.53
CA ARG A 330 -2.25 -28.44 33.79
C ARG A 330 -2.11 -28.72 32.29
N GLU A 331 -1.05 -29.43 31.88
CA GLU A 331 -0.80 -29.96 30.51
C GLU A 331 -0.76 -28.80 29.50
N LEU A 332 0.06 -27.77 29.81
CA LEU A 332 0.18 -26.52 29.03
C LEU A 332 1.32 -26.63 28.02
N PHE A 333 2.06 -27.75 28.03
CA PHE A 333 3.32 -27.94 27.24
C PHE A 333 3.05 -28.74 25.96
N VAL A 334 3.94 -28.54 24.99
CA VAL A 334 4.05 -29.39 23.76
C VAL A 334 4.38 -30.80 24.23
N ARG A 335 3.70 -31.80 23.67
CA ARG A 335 3.74 -33.20 24.17
C ARG A 335 4.67 -34.03 23.28
N GLU A 336 5.11 -35.19 23.79
CA GLU A 336 5.75 -36.27 22.98
C GLU A 336 4.68 -36.82 22.04
N PRO A 337 5.05 -37.61 21.00
CA PRO A 337 4.10 -38.04 19.97
C PRO A 337 2.77 -38.67 20.39
N THR A 338 2.69 -39.42 21.50
CA THR A 338 1.44 -40.10 21.94
C THR A 338 0.47 -39.08 22.58
N GLY A 339 0.91 -37.86 22.85
CA GLY A 339 0.06 -36.74 23.32
C GLY A 339 -0.36 -36.86 24.78
N ARG A 340 0.42 -37.57 25.60
CA ARG A 340 0.08 -37.83 27.03
C ARG A 340 0.97 -36.99 27.97
N LEU A 341 2.26 -36.83 27.65
CA LEU A 341 3.25 -36.19 28.56
C LEU A 341 3.94 -35.02 27.86
N PRO A 342 4.46 -34.04 28.62
CA PRO A 342 5.35 -33.02 28.05
C PRO A 342 6.61 -33.62 27.44
N ALA A 343 7.13 -32.99 26.39
CA ALA A 343 8.44 -33.30 25.75
C ALA A 343 9.45 -32.25 26.19
N LEU A 344 10.59 -32.68 26.73
CA LEU A 344 11.71 -31.78 27.09
C LEU A 344 12.37 -31.25 25.81
N VAL A 345 12.84 -30.00 25.84
CA VAL A 345 13.60 -29.34 24.74
C VAL A 345 14.86 -28.75 25.34
N ARG A 346 15.90 -28.58 24.51
CA ARG A 346 17.09 -27.77 24.86
C ARG A 346 17.05 -26.47 24.05
N TRP A 347 17.23 -25.34 24.73
CA TRP A 347 17.49 -24.02 24.11
C TRP A 347 18.79 -23.45 24.69
N TRP A 348 19.18 -22.25 24.27
CA TRP A 348 20.49 -21.65 24.62
C TRP A 348 20.58 -21.40 26.14
N ASN A 349 19.44 -21.36 26.86
CA ASN A 349 19.41 -21.13 28.33
C ASN A 349 18.99 -22.40 29.10
N GLY A 350 19.06 -23.59 28.48
CA GLY A 350 19.06 -24.88 29.21
C GLY A 350 17.96 -25.84 28.77
N ILE A 351 17.49 -26.67 29.71
CA ILE A 351 16.56 -27.80 29.46
C ILE A 351 15.23 -27.54 30.20
N GLY A 352 14.13 -27.71 29.49
CA GLY A 352 12.77 -27.56 30.04
C GLY A 352 11.71 -27.96 29.03
N ALA A 353 10.49 -27.51 29.25
CA ALA A 353 9.34 -27.70 28.32
C ALA A 353 9.15 -26.40 27.53
N VAL A 354 8.29 -26.47 26.51
CA VAL A 354 7.90 -25.31 25.67
C VAL A 354 6.37 -25.24 25.66
N LEU A 355 5.80 -24.05 25.84
CA LEU A 355 4.34 -23.84 25.98
C LEU A 355 3.67 -24.16 24.65
N ASP A 356 2.49 -24.79 24.70
CA ASP A 356 1.69 -25.21 23.52
C ASP A 356 0.70 -24.09 23.19
N PHE A 357 1.02 -23.25 22.20
CA PHE A 357 0.22 -22.05 21.83
C PHE A 357 -0.97 -22.47 20.94
N THR A 358 -1.18 -23.77 20.72
CA THR A 358 -2.43 -24.32 20.11
C THR A 358 -3.46 -24.55 21.22
N HIS A 359 -3.02 -24.56 22.48
CA HIS A 359 -3.84 -24.87 23.68
C HIS A 359 -4.38 -23.57 24.27
N PRO A 360 -5.71 -23.32 24.21
CA PRO A 360 -6.30 -22.12 24.82
C PRO A 360 -5.87 -21.86 26.27
N LYS A 361 -5.69 -22.91 27.05
CA LYS A 361 -5.33 -22.83 28.50
C LYS A 361 -3.90 -22.28 28.63
N ALA A 362 -2.97 -22.76 27.78
CA ALA A 362 -1.55 -22.34 27.78
C ALA A 362 -1.43 -20.89 27.25
N ARG A 363 -2.30 -20.52 26.30
CA ARG A 363 -2.39 -19.13 25.77
C ARG A 363 -2.88 -18.20 26.88
N ASP A 364 -3.93 -18.58 27.61
CA ASP A 364 -4.51 -17.78 28.72
C ASP A 364 -3.48 -17.65 29.84
N TRP A 365 -2.75 -18.72 30.12
CA TRP A 365 -1.72 -18.80 31.20
C TRP A 365 -0.60 -17.80 30.90
N PHE A 366 -0.05 -17.83 29.69
CA PHE A 366 1.04 -16.94 29.20
C PHE A 366 0.55 -15.49 29.27
N GLN A 367 -0.60 -15.21 28.66
CA GLN A 367 -1.25 -13.87 28.61
C GLN A 367 -1.46 -13.33 30.03
N GLY A 368 -1.97 -14.17 30.92
CA GLY A 368 -2.23 -13.82 32.34
C GLY A 368 -1.00 -13.26 33.02
N HIS A 369 0.16 -13.90 32.82
CA HIS A 369 1.46 -13.46 33.41
C HIS A 369 1.93 -12.15 32.77
N LEU A 370 1.69 -11.96 31.46
CA LEU A 370 2.07 -10.71 30.75
C LEU A 370 1.19 -9.56 31.25
N ARG A 371 -0.11 -9.78 31.41
CA ARG A 371 -1.09 -8.76 31.90
C ARG A 371 -0.75 -8.39 33.35
N ARG A 372 -0.25 -9.35 34.14
CA ARG A 372 0.15 -9.14 35.55
C ARG A 372 1.38 -8.22 35.59
N LEU A 373 2.35 -8.43 34.69
CA LEU A 373 3.59 -7.62 34.60
C LEU A 373 3.25 -6.18 34.19
N ARG A 374 2.25 -5.99 33.32
CA ARG A 374 1.78 -4.64 32.89
C ARG A 374 1.03 -3.98 34.05
N SER A 375 0.09 -4.70 34.65
CA SER A 375 -0.76 -4.24 35.78
C SER A 375 0.13 -3.78 36.95
N ARG A 376 1.17 -4.55 37.27
CA ARG A 376 2.02 -4.37 38.49
C ARG A 376 3.09 -3.29 38.25
N TYR A 377 3.78 -3.34 37.11
CA TYR A 377 5.01 -2.55 36.86
C TYR A 377 4.84 -1.50 35.75
N SER A 378 3.65 -1.40 35.12
CA SER A 378 3.33 -0.48 33.99
C SER A 378 4.29 -0.70 32.80
N VAL A 379 4.79 -1.93 32.64
CA VAL A 379 5.53 -2.40 31.43
C VAL A 379 4.61 -2.17 30.23
N ALA A 380 5.14 -1.64 29.13
CA ALA A 380 4.35 -1.24 27.94
C ALA A 380 4.05 -2.46 27.07
N SER A 381 5.06 -3.30 26.82
CA SER A 381 5.00 -4.47 25.91
C SER A 381 6.19 -5.39 26.16
N PHE A 382 6.45 -6.34 25.25
CA PHE A 382 7.42 -7.45 25.47
C PHE A 382 8.21 -7.72 24.19
N LYS A 383 9.47 -8.12 24.38
CA LYS A 383 10.31 -8.80 23.36
C LYS A 383 9.99 -10.30 23.44
N PHE A 384 9.24 -10.80 22.46
CA PHE A 384 8.85 -12.22 22.31
C PHE A 384 9.98 -12.96 21.57
N ASP A 385 10.92 -13.53 22.33
CA ASP A 385 12.14 -14.19 21.79
C ASP A 385 11.82 -15.65 21.45
N ALA A 386 12.74 -16.30 20.70
CA ALA A 386 12.60 -17.67 20.15
C ALA A 386 11.35 -17.70 19.24
N GLY A 387 10.65 -18.84 19.17
CA GLY A 387 9.42 -19.00 18.37
C GLY A 387 9.63 -19.93 17.18
N GLU A 388 10.88 -20.37 16.95
CA GLU A 388 11.25 -21.30 15.85
C GLU A 388 10.90 -22.74 16.28
N VAL A 389 10.48 -23.57 15.31
CA VAL A 389 10.11 -24.99 15.56
C VAL A 389 11.39 -25.83 15.67
N SER A 390 12.56 -25.28 15.38
CA SER A 390 13.86 -25.96 15.61
C SER A 390 14.11 -26.13 17.12
N TYR A 391 13.36 -25.41 17.98
CA TYR A 391 13.42 -25.55 19.47
C TYR A 391 12.30 -26.47 19.98
N LEU A 392 11.50 -27.03 19.08
CA LEU A 392 10.53 -28.11 19.40
C LEU A 392 11.20 -29.44 19.11
N PRO A 393 10.71 -30.55 19.69
CA PRO A 393 11.27 -31.88 19.41
C PRO A 393 11.03 -32.27 17.93
N ARG A 394 11.85 -33.18 17.40
CA ARG A 394 11.76 -33.70 16.01
C ARG A 394 10.30 -34.06 15.71
N ASP A 395 9.75 -35.01 16.49
CA ASP A 395 8.31 -35.41 16.46
C ASP A 395 7.67 -35.06 17.80
N PHE A 396 6.50 -34.40 17.75
CA PHE A 396 5.73 -33.89 18.91
C PHE A 396 4.24 -33.95 18.59
N SER A 397 3.38 -33.73 19.59
CA SER A 397 1.92 -33.51 19.41
C SER A 397 1.53 -32.27 20.20
N THR A 398 0.39 -31.68 19.85
CA THR A 398 -0.13 -30.41 20.43
C THR A 398 -1.64 -30.55 20.60
N TYR A 399 -2.24 -29.77 21.50
CA TYR A 399 -3.70 -29.76 21.80
C TYR A 399 -4.48 -29.83 20.48
N ARG A 400 -4.21 -28.92 19.54
CA ARG A 400 -4.72 -28.98 18.14
C ARG A 400 -3.58 -29.42 17.24
N PRO A 401 -3.83 -30.32 16.27
CA PRO A 401 -2.76 -30.85 15.41
C PRO A 401 -2.17 -29.79 14.46
N LEU A 402 -0.86 -29.88 14.24
CA LEU A 402 -0.09 -29.01 13.34
C LEU A 402 0.59 -29.88 12.28
N PRO A 403 -0.12 -30.29 11.21
CA PRO A 403 0.51 -31.04 10.12
C PRO A 403 1.68 -30.24 9.51
N ASP A 404 1.50 -28.92 9.40
CA ASP A 404 2.57 -27.93 9.12
C ASP A 404 3.12 -27.42 10.45
N PRO A 405 4.33 -27.82 10.87
CA PRO A 405 4.83 -27.51 12.22
C PRO A 405 5.07 -26.01 12.46
N SER A 406 5.45 -25.26 11.41
CA SER A 406 5.79 -23.81 11.47
C SER A 406 4.57 -22.97 11.90
N VAL A 407 3.36 -23.52 11.82
CA VAL A 407 2.12 -22.82 12.28
C VAL A 407 2.22 -22.59 13.79
N TRP A 408 3.04 -23.39 14.50
CA TRP A 408 3.35 -23.15 15.93
C TRP A 408 3.96 -21.75 16.10
N SER A 409 4.91 -21.39 15.22
CA SER A 409 5.56 -20.05 15.20
C SER A 409 4.48 -18.96 15.07
N ARG A 410 3.58 -19.10 14.09
CA ARG A 410 2.40 -18.22 13.92
C ARG A 410 1.68 -18.07 15.26
N ARG A 411 1.30 -19.19 15.88
CA ARG A 411 0.47 -19.23 17.12
C ARG A 411 1.19 -18.49 18.25
N TYR A 412 2.51 -18.63 18.35
CA TYR A 412 3.35 -17.89 19.33
C TYR A 412 3.29 -16.38 19.04
N THR A 413 3.40 -15.98 17.77
CA THR A 413 3.43 -14.54 17.38
C THR A 413 2.07 -13.89 17.69
N GLU A 414 0.99 -14.69 17.82
CA GLU A 414 -0.36 -14.18 18.16
C GLU A 414 -0.35 -13.65 19.60
N MET A 415 0.63 -14.05 20.41
CA MET A 415 0.74 -13.61 21.83
C MET A 415 1.11 -12.13 21.88
N ALA A 416 1.67 -11.56 20.80
CA ALA A 416 2.02 -10.14 20.70
C ALA A 416 0.78 -9.27 20.49
N LEU A 417 -0.31 -9.81 19.92
CA LEU A 417 -1.46 -9.02 19.42
C LEU A 417 -1.98 -8.04 20.47
N PRO A 418 -2.22 -8.44 21.74
CA PRO A 418 -2.74 -7.51 22.74
C PRO A 418 -1.75 -6.41 23.17
N PHE A 419 -0.47 -6.55 22.84
CA PHE A 419 0.62 -5.59 23.20
C PHE A 419 1.41 -5.15 21.95
N PHE A 420 0.78 -5.20 20.78
CA PHE A 420 1.41 -5.08 19.43
C PHE A 420 2.19 -3.78 19.32
N SER A 421 1.68 -2.74 19.99
CA SER A 421 2.09 -1.31 19.83
C SER A 421 3.59 -1.13 20.07
N LEU A 422 4.19 -1.89 20.99
CA LEU A 422 5.65 -1.82 21.31
C LEU A 422 6.25 -3.24 21.40
N ALA A 423 5.65 -4.21 20.73
CA ALA A 423 6.09 -5.63 20.75
C ALA A 423 7.09 -5.87 19.62
N GLU A 424 8.02 -6.81 19.82
CA GLU A 424 8.80 -7.42 18.72
C GLU A 424 8.71 -8.95 18.83
N VAL A 425 8.72 -9.61 17.68
CA VAL A 425 8.90 -11.08 17.50
C VAL A 425 10.09 -11.27 16.55
N ARG A 426 10.69 -12.45 16.51
CA ARG A 426 11.83 -12.75 15.60
C ARG A 426 11.46 -13.89 14.65
N VAL A 427 10.18 -14.26 14.61
CA VAL A 427 9.68 -15.32 13.67
C VAL A 427 8.43 -14.79 12.98
N GLY A 428 8.17 -15.28 11.78
CA GLY A 428 7.00 -14.94 10.96
C GLY A 428 6.66 -16.09 10.04
N TYR A 429 5.49 -16.69 10.24
CA TYR A 429 4.90 -17.73 9.38
C TYR A 429 3.43 -17.36 9.17
N GLN A 430 3.16 -16.64 8.09
CA GLN A 430 1.85 -15.97 7.85
C GLN A 430 1.52 -15.09 9.07
N SER A 431 2.53 -14.42 9.63
CA SER A 431 2.40 -13.49 10.79
C SER A 431 2.26 -12.03 10.32
N GLN A 432 2.11 -11.79 9.01
CA GLN A 432 2.15 -10.42 8.40
C GLN A 432 1.07 -9.52 9.01
N ASN A 433 -0.11 -10.06 9.36
CA ASN A 433 -1.26 -9.24 9.84
C ASN A 433 -1.13 -9.00 11.36
N ILE A 434 -0.05 -9.47 11.98
CA ILE A 434 0.31 -9.10 13.38
C ILE A 434 1.14 -7.80 13.30
N SER A 435 0.55 -6.69 13.76
CA SER A 435 0.99 -5.31 13.45
C SER A 435 2.11 -4.86 14.40
N CYS A 436 3.03 -5.76 14.75
CA CYS A 436 4.18 -5.48 15.66
C CYS A 436 5.47 -5.45 14.83
N PHE A 437 6.61 -5.25 15.48
CA PHE A 437 7.95 -5.23 14.84
C PHE A 437 8.46 -6.67 14.71
N PHE A 438 9.24 -6.92 13.65
CA PHE A 438 9.89 -8.21 13.34
C PHE A 438 11.40 -7.97 13.36
N ARG A 439 12.09 -8.61 14.30
CA ARG A 439 13.56 -8.45 14.51
C ARG A 439 14.30 -9.53 13.72
N LEU A 440 15.34 -9.12 12.98
CA LEU A 440 16.34 -10.03 12.38
C LEU A 440 17.02 -10.81 13.51
N VAL A 441 17.32 -12.10 13.30
CA VAL A 441 18.04 -12.91 14.31
C VAL A 441 19.43 -12.28 14.51
N ASN A 442 19.94 -12.38 15.74
CA ASN A 442 21.24 -11.84 16.23
C ASN A 442 22.20 -11.54 15.07
N ARG A 443 22.53 -10.26 14.88
CA ARG A 443 23.65 -9.82 13.99
C ARG A 443 24.95 -9.93 14.78
N ASP A 444 26.02 -10.43 14.14
CA ASP A 444 27.38 -10.44 14.74
C ASP A 444 28.12 -9.15 14.40
N SER A 445 29.03 -8.73 15.28
CA SER A 445 29.88 -7.52 15.15
C SER A 445 31.01 -7.79 14.16
N VAL A 446 30.65 -8.11 12.91
CA VAL A 446 31.59 -8.32 11.77
C VAL A 446 31.05 -7.55 10.56
N TRP A 447 31.88 -7.43 9.51
CA TRP A 447 31.58 -6.62 8.30
C TRP A 447 30.72 -7.41 7.30
N GLY A 448 30.85 -8.74 7.28
CA GLY A 448 30.47 -9.59 6.14
C GLY A 448 28.99 -9.92 6.07
N TYR A 449 28.62 -10.80 5.13
CA TYR A 449 27.23 -11.24 4.84
C TYR A 449 26.77 -12.31 5.86
N ASP A 450 27.71 -12.86 6.63
CA ASP A 450 27.45 -13.87 7.70
C ASP A 450 26.99 -13.12 8.96
N LEU A 451 25.75 -12.62 8.94
CA LEU A 451 25.06 -11.90 10.04
C LEU A 451 25.78 -10.59 10.38
N GLY A 452 26.60 -10.06 9.46
CA GLY A 452 27.39 -8.83 9.68
C GLY A 452 26.75 -7.62 9.02
N LEU A 453 27.51 -6.53 8.91
CA LEU A 453 27.03 -5.23 8.35
C LEU A 453 26.44 -5.46 6.95
N ARG A 454 27.12 -6.23 6.09
CA ARG A 454 26.71 -6.47 4.68
C ARG A 454 25.45 -7.35 4.61
N SER A 455 25.09 -8.06 5.68
CA SER A 455 23.85 -8.88 5.76
C SER A 455 22.61 -8.00 5.92
N LEU A 456 22.76 -6.78 6.42
CA LEU A 456 21.62 -5.96 6.91
C LEU A 456 20.64 -5.69 5.75
N ILE A 457 21.13 -5.13 4.64
CA ILE A 457 20.26 -4.68 3.52
C ILE A 457 19.62 -5.91 2.86
N PRO A 458 20.40 -6.96 2.49
CA PRO A 458 19.80 -8.21 2.01
C PRO A 458 18.70 -8.77 2.93
N ALA A 459 18.94 -8.80 4.24
CA ALA A 459 18.03 -9.41 5.23
C ALA A 459 16.76 -8.58 5.34
N VAL A 460 16.89 -7.25 5.42
CA VAL A 460 15.73 -6.31 5.57
C VAL A 460 14.90 -6.37 4.27
N LEU A 461 15.55 -6.40 3.11
CA LEU A 461 14.88 -6.46 1.79
C LEU A 461 14.11 -7.79 1.67
N THR A 462 14.75 -8.91 2.01
CA THR A 462 14.15 -10.27 2.00
C THR A 462 12.88 -10.26 2.86
N VAL A 463 12.97 -9.76 4.09
CA VAL A 463 11.83 -9.72 5.05
C VAL A 463 10.72 -8.80 4.51
N SER A 464 11.06 -7.60 4.03
CA SER A 464 10.13 -6.62 3.41
C SER A 464 9.34 -7.27 2.27
N MET A 465 10.03 -8.03 1.42
CA MET A 465 9.48 -8.78 0.27
C MET A 465 8.36 -9.74 0.71
N LEU A 466 8.46 -10.31 1.91
CA LEU A 466 7.51 -11.34 2.41
C LEU A 466 6.29 -10.66 3.05
N GLY A 467 6.21 -9.32 3.03
CA GLY A 467 5.03 -8.56 3.47
C GLY A 467 5.12 -8.14 4.93
N TYR A 468 6.32 -8.12 5.51
CA TYR A 468 6.60 -7.66 6.89
C TYR A 468 7.22 -6.26 6.82
N PRO A 469 6.39 -5.19 6.91
CA PRO A 469 6.90 -3.84 6.75
C PRO A 469 7.73 -3.32 7.94
N PHE A 470 7.31 -3.63 9.17
CA PHE A 470 7.87 -3.05 10.42
C PHE A 470 9.06 -3.91 10.88
N ILE A 471 10.25 -3.61 10.35
CA ILE A 471 11.47 -4.44 10.54
C ILE A 471 12.44 -3.74 11.52
N LEU A 472 12.93 -4.49 12.51
CA LEU A 472 13.99 -4.06 13.46
C LEU A 472 15.26 -4.86 13.15
N PRO A 473 16.31 -4.24 12.58
CA PRO A 473 17.54 -4.97 12.21
C PRO A 473 18.45 -5.31 13.40
N ASP A 474 17.88 -5.89 14.47
CA ASP A 474 18.59 -6.33 15.69
C ASP A 474 19.35 -5.13 16.31
N MET A 475 20.64 -5.29 16.64
CA MET A 475 21.42 -4.37 17.52
C MET A 475 22.42 -3.57 16.68
N VAL A 476 22.48 -2.25 16.87
CA VAL A 476 23.53 -1.39 16.24
C VAL A 476 24.89 -1.92 16.70
N GLY A 477 25.73 -2.30 15.76
CA GLY A 477 27.11 -2.79 16.00
C GLY A 477 27.16 -4.29 16.21
N GLY A 478 26.01 -4.95 16.31
CA GLY A 478 25.91 -6.40 16.57
C GLY A 478 25.95 -6.72 18.06
N ASN A 479 26.07 -8.01 18.39
CA ASN A 479 25.90 -8.53 19.76
C ASN A 479 27.27 -8.66 20.46
N ALA A 480 28.36 -8.40 19.76
CA ALA A 480 29.74 -8.38 20.32
C ALA A 480 30.02 -9.69 21.04
N VAL A 481 29.80 -10.81 20.37
CA VAL A 481 30.15 -12.18 20.87
C VAL A 481 31.65 -12.36 20.67
N PRO A 482 32.42 -12.72 21.72
CA PRO A 482 33.84 -13.01 21.55
C PRO A 482 34.04 -14.11 20.50
N GLN A 483 35.02 -13.94 19.62
CA GLN A 483 35.38 -14.90 18.53
C GLN A 483 34.49 -14.63 17.31
N ARG A 484 33.48 -13.76 17.43
CA ARG A 484 32.58 -13.31 16.33
C ARG A 484 32.51 -11.78 16.36
N THR A 485 33.63 -11.12 16.65
CA THR A 485 33.74 -9.63 16.78
C THR A 485 35.01 -9.14 16.10
N ALA A 486 34.87 -8.31 15.05
CA ALA A 486 35.98 -7.54 14.46
C ALA A 486 36.36 -6.42 15.45
N GLY A 487 37.40 -6.66 16.26
CA GLY A 487 37.91 -5.71 17.27
C GLY A 487 37.93 -6.26 18.69
N GLY A 488 37.84 -7.58 18.88
CA GLY A 488 37.91 -8.24 20.21
C GLY A 488 36.70 -7.96 21.08
N ASP A 489 36.76 -6.93 21.94
CA ASP A 489 35.86 -6.70 23.10
C ASP A 489 34.52 -6.11 22.65
N VAL A 490 34.57 -5.05 21.84
CA VAL A 490 33.38 -4.43 21.16
C VAL A 490 33.70 -4.33 19.67
N PRO A 491 32.70 -4.12 18.79
CA PRO A 491 32.97 -3.85 17.39
C PRO A 491 33.96 -2.67 17.26
N GLU A 492 34.93 -2.78 16.35
CA GLU A 492 35.91 -1.69 16.07
C GLU A 492 35.12 -0.43 15.68
N ARG A 493 35.71 0.72 16.00
CA ARG A 493 35.12 2.09 15.91
C ARG A 493 34.40 2.30 14.57
N GLU A 494 35.06 1.98 13.46
CA GLU A 494 34.59 2.27 12.08
C GLU A 494 33.35 1.40 11.78
N LEU A 495 33.36 0.14 12.23
CA LEU A 495 32.22 -0.80 12.06
C LEU A 495 30.99 -0.25 12.79
N TYR A 496 31.16 0.18 14.04
CA TYR A 496 30.07 0.75 14.90
C TYR A 496 29.43 1.96 14.18
N ILE A 497 30.27 2.88 13.68
CA ILE A 497 29.83 4.15 13.03
C ILE A 497 29.03 3.82 11.75
N ARG A 498 29.61 3.04 10.84
CA ARG A 498 28.98 2.68 9.55
C ARG A 498 27.64 1.97 9.82
N TRP A 499 27.58 1.10 10.83
CA TRP A 499 26.36 0.33 11.22
C TRP A 499 25.28 1.31 11.73
N LEU A 500 25.65 2.13 12.71
CA LEU A 500 24.84 3.23 13.30
C LEU A 500 24.19 4.05 12.17
N GLU A 501 24.98 4.39 11.15
CA GLU A 501 24.55 5.28 10.04
C GLU A 501 23.45 4.58 9.23
N VAL A 502 23.67 3.34 8.79
CA VAL A 502 22.67 2.61 7.95
C VAL A 502 21.44 2.30 8.83
N ALA A 503 21.64 2.02 10.11
CA ALA A 503 20.57 1.66 11.07
C ALA A 503 19.62 2.83 11.29
N ALA A 504 20.13 4.07 11.18
CA ALA A 504 19.36 5.31 11.36
C ALA A 504 18.29 5.46 10.28
N PHE A 505 18.41 4.74 9.15
CA PHE A 505 17.48 4.84 7.99
C PHE A 505 16.55 3.64 7.91
N MET A 506 16.61 2.68 8.85
CA MET A 506 15.74 1.48 8.88
C MET A 506 14.50 1.77 9.74
N PRO A 507 13.41 0.98 9.63
CA PRO A 507 12.14 1.35 10.27
C PRO A 507 12.18 1.54 11.79
N ALA A 508 12.94 0.70 12.50
CA ALA A 508 13.22 0.84 13.94
C ALA A 508 14.74 0.75 14.16
N MET A 509 15.24 1.48 15.15
CA MET A 509 16.69 1.59 15.46
C MET A 509 16.91 1.23 16.93
N GLN A 510 17.75 0.24 17.19
CA GLN A 510 18.01 -0.27 18.56
C GLN A 510 19.51 -0.23 18.83
N PHE A 511 19.92 0.57 19.82
CA PHE A 511 21.26 0.52 20.46
C PHE A 511 21.24 -0.49 21.60
N SER A 512 22.38 -1.13 21.86
CA SER A 512 22.66 -1.82 23.14
C SER A 512 24.01 -1.33 23.65
N ILE A 513 25.11 -1.72 22.99
CA ILE A 513 26.44 -1.11 23.24
C ILE A 513 26.34 0.35 22.82
N PRO A 514 26.44 1.31 23.76
CA PRO A 514 26.10 2.70 23.48
C PRO A 514 27.24 3.50 22.85
N PRO A 515 26.93 4.63 22.18
CA PRO A 515 27.96 5.47 21.57
C PRO A 515 29.10 5.90 22.51
N TRP A 516 28.78 6.18 23.78
CA TRP A 516 29.75 6.70 24.80
C TRP A 516 30.67 5.58 25.30
N ARG A 517 30.50 4.35 24.82
CA ARG A 517 31.49 3.26 25.02
C ARG A 517 32.77 3.60 24.23
N TYR A 518 32.65 4.42 23.18
CA TYR A 518 33.76 4.70 22.22
C TYR A 518 34.47 6.02 22.58
N ASP A 519 33.97 7.15 22.08
CA ASP A 519 34.60 8.50 22.26
C ASP A 519 33.59 9.58 21.88
N ALA A 520 33.93 10.85 22.14
CA ALA A 520 33.05 12.02 21.98
C ALA A 520 32.60 12.17 20.51
N GLU A 521 33.46 11.78 19.55
CA GLU A 521 33.15 11.91 18.11
C GLU A 521 32.07 10.87 17.73
N VAL A 522 32.23 9.62 18.18
CA VAL A 522 31.21 8.56 17.97
C VAL A 522 29.87 9.03 18.56
N VAL A 523 29.89 9.61 19.76
CA VAL A 523 28.68 10.18 20.44
C VAL A 523 28.08 11.27 19.54
N ALA A 524 28.91 12.21 19.09
CA ALA A 524 28.51 13.33 18.20
C ALA A 524 27.89 12.78 16.91
N ILE A 525 28.50 11.77 16.29
CA ILE A 525 27.97 11.14 15.04
C ILE A 525 26.59 10.54 15.34
N ALA A 526 26.43 9.85 16.47
CA ALA A 526 25.16 9.21 16.87
C ALA A 526 24.08 10.29 17.07
N GLN A 527 24.42 11.40 17.74
CA GLN A 527 23.50 12.54 17.99
C GLN A 527 23.05 13.14 16.65
N LYS A 528 23.98 13.26 15.69
CA LYS A 528 23.72 13.78 14.32
C LYS A 528 22.71 12.85 13.62
N PHE A 529 22.93 11.54 13.67
CA PHE A 529 22.10 10.55 12.95
C PHE A 529 20.74 10.39 13.66
N ALA A 530 20.69 10.58 14.98
CA ALA A 530 19.42 10.64 15.75
C ALA A 530 18.59 11.83 15.27
N ALA A 531 19.21 13.01 15.16
CA ALA A 531 18.54 14.26 14.72
C ALA A 531 18.07 14.11 13.27
N LEU A 532 18.93 13.57 12.39
CA LEU A 532 18.61 13.34 10.96
C LEU A 532 17.45 12.34 10.83
N ARG A 533 17.51 11.22 11.57
CA ARG A 533 16.43 10.21 11.65
C ARG A 533 15.11 10.91 12.01
N ALA A 534 15.12 11.73 13.06
CA ALA A 534 13.93 12.43 13.61
C ALA A 534 13.31 13.39 12.58
N SER A 535 14.12 14.15 11.83
CA SER A 535 13.63 15.26 10.95
C SER A 535 13.39 14.77 9.50
N LEU A 536 14.22 13.88 8.97
CA LEU A 536 14.12 13.39 7.56
C LEU A 536 13.41 12.02 7.50
N VAL A 537 13.89 11.03 8.25
CA VAL A 537 13.52 9.58 8.05
C VAL A 537 12.16 9.30 8.71
N ALA A 538 11.98 9.68 9.98
CA ALA A 538 10.82 9.30 10.83
C ALA A 538 9.49 9.77 10.21
N PRO A 539 9.35 11.04 9.77
CA PRO A 539 8.09 11.48 9.16
C PRO A 539 7.69 10.60 7.96
N LEU A 540 8.68 10.16 7.17
CA LEU A 540 8.45 9.33 5.96
C LEU A 540 8.10 7.89 6.36
N LEU A 541 8.79 7.32 7.36
CA LEU A 541 8.49 5.98 7.92
C LEU A 541 7.03 5.92 8.39
N LEU A 542 6.55 6.95 9.10
CA LEU A 542 5.18 7.01 9.66
C LEU A 542 4.14 7.12 8.54
N GLU A 543 4.41 7.92 7.50
CA GLU A 543 3.52 8.05 6.33
C GLU A 543 3.39 6.68 5.65
N LEU A 544 4.52 6.01 5.41
CA LEU A 544 4.60 4.72 4.67
C LEU A 544 3.95 3.60 5.52
N ALA A 545 4.12 3.65 6.84
CA ALA A 545 3.52 2.72 7.82
C ALA A 545 1.98 2.82 7.74
N GLY A 546 1.44 4.04 7.74
CA GLY A 546 -0.01 4.29 7.60
C GLY A 546 -0.53 3.85 6.25
N GLU A 547 0.34 3.78 5.25
CA GLU A 547 0.02 3.43 3.82
C GLU A 547 -0.07 1.90 3.68
N VAL A 548 0.69 1.16 4.49
CA VAL A 548 0.75 -0.34 4.48
C VAL A 548 -0.67 -0.89 4.52
N THR A 549 -1.48 -0.43 5.49
CA THR A 549 -2.87 -0.88 5.75
CA THR A 549 -2.87 -0.89 5.74
C THR A 549 -3.66 -0.96 4.42
N ASP A 550 -3.43 -0.02 3.50
CA ASP A 550 -4.18 0.10 2.22
C ASP A 550 -3.46 -0.64 1.08
N THR A 551 -2.16 -0.37 0.89
CA THR A 551 -1.40 -0.81 -0.32
C THR A 551 -0.80 -2.21 -0.10
N GLY A 552 -0.43 -2.55 1.13
CA GLY A 552 0.32 -3.76 1.46
C GLY A 552 1.77 -3.69 0.98
N ASP A 553 2.25 -2.50 0.57
CA ASP A 553 3.64 -2.29 0.09
C ASP A 553 4.57 -2.18 1.29
N PRO A 554 5.81 -2.70 1.19
CA PRO A 554 6.78 -2.59 2.27
C PRO A 554 7.27 -1.14 2.47
N ILE A 555 7.96 -0.90 3.58
CA ILE A 555 8.59 0.42 3.88
C ILE A 555 9.96 0.48 3.23
N VAL A 556 10.82 -0.50 3.52
CA VAL A 556 12.16 -0.65 2.90
C VAL A 556 11.99 -1.40 1.57
N ARG A 557 12.36 -0.74 0.46
CA ARG A 557 12.13 -1.21 -0.93
C ARG A 557 13.47 -1.38 -1.62
N PRO A 558 13.64 -2.39 -2.51
CA PRO A 558 14.84 -2.50 -3.34
C PRO A 558 14.83 -1.44 -4.46
N LEU A 559 16.00 -1.11 -5.02
CA LEU A 559 16.11 -0.10 -6.10
C LEU A 559 15.20 -0.47 -7.27
N TRP A 560 15.03 -1.78 -7.53
CA TRP A 560 14.24 -2.28 -8.70
C TRP A 560 12.74 -2.02 -8.50
N TRP A 561 12.31 -1.69 -7.28
CA TRP A 561 10.90 -1.32 -6.99
C TRP A 561 10.43 -0.24 -7.97
N ILE A 562 11.22 0.83 -8.13
CA ILE A 562 10.86 2.02 -8.97
C ILE A 562 11.45 1.86 -10.38
N ALA A 563 12.48 1.01 -10.55
CA ALA A 563 13.17 0.77 -11.84
C ALA A 563 13.12 -0.72 -12.18
N PRO A 564 11.93 -1.31 -12.41
CA PRO A 564 11.80 -2.76 -12.54
C PRO A 564 12.46 -3.35 -13.80
N GLY A 565 12.68 -2.54 -14.84
CA GLY A 565 13.35 -2.99 -16.08
C GLY A 565 14.85 -2.77 -16.06
N ASP A 566 15.45 -2.48 -14.90
CA ASP A 566 16.86 -2.02 -14.77
C ASP A 566 17.72 -3.14 -14.18
N GLU A 567 18.63 -3.71 -14.98
CA GLU A 567 19.46 -4.90 -14.63
C GLU A 567 20.40 -4.55 -13.46
N THR A 568 20.88 -3.31 -13.37
CA THR A 568 21.78 -2.84 -12.28
C THR A 568 20.98 -2.78 -10.96
N ALA A 569 19.75 -2.24 -11.01
CA ALA A 569 18.83 -2.16 -9.87
C ALA A 569 18.49 -3.58 -9.36
N HIS A 570 18.43 -4.56 -10.26
CA HIS A 570 18.14 -5.99 -9.95
C HIS A 570 19.26 -6.56 -9.06
N ARG A 571 20.51 -6.13 -9.28
CA ARG A 571 21.74 -6.76 -8.69
C ARG A 571 22.16 -6.10 -7.37
N ILE A 572 21.84 -4.81 -7.15
CA ILE A 572 22.47 -3.98 -6.08
C ILE A 572 22.02 -4.46 -4.70
N ASP A 573 22.99 -4.69 -3.79
CA ASP A 573 22.75 -5.14 -2.38
C ASP A 573 23.27 -4.12 -1.37
N SER A 574 23.83 -3.00 -1.84
CA SER A 574 24.53 -1.96 -1.03
C SER A 574 23.69 -0.67 -1.00
N GLN A 575 22.52 -0.66 -1.62
CA GLN A 575 21.57 0.49 -1.62
C GLN A 575 20.15 -0.03 -1.40
N PHE A 576 19.28 0.84 -0.89
CA PHE A 576 17.84 0.59 -0.68
C PHE A 576 17.06 1.90 -0.73
N LEU A 577 15.74 1.78 -0.82
CA LEU A 577 14.76 2.89 -0.80
C LEU A 577 13.97 2.83 0.51
N ILE A 578 13.64 3.99 1.07
CA ILE A 578 12.52 4.18 2.03
C ILE A 578 11.37 4.78 1.22
N GLY A 579 10.28 4.04 1.03
CA GLY A 579 9.24 4.36 0.05
C GLY A 579 9.82 4.41 -1.35
N ASP A 580 9.34 5.34 -2.18
CA ASP A 580 9.83 5.55 -3.57
C ASP A 580 10.75 6.77 -3.62
N THR A 581 10.84 7.58 -2.53
CA THR A 581 11.35 8.98 -2.59
C THR A 581 12.65 9.18 -1.80
N LEU A 582 13.10 8.23 -0.98
CA LEU A 582 14.39 8.36 -0.23
C LEU A 582 15.33 7.21 -0.61
N LEU A 583 16.41 7.51 -1.31
CA LEU A 583 17.44 6.53 -1.76
C LEU A 583 18.66 6.63 -0.85
N VAL A 584 19.09 5.51 -0.28
CA VAL A 584 20.18 5.44 0.76
C VAL A 584 21.33 4.57 0.20
N ALA A 585 22.56 5.06 0.31
CA ALA A 585 23.79 4.41 -0.20
C ALA A 585 24.88 4.51 0.86
N PRO A 586 24.85 3.65 1.89
CA PRO A 586 25.83 3.71 2.98
C PRO A 586 27.19 3.13 2.55
N VAL A 587 28.26 3.57 3.21
CA VAL A 587 29.60 2.91 3.12
C VAL A 587 29.55 1.67 4.00
N LEU A 588 29.96 0.52 3.44
CA LEU A 588 29.84 -0.81 4.09
C LEU A 588 31.20 -1.51 4.10
N GLU A 589 32.30 -0.74 3.95
CA GLU A 589 33.68 -1.27 3.91
C GLU A 589 34.58 -0.42 4.80
N PRO A 590 35.56 -1.03 5.50
CA PRO A 590 36.51 -0.28 6.31
C PRO A 590 37.50 0.51 5.42
N GLY A 591 37.93 1.69 5.89
CA GLY A 591 38.96 2.54 5.27
C GLY A 591 38.51 3.14 3.95
N LYS A 592 37.23 3.53 3.85
CA LYS A 592 36.64 4.11 2.62
C LYS A 592 35.94 5.44 2.95
N GLN A 593 36.29 6.50 2.22
CA GLN A 593 35.66 7.85 2.34
C GLN A 593 34.91 8.16 1.05
N GLU A 594 34.66 7.14 0.22
CA GLU A 594 33.87 7.26 -1.03
C GLU A 594 33.34 5.88 -1.42
N ARG A 595 32.24 5.84 -2.17
CA ARG A 595 31.71 4.62 -2.83
C ARG A 595 31.07 5.01 -4.16
N ASP A 596 30.84 4.02 -5.04
CA ASP A 596 30.00 4.16 -6.25
C ASP A 596 28.54 4.15 -5.80
N VAL A 597 27.74 5.07 -6.34
CA VAL A 597 26.28 5.18 -6.07
C VAL A 597 25.53 5.11 -7.40
N TYR A 598 24.59 4.17 -7.54
CA TYR A 598 23.70 4.07 -8.71
C TYR A 598 22.39 4.82 -8.44
N LEU A 599 22.04 5.76 -9.31
CA LEU A 599 20.72 6.43 -9.30
C LEU A 599 19.92 5.86 -10.47
N PRO A 600 18.73 5.26 -10.21
CA PRO A 600 17.84 4.85 -11.29
C PRO A 600 17.12 6.06 -11.92
N ALA A 601 16.25 5.83 -12.91
CA ALA A 601 15.46 6.88 -13.60
C ALA A 601 14.80 7.83 -12.59
N GLY A 602 14.50 9.05 -13.02
CA GLY A 602 13.94 10.12 -12.18
C GLY A 602 15.02 11.08 -11.71
N LYS A 603 14.61 12.19 -11.10
CA LYS A 603 15.50 13.27 -10.62
C LYS A 603 15.72 13.10 -9.11
N TRP A 604 16.97 13.23 -8.67
CA TRP A 604 17.41 13.02 -7.25
C TRP A 604 18.17 14.26 -6.75
N ARG A 605 17.77 14.77 -5.58
CA ARG A 605 18.50 15.82 -4.82
C ARG A 605 19.34 15.13 -3.73
N SER A 606 20.67 15.29 -3.78
CA SER A 606 21.60 14.70 -2.80
C SER A 606 21.48 15.46 -1.47
N TYR A 607 22.07 14.90 -0.42
CA TYR A 607 22.04 15.45 0.96
C TYR A 607 22.81 16.77 0.99
N LYS A 608 23.71 16.99 0.04
CA LYS A 608 24.54 18.23 -0.08
C LYS A 608 23.84 19.27 -0.98
N GLY A 609 22.73 18.91 -1.63
CA GLY A 609 21.89 19.82 -2.43
C GLY A 609 22.03 19.61 -3.94
N GLU A 610 22.92 18.71 -4.38
CA GLU A 610 23.23 18.46 -5.82
C GLU A 610 21.97 17.90 -6.49
N LEU A 611 21.54 18.47 -7.62
CA LEU A 611 20.45 17.93 -8.47
C LEU A 611 21.04 17.00 -9.54
N PHE A 612 20.75 15.70 -9.46
CA PHE A 612 21.09 14.69 -10.49
C PHE A 612 19.84 14.41 -11.34
N ASP A 613 19.81 14.91 -12.58
CA ASP A 613 18.61 14.80 -13.46
C ASP A 613 18.95 14.09 -14.77
N LYS A 614 20.17 13.53 -14.90
CA LYS A 614 20.58 12.74 -16.09
C LYS A 614 20.76 11.29 -15.63
N THR A 615 19.67 10.54 -15.61
CA THR A 615 19.56 9.20 -14.96
C THR A 615 18.86 8.24 -15.91
N PRO A 616 19.10 6.91 -15.79
CA PRO A 616 19.94 6.33 -14.74
C PRO A 616 21.43 6.67 -14.95
N VAL A 617 22.21 6.69 -13.87
CA VAL A 617 23.67 7.01 -13.91
C VAL A 617 24.38 6.35 -12.72
N LEU A 618 25.62 5.92 -12.92
CA LEU A 618 26.57 5.52 -11.85
C LEU A 618 27.38 6.77 -11.46
N LEU A 619 27.24 7.22 -10.21
CA LEU A 619 28.15 8.22 -9.59
C LEU A 619 29.40 7.48 -9.10
N THR A 620 30.54 7.65 -9.77
CA THR A 620 31.82 6.96 -9.40
C THR A 620 32.55 7.74 -8.31
N ASP A 621 33.06 7.04 -7.30
CA ASP A 621 33.88 7.61 -6.19
C ASP A 621 33.14 8.79 -5.57
N TYR A 622 31.87 8.60 -5.22
CA TYR A 622 31.03 9.65 -4.59
C TYR A 622 31.50 9.83 -3.15
N PRO A 623 31.95 11.04 -2.75
CA PRO A 623 32.51 11.25 -1.42
C PRO A 623 31.49 10.99 -0.31
N VAL A 624 31.89 10.19 0.68
CA VAL A 624 31.13 9.89 1.94
C VAL A 624 32.17 9.74 3.06
N ASP A 625 32.39 10.78 3.85
CA ASP A 625 33.35 10.75 4.98
C ASP A 625 32.80 9.81 6.08
N LEU A 626 33.64 9.52 7.08
CA LEU A 626 33.34 8.55 8.17
C LEU A 626 32.03 8.93 8.86
N ASP A 627 31.74 10.23 9.00
CA ASP A 627 30.58 10.75 9.77
C ASP A 627 29.39 11.03 8.83
N GLU A 628 29.37 10.44 7.63
CA GLU A 628 28.33 10.71 6.61
C GLU A 628 27.72 9.42 6.06
N ILE A 629 26.52 9.52 5.51
CA ILE A 629 25.86 8.53 4.63
C ILE A 629 25.38 9.27 3.37
N ALA A 630 25.51 8.66 2.20
CA ALA A 630 24.96 9.19 0.93
C ALA A 630 23.46 8.87 0.89
N TYR A 631 22.61 9.90 0.84
CA TYR A 631 21.16 9.77 0.59
C TYR A 631 20.73 10.82 -0.42
N PHE A 632 19.64 10.52 -1.12
CA PHE A 632 19.06 11.33 -2.22
C PHE A 632 17.54 11.30 -2.06
N THR A 633 16.89 12.43 -2.34
CA THR A 633 15.41 12.61 -2.25
C THR A 633 14.87 12.87 -3.65
N TRP A 634 13.71 12.29 -3.98
CA TRP A 634 12.96 12.52 -5.25
C TRP A 634 12.73 14.02 -5.47
N ALA A 635 12.80 14.50 -6.71
CA ALA A 635 12.65 15.94 -7.06
C ALA A 635 11.68 16.10 -8.23
N LEU B 10 -7.38 48.12 -70.50
CA LEU B 10 -8.57 49.02 -70.38
C LEU B 10 -8.15 50.38 -69.78
N ARG B 11 -8.55 51.48 -70.44
CA ARG B 11 -8.17 52.88 -70.08
C ARG B 11 -9.40 53.61 -69.52
N ALA B 12 -9.37 54.02 -68.25
CA ALA B 12 -10.42 54.78 -67.53
C ALA B 12 -9.90 56.19 -67.23
N GLU B 13 -10.19 57.14 -68.12
CA GLU B 13 -9.56 58.50 -68.20
C GLU B 13 -8.06 58.31 -68.52
N LEU B 14 -7.17 58.61 -67.56
CA LEU B 14 -5.69 58.52 -67.73
C LEU B 14 -5.15 57.36 -66.89
N LEU B 15 -6.01 56.39 -66.57
CA LEU B 15 -5.67 55.15 -65.81
C LEU B 15 -5.60 53.97 -66.78
N ASP B 16 -4.48 53.25 -66.81
CA ASP B 16 -4.29 51.99 -67.58
C ASP B 16 -4.48 50.80 -66.63
N LEU B 17 -5.56 50.03 -66.81
CA LEU B 17 -5.86 48.80 -66.03
C LEU B 17 -5.35 47.58 -66.81
N LYS B 18 -4.45 46.80 -66.21
CA LYS B 18 -4.02 45.45 -66.66
C LYS B 18 -4.50 44.42 -65.64
N ALA B 19 -4.28 43.13 -65.92
CA ALA B 19 -4.71 42.00 -65.05
C ALA B 19 -4.01 42.10 -63.68
N GLY B 20 -2.74 42.49 -63.67
CA GLY B 20 -1.85 42.42 -62.48
C GLY B 20 -1.72 43.73 -61.74
N GLY B 21 -2.40 44.79 -62.18
CA GLY B 21 -2.37 46.12 -61.52
C GLY B 21 -2.76 47.24 -62.47
N PHE B 22 -2.65 48.51 -62.01
CA PHE B 22 -2.95 49.71 -62.83
C PHE B 22 -1.90 50.80 -62.58
N SER B 23 -1.84 51.75 -63.52
CA SER B 23 -1.02 52.98 -63.44
C SER B 23 -1.89 54.17 -63.85
N ILE B 24 -1.59 55.37 -63.33
CA ILE B 24 -2.33 56.62 -63.64
C ILE B 24 -1.32 57.67 -64.13
N ARG B 25 -1.70 58.46 -65.13
CA ARG B 25 -0.90 59.60 -65.66
C ARG B 25 -1.67 60.91 -65.37
N ASN B 26 -0.94 62.03 -65.28
CA ASN B 26 -1.52 63.39 -65.27
C ASN B 26 -1.64 63.85 -66.73
N GLN B 27 -2.17 65.06 -66.96
CA GLN B 27 -2.42 65.60 -68.31
C GLN B 27 -1.10 65.90 -69.03
N LYS B 28 0.00 66.11 -68.29
CA LYS B 28 1.37 66.31 -68.85
C LYS B 28 1.92 64.98 -69.38
N GLY B 29 1.33 63.85 -68.97
CA GLY B 29 1.69 62.51 -69.47
C GLY B 29 2.67 61.78 -68.56
N GLU B 30 2.97 62.33 -67.37
CA GLU B 30 3.85 61.69 -66.36
C GLU B 30 3.08 60.57 -65.65
N GLN B 31 3.77 59.47 -65.30
CA GLN B 31 3.23 58.40 -64.44
C GLN B 31 3.32 58.84 -62.98
N VAL B 32 2.18 59.11 -62.33
CA VAL B 32 2.11 59.71 -60.96
C VAL B 32 1.60 58.67 -59.95
N PHE B 33 1.17 57.49 -60.40
CA PHE B 33 0.67 56.39 -59.53
C PHE B 33 0.82 55.05 -60.26
N ARG B 34 1.36 54.05 -59.55
CA ARG B 34 1.49 52.66 -60.04
C ARG B 34 1.16 51.69 -58.90
N LEU B 35 0.31 50.70 -59.16
CA LEU B 35 -0.17 49.75 -58.12
C LEU B 35 -0.30 48.34 -58.71
N ALA B 36 0.20 47.34 -57.99
CA ALA B 36 0.12 45.90 -58.33
C ALA B 36 -0.90 45.22 -57.40
N PHE B 37 -1.72 44.33 -57.97
CA PHE B 37 -2.59 43.39 -57.20
C PHE B 37 -1.71 42.24 -56.71
N ARG B 38 -1.77 41.92 -55.42
CA ARG B 38 -0.84 40.94 -54.77
C ARG B 38 -1.61 39.80 -54.07
N SER B 39 -2.94 39.85 -54.02
CA SER B 39 -3.81 38.76 -53.50
C SER B 39 -4.56 38.08 -54.65
N GLY B 40 -4.15 38.36 -55.90
CA GLY B 40 -4.77 37.80 -57.11
C GLY B 40 -4.62 38.72 -58.30
N ALA B 41 -5.18 38.33 -59.44
CA ALA B 41 -5.21 39.10 -60.71
C ALA B 41 -6.65 39.20 -61.20
N LEU B 42 -6.96 40.24 -61.98
CA LEU B 42 -8.28 40.42 -62.65
C LEU B 42 -8.32 39.54 -63.90
N ASP B 43 -9.51 39.00 -64.21
CA ASP B 43 -9.88 38.50 -65.57
C ASP B 43 -10.49 39.69 -66.32
N LEU B 44 -9.75 40.26 -67.27
CA LEU B 44 -10.12 41.50 -67.99
C LEU B 44 -11.40 41.28 -68.82
N ASP B 45 -11.67 40.03 -69.23
CA ASP B 45 -12.89 39.64 -70.00
C ASP B 45 -14.15 39.77 -69.13
N SER B 46 -14.00 39.89 -67.80
CA SER B 46 -15.12 40.06 -66.84
C SER B 46 -15.37 41.55 -66.54
N CYS B 47 -14.59 42.46 -67.15
CA CYS B 47 -14.66 43.92 -66.90
C CYS B 47 -15.52 44.60 -67.98
N SER B 48 -16.48 45.43 -67.57
CA SER B 48 -17.33 46.27 -68.45
C SER B 48 -17.32 47.72 -67.96
N ARG B 49 -17.59 48.66 -68.86
CA ARG B 49 -17.61 50.12 -68.59
C ARG B 49 -19.04 50.65 -68.80
N ASP B 50 -19.58 51.34 -67.79
CA ASP B 50 -20.83 52.15 -67.88
C ASP B 50 -20.51 53.58 -67.42
N GLY B 51 -20.30 54.50 -68.37
CA GLY B 51 -19.92 55.89 -68.09
C GLY B 51 -18.55 55.96 -67.42
N ALA B 52 -18.49 56.51 -66.20
CA ALA B 52 -17.24 56.70 -65.43
C ALA B 52 -16.90 55.43 -64.63
N LEU B 53 -17.81 54.46 -64.56
CA LEU B 53 -17.67 53.23 -63.73
C LEU B 53 -17.07 52.10 -64.56
N LEU B 54 -16.01 51.48 -64.05
CA LEU B 54 -15.37 50.25 -64.62
C LEU B 54 -15.44 49.14 -63.57
N GLY B 55 -16.34 48.17 -63.74
CA GLY B 55 -16.55 47.04 -62.82
C GLY B 55 -16.05 45.73 -63.41
N CYS B 56 -15.53 44.83 -62.56
CA CYS B 56 -15.07 43.46 -62.93
C CYS B 56 -15.64 42.45 -61.92
N SER B 57 -16.10 41.28 -62.41
CA SER B 57 -16.91 40.30 -61.64
C SER B 57 -16.09 39.07 -61.23
N LEU B 58 -15.01 38.71 -61.95
CA LEU B 58 -14.19 37.51 -61.61
C LEU B 58 -12.68 37.84 -61.64
N THR B 59 -11.91 37.09 -60.84
CA THR B 59 -10.41 37.08 -60.82
C THR B 59 -9.91 36.15 -61.93
N ALA B 60 -8.59 36.13 -62.18
CA ALA B 60 -7.94 35.31 -63.23
C ALA B 60 -8.08 33.81 -62.90
N ASP B 61 -8.11 33.47 -61.61
CA ASP B 61 -8.30 32.07 -61.11
C ASP B 61 -9.79 31.67 -61.22
N GLY B 62 -10.68 32.64 -61.41
CA GLY B 62 -12.12 32.42 -61.68
C GLY B 62 -12.99 32.54 -60.43
N LEU B 63 -12.51 33.22 -59.39
CA LEU B 63 -13.28 33.46 -58.13
C LEU B 63 -14.16 34.70 -58.31
N PRO B 64 -15.40 34.71 -57.74
CA PRO B 64 -16.26 35.89 -57.81
C PRO B 64 -15.69 37.07 -57.02
N LEU B 65 -15.89 38.29 -57.54
CA LEU B 65 -15.19 39.53 -57.09
C LEU B 65 -16.11 40.73 -57.31
N HIS B 66 -16.22 41.62 -56.32
CA HIS B 66 -16.75 43.00 -56.48
C HIS B 66 -15.56 43.95 -56.58
N PHE B 67 -15.09 44.20 -57.80
CA PHE B 67 -14.03 45.18 -58.13
C PHE B 67 -14.63 46.29 -58.99
N PHE B 68 -14.28 47.55 -58.72
CA PHE B 68 -14.60 48.68 -59.63
C PHE B 68 -13.56 49.81 -59.49
N ILE B 69 -13.42 50.57 -60.57
CA ILE B 69 -12.74 51.90 -60.61
C ILE B 69 -13.75 52.92 -61.14
N GLN B 70 -14.13 53.91 -60.33
CA GLN B 70 -15.01 55.03 -60.74
C GLN B 70 -14.17 56.30 -60.85
N THR B 71 -14.22 56.95 -62.01
CA THR B 71 -13.63 58.28 -62.32
C THR B 71 -14.56 59.38 -61.82
N VAL B 72 -14.01 60.33 -61.06
CA VAL B 72 -14.75 61.52 -60.51
C VAL B 72 -13.88 62.75 -60.77
N ARG B 73 -14.52 63.81 -61.29
CA ARG B 73 -13.90 65.11 -61.61
C ARG B 73 -14.51 66.14 -60.66
N PRO B 74 -13.99 66.29 -59.42
CA PRO B 74 -14.58 67.20 -58.44
C PRO B 74 -14.33 68.69 -58.74
N LYS B 75 -13.19 69.00 -59.34
CA LYS B 75 -12.75 70.37 -59.75
C LYS B 75 -12.14 70.28 -61.16
N ASP B 76 -11.92 71.43 -61.79
CA ASP B 76 -11.32 71.57 -63.14
C ASP B 76 -9.92 70.95 -63.16
N THR B 77 -9.16 71.04 -62.07
CA THR B 77 -7.71 70.71 -62.02
C THR B 77 -7.47 69.41 -61.22
N VAL B 78 -8.53 68.72 -60.81
CA VAL B 78 -8.42 67.48 -59.99
C VAL B 78 -9.20 66.34 -60.69
N MET B 79 -8.52 65.21 -60.93
CA MET B 79 -9.15 63.93 -61.34
C MET B 79 -8.93 62.90 -60.23
N CYS B 80 -10.00 62.28 -59.74
CA CYS B 80 -9.97 61.25 -58.68
C CYS B 80 -10.41 59.90 -59.25
N TYR B 81 -9.87 58.83 -58.68
CA TYR B 81 -10.15 57.41 -59.04
C TYR B 81 -10.55 56.67 -57.76
N ARG B 82 -11.82 56.32 -57.61
CA ARG B 82 -12.34 55.47 -56.51
C ARG B 82 -12.10 54.01 -56.90
N VAL B 83 -11.39 53.25 -56.05
CA VAL B 83 -11.01 51.83 -56.31
C VAL B 83 -11.56 50.96 -55.17
N ARG B 84 -12.15 49.82 -55.51
CA ARG B 84 -12.65 48.81 -54.53
C ARG B 84 -12.25 47.41 -55.02
N TRP B 85 -11.65 46.62 -54.14
CA TRP B 85 -11.42 45.16 -54.30
C TRP B 85 -12.04 44.44 -53.10
N GLU B 86 -13.17 43.75 -53.32
CA GLU B 86 -13.93 43.02 -52.27
C GLU B 86 -14.14 41.57 -52.72
N GLU B 87 -13.54 40.61 -51.99
CA GLU B 87 -13.49 39.17 -52.35
C GLU B 87 -14.87 38.54 -52.20
N GLY B 91 -13.66 34.75 -46.77
CA GLY B 91 -12.58 35.17 -45.85
C GLY B 91 -11.18 34.99 -46.43
N ARG B 92 -10.83 35.74 -47.48
CA ARG B 92 -9.47 35.78 -48.10
C ARG B 92 -8.93 37.23 -48.05
N ALA B 93 -7.73 37.43 -47.51
CA ALA B 93 -7.07 38.75 -47.34
C ALA B 93 -6.84 39.40 -48.71
N VAL B 94 -7.02 40.73 -48.78
CA VAL B 94 -6.73 41.57 -49.98
C VAL B 94 -5.42 42.34 -49.72
N GLU B 95 -4.49 42.30 -50.68
CA GLU B 95 -3.25 43.12 -50.66
C GLU B 95 -3.01 43.76 -52.03
N HIS B 96 -2.87 45.08 -52.04
CA HIS B 96 -2.33 45.88 -53.18
C HIS B 96 -0.98 46.49 -52.75
N ALA B 97 0.03 46.41 -53.63
CA ALA B 97 1.35 47.05 -53.45
C ALA B 97 1.37 48.39 -54.21
N MET B 98 1.41 49.51 -53.49
CA MET B 98 1.53 50.88 -54.05
C MET B 98 3.01 51.22 -54.23
N PHE B 99 3.45 51.40 -55.48
CA PHE B 99 4.84 51.75 -55.84
C PHE B 99 5.05 53.27 -55.64
N LEU B 100 6.12 53.65 -54.95
CA LEU B 100 6.50 55.07 -54.73
C LEU B 100 7.13 55.64 -56.01
N GLY B 101 7.84 54.79 -56.77
CA GLY B 101 8.38 55.13 -58.10
C GLY B 101 9.87 55.43 -58.06
N ASP B 102 10.35 56.24 -59.01
CA ASP B 102 11.78 56.59 -59.18
C ASP B 102 12.19 57.62 -58.12
N ALA B 103 13.49 57.94 -58.08
CA ALA B 103 14.16 58.78 -57.04
C ALA B 103 13.55 60.19 -57.01
N ALA B 104 12.98 60.67 -58.11
CA ALA B 104 12.40 62.03 -58.24
C ALA B 104 11.01 62.11 -57.57
N ALA B 105 10.37 60.97 -57.30
CA ALA B 105 9.06 60.89 -56.61
C ALA B 105 9.31 60.76 -55.10
N HIS B 106 8.76 61.69 -54.32
CA HIS B 106 8.93 61.79 -52.84
C HIS B 106 7.54 61.80 -52.21
N TRP B 107 7.37 61.07 -51.09
CA TRP B 107 6.05 60.85 -50.46
C TRP B 107 6.04 61.32 -49.00
N TYR B 108 4.87 61.78 -48.53
CA TYR B 108 4.64 62.39 -47.21
C TYR B 108 3.34 61.84 -46.62
N GLY B 109 3.19 61.93 -45.30
CA GLY B 109 1.95 61.57 -44.57
C GLY B 109 2.11 60.28 -43.77
N GLY B 110 1.07 59.44 -43.76
CA GLY B 110 1.03 58.20 -42.97
C GLY B 110 1.05 58.48 -41.48
N ALA B 111 1.95 57.84 -40.74
CA ALA B 111 1.97 57.82 -39.26
C ALA B 111 3.25 58.47 -38.71
N GLU B 112 3.16 59.07 -37.52
CA GLU B 112 4.32 59.30 -36.64
C GLU B 112 5.02 57.95 -36.45
N MET B 113 6.36 57.93 -36.54
CA MET B 113 7.18 56.69 -36.41
C MET B 113 8.37 56.97 -35.49
N ARG B 114 9.02 55.92 -35.01
CA ARG B 114 10.22 56.02 -34.13
C ARG B 114 11.36 56.66 -34.92
N THR B 115 11.69 56.10 -36.08
CA THR B 115 12.69 56.65 -37.05
C THR B 115 11.94 57.44 -38.11
N GLN B 116 11.81 58.75 -37.93
CA GLN B 116 10.98 59.63 -38.80
C GLN B 116 11.87 60.31 -39.86
N HIS B 117 11.77 59.85 -41.11
CA HIS B 117 12.42 60.45 -42.29
C HIS B 117 11.42 61.35 -43.01
N TRP B 118 11.92 62.36 -43.73
CA TRP B 118 11.13 63.26 -44.60
C TRP B 118 11.99 63.54 -45.82
N PRO B 119 11.59 63.13 -47.05
CA PRO B 119 10.35 62.39 -47.28
C PRO B 119 10.39 60.96 -46.70
N ILE B 120 9.26 60.25 -46.78
CA ILE B 120 9.10 58.87 -46.23
C ILE B 120 10.17 57.96 -46.81
N ARG B 121 10.91 57.27 -45.94
CA ARG B 121 11.89 56.22 -46.32
C ARG B 121 11.73 55.06 -45.32
N LEU B 122 11.34 53.89 -45.80
CA LEU B 122 11.17 52.67 -44.96
C LEU B 122 12.19 51.62 -45.42
N ASP B 123 13.06 51.19 -44.51
CA ASP B 123 14.20 50.28 -44.80
C ASP B 123 13.73 48.83 -44.60
N GLY B 124 14.33 47.90 -45.33
CA GLY B 124 14.12 46.45 -45.19
C GLY B 124 12.71 46.03 -45.60
N GLN B 125 12.19 44.99 -44.93
CA GLN B 125 10.91 44.30 -45.27
C GLN B 125 10.01 44.29 -44.03
N GLN B 126 8.74 44.65 -44.18
CA GLN B 126 7.72 44.58 -43.10
C GLN B 126 6.44 43.96 -43.70
N GLU B 127 6.03 42.81 -43.17
CA GLU B 127 4.72 42.18 -43.49
C GLU B 127 3.63 43.11 -42.96
N PRO B 128 2.51 43.30 -43.69
CA PRO B 128 1.46 44.22 -43.24
C PRO B 128 1.03 43.92 -41.79
N GLN B 129 1.04 44.93 -40.93
CA GLN B 129 0.58 44.83 -39.52
C GLN B 129 -0.50 45.88 -39.30
N PRO B 130 -1.38 45.72 -38.29
CA PRO B 130 -2.52 46.63 -38.11
C PRO B 130 -2.08 48.10 -38.10
N PHE B 131 -2.68 48.92 -38.96
CA PHE B 131 -2.46 50.40 -39.01
C PHE B 131 -3.34 51.04 -37.93
N VAL B 132 -2.86 50.97 -36.70
CA VAL B 132 -3.57 51.40 -35.45
C VAL B 132 -2.62 52.24 -34.60
N THR B 133 -3.15 53.10 -33.74
CA THR B 133 -2.38 53.94 -32.78
C THR B 133 -1.57 53.03 -31.85
N SER B 134 -0.25 53.05 -31.96
CA SER B 134 0.68 52.31 -31.06
C SER B 134 1.71 53.27 -30.45
N ASP B 135 2.29 52.89 -29.31
CA ASP B 135 3.42 53.57 -28.64
C ASP B 135 4.71 53.09 -29.32
N VAL B 136 5.32 53.90 -30.18
CA VAL B 136 6.46 53.47 -31.02
C VAL B 136 7.78 53.78 -30.31
N TYR B 137 7.74 54.26 -29.07
CA TYR B 137 8.96 54.66 -28.32
C TYR B 137 10.02 53.55 -28.37
N SER B 138 9.62 52.27 -28.27
CA SER B 138 10.54 51.09 -28.24
C SER B 138 10.48 50.25 -29.54
N SER B 139 9.75 50.67 -30.59
CA SER B 139 9.42 49.82 -31.77
C SER B 139 9.49 50.59 -33.11
N ASP B 140 10.32 50.10 -34.05
CA ASP B 140 10.61 50.72 -35.38
C ASP B 140 9.65 50.16 -36.46
N ALA B 141 8.94 49.08 -36.18
CA ALA B 141 7.89 48.49 -37.05
C ALA B 141 6.58 49.28 -36.90
N ALA B 142 6.18 49.55 -35.66
CA ALA B 142 4.83 50.02 -35.27
C ALA B 142 4.53 51.41 -35.87
N PHE B 143 3.25 51.77 -35.84
CA PHE B 143 2.71 53.08 -36.29
C PHE B 143 2.30 53.87 -35.05
N GLY B 144 2.66 55.15 -35.00
CA GLY B 144 2.60 55.99 -33.78
C GLY B 144 1.20 56.45 -33.45
N GLY B 145 1.09 57.31 -32.44
CA GLY B 145 -0.18 57.76 -31.84
C GLY B 145 -0.98 58.67 -32.75
N ILE B 146 -0.30 59.44 -33.61
CA ILE B 146 -0.95 60.33 -34.61
C ILE B 146 -0.71 59.74 -35.99
N LEU B 147 -1.78 59.38 -36.70
CA LEU B 147 -1.68 58.76 -38.04
C LEU B 147 -2.99 58.99 -38.80
N GLU B 148 -2.89 58.76 -40.10
CA GLU B 148 -4.01 58.86 -41.06
C GLU B 148 -3.65 57.98 -42.25
N ARG B 149 -4.64 57.38 -42.91
CA ARG B 149 -4.42 56.47 -44.05
C ARG B 149 -4.30 57.32 -45.30
N TYR B 150 -3.32 58.23 -45.31
CA TYR B 150 -3.17 59.32 -46.31
C TYR B 150 -1.70 59.44 -46.71
N TRP B 151 -1.43 59.33 -48.01
CA TRP B 151 -0.07 59.47 -48.60
C TRP B 151 -0.12 60.44 -49.78
N LEU B 152 0.82 61.38 -49.81
CA LEU B 152 0.92 62.49 -50.80
C LEU B 152 2.24 62.36 -51.56
N SER B 153 2.19 62.49 -52.89
CA SER B 153 3.36 62.44 -53.79
C SER B 153 3.76 63.86 -54.21
N SER B 154 5.07 64.12 -54.33
CA SER B 154 5.68 65.35 -54.89
C SER B 154 5.28 65.53 -56.37
N ARG B 155 4.76 64.47 -57.02
CA ARG B 155 4.28 64.50 -58.43
C ARG B 155 2.79 64.90 -58.49
N ALA B 156 2.23 65.38 -57.38
CA ALA B 156 0.84 65.93 -57.29
C ALA B 156 -0.20 64.81 -57.44
N ALA B 157 0.06 63.65 -56.82
CA ALA B 157 -0.93 62.57 -56.62
C ALA B 157 -1.02 62.24 -55.13
N ALA B 158 -2.19 61.81 -54.68
CA ALA B 158 -2.46 61.46 -53.27
C ALA B 158 -3.43 60.26 -53.20
N ILE B 159 -3.32 59.47 -52.13
CA ILE B 159 -4.25 58.33 -51.86
C ILE B 159 -4.80 58.48 -50.45
N LYS B 160 -6.12 58.39 -50.31
CA LYS B 160 -6.84 58.22 -49.02
C LYS B 160 -7.45 56.81 -49.00
N VAL B 161 -6.99 55.95 -48.09
CA VAL B 161 -7.59 54.60 -47.88
C VAL B 161 -8.90 54.78 -47.10
N ASN B 162 -9.97 54.15 -47.57
CA ASN B 162 -11.36 54.26 -47.03
C ASN B 162 -11.34 53.92 -45.53
N ASP B 163 -12.13 54.62 -44.72
CA ASP B 163 -12.25 54.39 -43.25
C ASP B 163 -12.83 53.00 -42.98
N SER B 164 -13.59 52.44 -43.93
CA SER B 164 -14.27 51.12 -43.83
C SER B 164 -13.23 49.99 -43.72
N VAL B 165 -12.02 50.18 -44.26
CA VAL B 165 -11.05 49.07 -44.49
C VAL B 165 -10.52 48.59 -43.14
N PRO B 166 -10.49 47.25 -42.89
CA PRO B 166 -9.71 46.69 -41.80
C PRO B 166 -8.23 46.73 -42.23
N PHE B 167 -7.63 47.93 -42.12
CA PHE B 167 -6.41 48.34 -42.86
C PHE B 167 -5.17 47.91 -42.10
N HIS B 168 -4.29 47.18 -42.78
CA HIS B 168 -2.95 46.76 -42.33
C HIS B 168 -1.92 47.29 -43.33
N LEU B 169 -0.77 47.78 -42.84
CA LEU B 169 0.29 48.38 -43.69
C LEU B 169 1.61 47.65 -43.46
N GLY B 170 2.26 47.27 -44.56
CA GLY B 170 3.66 46.83 -44.62
C GLY B 170 4.42 47.64 -45.65
N TRP B 171 5.63 47.22 -45.99
CA TRP B 171 6.46 47.88 -47.04
C TRP B 171 7.53 46.92 -47.54
N ASN B 172 8.11 47.22 -48.70
CA ASN B 172 9.12 46.41 -49.40
C ASN B 172 10.11 47.37 -50.05
N SER B 173 11.30 47.55 -49.47
CA SER B 173 12.31 48.54 -49.89
C SER B 173 12.92 48.15 -51.24
N THR B 174 12.99 46.86 -51.55
CA THR B 174 13.56 46.33 -52.82
C THR B 174 12.83 46.93 -54.02
N GLU B 175 11.50 47.01 -53.97
CA GLU B 175 10.64 47.56 -55.05
C GLU B 175 10.04 48.90 -54.61
N ARG B 176 10.46 49.41 -53.45
CA ARG B 176 10.02 50.71 -52.86
C ARG B 176 8.50 50.81 -52.92
N SER B 177 7.81 49.85 -52.28
CA SER B 177 6.33 49.74 -52.27
C SER B 177 5.81 49.84 -50.84
N LEU B 178 4.61 50.42 -50.68
CA LEU B 178 3.75 50.25 -49.49
C LEU B 178 2.83 49.05 -49.75
N ARG B 179 2.74 48.14 -48.79
CA ARG B 179 1.84 46.95 -48.87
C ARG B 179 0.53 47.29 -48.14
N LEU B 180 -0.52 47.59 -48.93
CA LEU B 180 -1.88 47.94 -48.42
C LEU B 180 -2.68 46.64 -48.31
N GLN B 181 -3.10 46.26 -47.10
CA GLN B 181 -3.79 44.97 -46.85
C GLN B 181 -5.10 45.20 -46.10
N ALA B 182 -6.14 44.46 -46.51
CA ALA B 182 -7.41 44.26 -45.75
C ALA B 182 -7.46 42.79 -45.31
N ARG B 183 -7.61 42.53 -44.01
CA ARG B 183 -7.72 41.17 -43.43
C ARG B 183 -8.47 41.22 -42.09
N TYR B 184 -9.11 40.11 -41.73
CA TYR B 184 -9.88 39.95 -40.46
C TYR B 184 -9.24 38.88 -39.57
N HIS B 185 -8.24 38.14 -40.07
CA HIS B 185 -7.50 37.11 -39.28
C HIS B 185 -6.31 37.75 -38.56
N ASP B 186 -6.14 37.46 -37.27
CA ASP B 186 -4.99 37.92 -36.44
C ASP B 186 -4.90 39.46 -36.54
N THR B 187 -5.87 40.15 -35.94
N THR B 187 -5.85 40.15 -35.92
CA THR B 187 -6.01 41.63 -35.98
CA THR B 187 -6.02 41.62 -35.98
C THR B 187 -6.97 42.09 -34.89
C THR B 187 -6.97 42.09 -34.89
N PRO B 188 -6.83 43.33 -34.36
CA PRO B 188 -7.83 43.90 -33.46
C PRO B 188 -9.04 44.55 -34.17
N TYR B 189 -9.13 44.47 -35.51
CA TYR B 189 -10.28 44.91 -36.32
C TYR B 189 -11.38 43.85 -36.24
N LYS B 190 -12.62 44.26 -35.92
CA LYS B 190 -13.84 43.42 -36.00
C LYS B 190 -14.66 43.89 -37.21
N PRO B 191 -15.45 43.02 -37.87
CA PRO B 191 -16.45 43.46 -38.82
C PRO B 191 -17.62 44.13 -38.10
N PRO B 192 -18.45 44.94 -38.78
CA PRO B 192 -19.74 45.35 -38.23
C PRO B 192 -20.75 44.18 -38.35
N ALA B 198 -15.51 39.15 -44.46
CA ALA B 198 -15.52 39.58 -45.88
C ALA B 198 -14.56 40.76 -46.09
N PRO B 199 -13.23 40.51 -46.26
CA PRO B 199 -12.26 41.58 -46.41
C PRO B 199 -12.48 42.42 -47.67
N GLU B 200 -12.05 43.69 -47.60
CA GLU B 200 -12.45 44.80 -48.49
C GLU B 200 -11.36 45.88 -48.43
N LEU B 201 -10.63 46.07 -49.53
CA LEU B 201 -9.65 47.18 -49.68
C LEU B 201 -10.22 48.19 -50.69
N SER B 202 -10.53 49.40 -50.20
CA SER B 202 -11.04 50.53 -51.02
C SER B 202 -10.25 51.80 -50.68
N TYR B 203 -10.15 52.71 -51.65
CA TYR B 203 -9.35 53.95 -51.54
C TYR B 203 -9.69 54.90 -52.68
N ARG B 204 -9.33 56.17 -52.52
CA ARG B 204 -9.46 57.21 -53.58
C ARG B 204 -8.06 57.75 -53.88
N VAL B 205 -7.65 57.67 -55.15
CA VAL B 205 -6.42 58.31 -55.69
C VAL B 205 -6.85 59.57 -56.44
N CYS B 206 -6.40 60.74 -56.01
CA CYS B 206 -6.64 62.04 -56.69
C CYS B 206 -5.33 62.58 -57.29
N VAL B 207 -5.41 63.16 -58.48
CA VAL B 207 -4.26 63.72 -59.25
C VAL B 207 -4.56 65.21 -59.49
N GLY B 208 -3.62 66.08 -59.12
CA GLY B 208 -3.73 67.55 -59.28
C GLY B 208 -2.61 68.13 -60.13
N SER B 209 -2.54 69.46 -60.20
CA SER B 209 -1.56 70.23 -61.00
C SER B 209 -0.23 70.38 -60.26
N ASP B 210 -0.25 70.45 -58.92
CA ASP B 210 0.98 70.54 -58.08
C ASP B 210 0.70 69.94 -56.69
N VAL B 211 1.77 69.57 -55.97
CA VAL B 211 1.73 68.84 -54.67
C VAL B 211 0.94 69.64 -53.63
N THR B 212 1.03 70.97 -53.61
CA THR B 212 0.35 71.81 -52.58
C THR B 212 -1.17 71.86 -52.85
N SER B 213 -1.58 72.07 -54.11
CA SER B 213 -3.00 72.12 -54.55
C SER B 213 -3.71 70.81 -54.19
N ILE B 214 -3.14 69.68 -54.58
CA ILE B 214 -3.78 68.34 -54.39
C ILE B 214 -3.85 68.03 -52.90
N HIS B 215 -2.80 68.33 -52.14
CA HIS B 215 -2.76 68.18 -50.66
C HIS B 215 -3.93 68.98 -50.03
N LYS B 216 -4.09 70.24 -50.42
CA LYS B 216 -5.15 71.13 -49.88
C LYS B 216 -6.51 70.53 -50.19
N TYR B 217 -6.70 70.00 -51.41
CA TYR B 217 -7.97 69.34 -51.82
C TYR B 217 -8.26 68.15 -50.89
N MET B 218 -7.26 67.29 -50.67
CA MET B 218 -7.40 66.04 -49.87
C MET B 218 -7.68 66.39 -48.42
N VAL B 219 -6.96 67.37 -47.86
CA VAL B 219 -7.10 67.83 -46.44
C VAL B 219 -8.50 68.40 -46.22
N ARG B 220 -8.99 69.26 -47.13
CA ARG B 220 -10.32 69.91 -47.01
C ARG B 220 -11.42 68.85 -47.12
N ARG B 221 -11.18 67.79 -47.90
CA ARG B 221 -12.17 66.72 -48.15
C ARG B 221 -12.29 65.82 -46.90
N TYR B 222 -11.18 65.40 -46.31
CA TYR B 222 -11.11 64.26 -45.35
C TYR B 222 -10.93 64.72 -43.90
N PHE B 223 -10.18 65.78 -43.63
CA PHE B 223 -9.83 66.18 -42.24
C PHE B 223 -10.66 67.40 -41.82
N ASN B 224 -11.19 67.34 -40.61
CA ASN B 224 -11.86 68.49 -39.93
C ASN B 224 -10.78 69.44 -39.42
N LYS B 225 -11.13 70.72 -39.29
CA LYS B 225 -10.25 71.77 -38.74
C LYS B 225 -10.62 71.97 -37.27
N PRO B 226 -9.66 72.34 -36.39
CA PRO B 226 -10.00 72.83 -35.07
C PRO B 226 -10.67 74.20 -35.27
N SER B 227 -11.72 74.48 -34.51
CA SER B 227 -12.52 75.73 -34.61
C SER B 227 -12.09 76.71 -33.51
N ARG B 228 -11.16 76.30 -32.64
CA ARG B 228 -10.66 77.14 -31.53
C ARG B 228 -9.14 77.16 -31.52
N VAL B 229 -8.57 78.15 -30.82
CA VAL B 229 -7.10 78.29 -30.61
C VAL B 229 -6.83 78.12 -29.12
N PRO B 230 -5.77 77.34 -28.75
CA PRO B 230 -5.34 77.25 -27.37
C PRO B 230 -4.93 78.63 -26.80
N ALA B 231 -4.64 78.67 -25.49
CA ALA B 231 -4.18 79.87 -24.76
C ALA B 231 -3.03 80.54 -25.54
N PRO B 232 -3.10 81.86 -25.82
CA PRO B 232 -2.04 82.51 -26.60
C PRO B 232 -0.62 82.40 -25.99
N GLU B 233 -0.53 82.33 -24.66
CA GLU B 233 0.76 82.26 -23.91
C GLU B 233 1.49 80.97 -24.26
N ALA B 234 0.76 79.90 -24.62
CA ALA B 234 1.32 78.58 -24.98
C ALA B 234 2.10 78.67 -26.31
N PHE B 235 1.84 79.69 -27.13
CA PHE B 235 2.53 79.96 -28.41
C PHE B 235 3.69 80.96 -28.21
N ARG B 236 3.91 81.42 -26.97
CA ARG B 236 4.94 82.46 -26.66
C ARG B 236 5.89 81.95 -25.58
N ASP B 237 5.40 81.79 -24.36
CA ASP B 237 6.23 81.52 -23.16
C ASP B 237 6.55 80.02 -23.12
N PRO B 238 7.75 79.64 -22.63
CA PRO B 238 8.09 78.22 -22.50
C PRO B 238 7.16 77.50 -21.53
N ILE B 239 6.89 76.22 -21.80
CA ILE B 239 6.21 75.28 -20.86
C ILE B 239 7.31 74.57 -20.05
N TRP B 240 7.06 74.33 -18.77
CA TRP B 240 8.03 73.69 -17.84
C TRP B 240 7.44 72.40 -17.29
N SER B 241 8.03 71.25 -17.64
CA SER B 241 7.63 69.90 -17.18
C SER B 241 8.61 69.36 -16.15
N THR B 242 8.11 68.68 -15.12
CA THR B 242 8.91 68.06 -14.03
C THR B 242 9.53 66.73 -14.50
N TRP B 243 9.14 66.20 -15.66
CA TRP B 243 9.36 64.76 -16.00
C TRP B 243 10.84 64.45 -16.20
N ALA B 244 11.50 65.02 -17.21
CA ALA B 244 12.91 64.70 -17.55
C ALA B 244 13.82 65.13 -16.39
N LEU B 245 13.47 66.22 -15.71
CA LEU B 245 14.26 66.83 -14.60
C LEU B 245 14.28 65.91 -13.38
N TYR B 246 13.10 65.58 -12.84
CA TYR B 246 12.90 64.91 -11.53
C TYR B 246 12.51 63.43 -11.69
N GLY B 247 11.77 63.08 -12.75
CA GLY B 247 11.21 61.72 -12.93
C GLY B 247 10.11 61.43 -11.93
N ARG B 248 9.91 60.15 -11.59
CA ARG B 248 8.83 59.68 -10.68
C ARG B 248 8.96 60.35 -9.29
N ALA B 249 10.20 60.61 -8.85
CA ALA B 249 10.54 61.07 -7.47
C ALA B 249 10.12 62.54 -7.25
N VAL B 250 9.43 63.18 -8.20
CA VAL B 250 8.88 64.56 -8.06
C VAL B 250 8.14 64.66 -6.72
N ASP B 251 8.29 65.79 -6.02
CA ASP B 251 7.57 66.06 -4.73
C ASP B 251 7.27 67.56 -4.64
N GLN B 252 6.66 67.97 -3.52
CA GLN B 252 6.17 69.35 -3.26
C GLN B 252 7.36 70.33 -3.26
N ASP B 253 8.45 69.97 -2.57
CA ASP B 253 9.68 70.80 -2.44
C ASP B 253 10.27 71.05 -3.83
N LYS B 254 10.40 69.98 -4.63
CA LYS B 254 11.04 70.00 -5.96
C LYS B 254 10.23 70.88 -6.92
N VAL B 255 8.91 70.78 -6.87
CA VAL B 255 7.98 71.60 -7.72
C VAL B 255 8.22 73.07 -7.40
N LEU B 256 8.26 73.42 -6.11
CA LEU B 256 8.40 74.84 -5.65
C LEU B 256 9.81 75.36 -5.95
N ARG B 257 10.85 74.53 -5.77
CA ARG B 257 12.27 74.86 -6.09
C ARG B 257 12.42 75.10 -7.59
N PHE B 258 11.78 74.26 -8.41
CA PHE B 258 11.73 74.39 -9.90
C PHE B 258 11.09 75.74 -10.27
N ALA B 259 9.91 76.03 -9.71
CA ALA B 259 9.14 77.27 -9.96
C ALA B 259 9.99 78.49 -9.61
N GLN B 260 10.61 78.49 -8.42
CA GLN B 260 11.52 79.57 -7.94
C GLN B 260 12.65 79.77 -8.97
N GLN B 261 13.35 78.70 -9.35
CA GLN B 261 14.55 78.73 -10.23
C GLN B 261 14.17 79.28 -11.61
N ILE B 262 12.97 78.98 -12.11
CA ILE B 262 12.43 79.52 -13.40
C ILE B 262 12.37 81.06 -13.29
N ARG B 263 11.90 81.58 -12.15
N ARG B 263 11.90 81.58 -12.15
CA ARG B 263 11.72 83.05 -11.92
CA ARG B 263 11.72 83.04 -11.92
C ARG B 263 13.09 83.72 -11.75
C ARG B 263 13.09 83.72 -11.75
N LEU B 264 14.01 83.11 -10.99
CA LEU B 264 15.34 83.69 -10.66
C LEU B 264 16.20 83.79 -11.93
N HIS B 265 15.99 82.92 -12.91
CA HIS B 265 16.70 82.92 -14.22
C HIS B 265 15.91 83.73 -15.26
N HIS B 266 14.85 84.43 -14.84
CA HIS B 266 14.13 85.48 -15.62
C HIS B 266 13.46 84.88 -16.87
N PHE B 267 12.80 83.73 -16.72
CA PHE B 267 11.99 83.08 -17.77
C PHE B 267 10.51 83.26 -17.46
N ASN B 268 9.72 83.60 -18.47
CA ASN B 268 8.24 83.49 -18.45
C ASN B 268 7.87 82.00 -18.47
N SER B 269 6.61 81.69 -18.16
CA SER B 269 6.04 80.32 -18.25
C SER B 269 4.60 80.40 -18.73
N SER B 270 4.25 79.63 -19.77
CA SER B 270 2.84 79.38 -20.15
C SER B 270 2.16 78.72 -18.94
N HIS B 271 2.81 77.68 -18.41
CA HIS B 271 2.33 76.89 -17.24
C HIS B 271 3.42 75.91 -16.81
N LEU B 272 3.32 75.42 -15.58
CA LEU B 272 4.17 74.34 -15.02
C LEU B 272 3.34 73.05 -15.05
N GLU B 273 3.88 72.00 -15.69
CA GLU B 273 3.21 70.67 -15.81
C GLU B 273 3.83 69.70 -14.81
N ILE B 274 3.06 69.35 -13.77
CA ILE B 274 3.48 68.37 -12.72
C ILE B 274 3.17 66.97 -13.26
N ASP B 275 4.22 66.15 -13.43
CA ASP B 275 4.14 64.84 -14.14
C ASP B 275 4.12 63.69 -13.13
N ASP B 276 4.13 62.46 -13.64
CA ASP B 276 4.35 61.19 -12.91
C ASP B 276 5.48 61.39 -11.89
N MET B 277 5.31 61.04 -10.60
CA MET B 277 4.10 60.52 -9.97
C MET B 277 3.73 61.46 -8.80
N TYR B 278 2.49 61.94 -8.76
CA TYR B 278 1.97 62.82 -7.66
C TYR B 278 0.82 62.14 -6.91
N THR B 279 0.41 60.92 -7.31
CA THR B 279 -0.69 60.14 -6.67
C THR B 279 -0.09 59.00 -5.85
N PRO B 280 -0.81 58.47 -4.84
CA PRO B 280 -0.34 57.30 -4.08
C PRO B 280 -0.24 56.03 -4.91
N ALA B 281 -1.17 55.86 -5.87
CA ALA B 281 -1.23 54.73 -6.82
C ALA B 281 -1.86 55.22 -8.14
N TYR B 282 -1.56 54.55 -9.24
CA TYR B 282 -2.06 54.91 -10.60
C TYR B 282 -3.53 54.49 -10.70
N GLY B 283 -4.42 55.47 -10.90
CA GLY B 283 -5.88 55.32 -10.80
C GLY B 283 -6.48 56.24 -9.76
N ASP B 284 -5.75 56.52 -8.67
CA ASP B 284 -6.08 57.59 -7.69
C ASP B 284 -5.88 58.94 -8.39
N PHE B 285 -6.71 59.94 -8.07
CA PHE B 285 -6.70 61.26 -8.74
C PHE B 285 -6.11 62.33 -7.80
N ASP B 286 -6.33 62.22 -6.50
CA ASP B 286 -5.83 63.21 -5.50
C ASP B 286 -4.38 62.90 -5.13
N PHE B 287 -3.72 63.84 -4.47
CA PHE B 287 -2.24 63.89 -4.26
C PHE B 287 -1.84 62.94 -3.13
N ASP B 288 -0.69 62.27 -3.32
CA ASP B 288 0.06 61.52 -2.27
C ASP B 288 0.43 62.49 -1.14
N GLU B 289 -0.18 62.32 0.05
CA GLU B 289 -0.02 63.26 1.19
C GLU B 289 1.41 63.21 1.75
N VAL B 290 2.19 62.17 1.45
CA VAL B 290 3.62 62.05 1.88
C VAL B 290 4.47 63.02 1.05
N LYS B 291 4.46 62.87 -0.28
CA LYS B 291 5.29 63.68 -1.21
C LYS B 291 4.69 65.09 -1.37
N PHE B 292 3.40 65.28 -1.07
CA PHE B 292 2.69 66.59 -1.16
C PHE B 292 1.91 66.84 0.12
N PRO B 293 2.60 67.12 1.26
CA PRO B 293 1.94 67.32 2.54
C PRO B 293 0.82 68.38 2.53
N ASN B 294 1.02 69.49 1.80
CA ASN B 294 0.02 70.59 1.71
C ASN B 294 -0.08 71.04 0.26
N ALA B 295 -0.77 70.26 -0.56
CA ALA B 295 -1.00 70.53 -2.00
C ALA B 295 -1.66 71.91 -2.17
N SER B 296 -2.70 72.21 -1.39
CA SER B 296 -3.45 73.50 -1.42
C SER B 296 -2.47 74.67 -1.34
N ASP B 297 -1.54 74.62 -0.38
CA ASP B 297 -0.50 75.65 -0.13
C ASP B 297 0.46 75.72 -1.32
N MET B 298 0.89 74.57 -1.84
CA MET B 298 1.78 74.47 -3.04
C MET B 298 1.14 75.25 -4.20
N PHE B 299 -0.14 75.02 -4.48
CA PHE B 299 -0.88 75.65 -5.60
C PHE B 299 -1.11 77.14 -5.31
N ARG B 300 -1.33 77.51 -4.05
CA ARG B 300 -1.50 78.92 -3.61
C ARG B 300 -0.19 79.69 -3.91
N ARG B 301 0.96 79.09 -3.57
CA ARG B 301 2.32 79.68 -3.77
C ARG B 301 2.60 79.80 -5.27
N LEU B 302 2.28 78.77 -6.06
CA LEU B 302 2.47 78.75 -7.53
C LEU B 302 1.61 79.85 -8.18
N ARG B 303 0.36 80.00 -7.73
CA ARG B 303 -0.59 81.05 -8.23
C ARG B 303 -0.01 82.44 -7.92
N ASP B 304 0.46 82.67 -6.69
CA ASP B 304 1.07 83.96 -6.22
C ASP B 304 2.32 84.28 -7.02
N ALA B 305 3.08 83.26 -7.47
CA ALA B 305 4.34 83.43 -8.24
C ALA B 305 4.05 83.51 -9.75
N GLY B 306 2.77 83.50 -10.15
CA GLY B 306 2.33 83.72 -11.55
C GLY B 306 2.47 82.48 -12.42
N PHE B 307 2.17 81.30 -11.86
CA PHE B 307 2.21 80.00 -12.57
C PHE B 307 0.79 79.44 -12.70
N ARG B 308 0.32 79.28 -13.94
CA ARG B 308 -0.75 78.32 -14.29
C ARG B 308 -0.15 76.91 -14.17
N VAL B 309 -0.96 75.91 -13.82
CA VAL B 309 -0.48 74.51 -13.58
C VAL B 309 -1.36 73.53 -14.37
N THR B 310 -0.71 72.55 -15.01
CA THR B 310 -1.37 71.36 -15.63
C THR B 310 -0.88 70.09 -14.90
N LEU B 311 -1.69 69.04 -14.93
CA LEU B 311 -1.41 67.73 -14.26
C LEU B 311 -1.42 66.59 -15.29
N TRP B 312 -0.43 65.72 -15.20
CA TRP B 312 -0.31 64.45 -15.96
C TRP B 312 -1.43 63.49 -15.53
N VAL B 313 -2.26 63.07 -16.48
CA VAL B 313 -3.32 62.05 -16.30
C VAL B 313 -3.17 61.01 -17.41
N HIS B 314 -3.88 59.89 -17.25
CA HIS B 314 -3.77 58.66 -18.09
C HIS B 314 -5.06 57.86 -17.94
N PRO B 315 -5.34 56.91 -18.86
CA PRO B 315 -6.61 56.19 -18.85
C PRO B 315 -6.62 54.89 -18.01
N PHE B 316 -5.57 54.63 -17.22
CA PHE B 316 -5.35 53.35 -16.51
C PHE B 316 -5.77 53.46 -15.05
N VAL B 317 -6.28 52.34 -14.51
CA VAL B 317 -6.47 52.13 -13.04
C VAL B 317 -5.79 50.81 -12.68
N ASN B 318 -4.65 50.88 -12.00
CA ASN B 318 -3.84 49.69 -11.58
C ASN B 318 -4.64 48.91 -10.54
N TYR B 319 -4.28 47.64 -10.34
CA TYR B 319 -5.01 46.68 -9.46
C TYR B 319 -4.89 47.12 -7.99
N ASN B 320 -3.79 47.80 -7.61
CA ASN B 320 -3.57 48.27 -6.21
C ASN B 320 -4.02 49.73 -6.05
N SER B 321 -4.73 50.30 -7.03
CA SER B 321 -5.43 51.60 -6.88
C SER B 321 -6.68 51.42 -6.03
N SER B 322 -6.97 52.37 -5.13
CA SER B 322 -8.19 52.40 -4.29
C SER B 322 -9.44 52.60 -5.17
N ARG B 323 -9.25 52.84 -6.46
CA ARG B 323 -10.34 53.11 -7.45
C ARG B 323 -10.58 51.89 -8.35
N PHE B 324 -9.72 50.86 -8.30
CA PHE B 324 -9.82 49.63 -9.15
C PHE B 324 -11.15 48.93 -8.85
N GLY B 325 -11.43 48.67 -7.57
CA GLY B 325 -12.69 48.03 -7.11
C GLY B 325 -13.89 48.77 -7.64
N GLU B 326 -13.90 50.10 -7.53
CA GLU B 326 -15.02 50.98 -7.98
C GLU B 326 -15.26 50.78 -9.48
N GLY B 327 -14.19 50.77 -10.27
CA GLY B 327 -14.25 50.58 -11.74
C GLY B 327 -14.84 49.23 -12.12
N VAL B 328 -14.43 48.15 -11.42
CA VAL B 328 -14.92 46.76 -11.68
C VAL B 328 -16.42 46.72 -11.43
N GLU B 329 -16.86 47.21 -10.26
CA GLU B 329 -18.27 47.12 -9.77
C GLU B 329 -19.19 47.98 -10.65
N ARG B 330 -18.70 49.10 -11.17
CA ARG B 330 -19.50 50.06 -11.97
C ARG B 330 -19.28 49.81 -13.47
N GLU B 331 -18.40 48.86 -13.81
CA GLU B 331 -18.14 48.35 -15.19
C GLU B 331 -17.71 49.50 -16.11
N LEU B 332 -16.71 50.27 -15.68
CA LEU B 332 -16.19 51.48 -16.36
C LEU B 332 -15.02 51.11 -17.28
N PHE B 333 -14.59 49.85 -17.29
CA PHE B 333 -13.35 49.38 -17.94
C PHE B 333 -13.66 48.72 -19.30
N VAL B 334 -12.64 48.72 -20.16
CA VAL B 334 -12.60 47.90 -21.40
C VAL B 334 -12.70 46.44 -20.99
N ARG B 335 -13.55 45.65 -21.67
CA ARG B 335 -13.91 44.28 -21.24
C ARG B 335 -13.15 43.25 -22.10
N GLU B 336 -13.09 42.00 -21.61
CA GLU B 336 -12.65 40.83 -22.43
C GLU B 336 -13.74 40.59 -23.48
N PRO B 337 -13.48 39.76 -24.50
CA PRO B 337 -14.39 39.62 -25.66
C PRO B 337 -15.88 39.36 -25.40
N THR B 338 -16.26 38.62 -24.35
CA THR B 338 -17.69 38.27 -24.06
C THR B 338 -18.42 39.49 -23.45
N GLY B 339 -17.70 40.55 -23.06
CA GLY B 339 -18.27 41.83 -22.62
C GLY B 339 -18.85 41.78 -21.21
N ARG B 340 -18.38 40.86 -20.36
CA ARG B 340 -18.92 40.65 -18.99
C ARG B 340 -17.95 41.21 -17.94
N LEU B 341 -16.63 41.03 -18.10
CA LEU B 341 -15.62 41.39 -17.07
C LEU B 341 -14.58 42.34 -17.65
N PRO B 342 -13.90 43.15 -16.81
CA PRO B 342 -12.74 43.93 -17.25
C PRO B 342 -11.61 43.02 -17.77
N ALA B 343 -10.85 43.53 -18.73
CA ALA B 343 -9.60 42.93 -19.25
C ALA B 343 -8.41 43.70 -18.67
N LEU B 344 -7.45 42.99 -18.07
CA LEU B 344 -6.19 43.57 -17.56
C LEU B 344 -5.31 44.00 -18.74
N VAL B 345 -4.55 45.08 -18.58
CA VAL B 345 -3.53 45.57 -19.56
C VAL B 345 -2.23 45.80 -18.80
N ARG B 346 -1.11 45.75 -19.50
CA ARG B 346 0.22 46.20 -18.99
C ARG B 346 0.59 47.49 -19.71
N TRP B 347 0.99 48.51 -18.94
CA TRP B 347 1.62 49.76 -19.45
C TRP B 347 2.94 49.97 -18.71
N TRP B 348 3.66 51.05 -19.00
CA TRP B 348 5.03 51.30 -18.49
C TRP B 348 5.01 51.45 -16.96
N ASN B 349 3.85 51.74 -16.35
CA ASN B 349 3.70 51.93 -14.87
C ASN B 349 2.91 50.76 -14.24
N GLY B 350 2.75 49.63 -14.92
CA GLY B 350 2.34 48.37 -14.28
C GLY B 350 1.11 47.71 -14.90
N ILE B 351 0.36 46.97 -14.08
CA ILE B 351 -0.81 46.12 -14.50
C ILE B 351 -2.08 46.68 -13.87
N GLY B 352 -3.12 46.83 -14.68
CA GLY B 352 -4.47 47.26 -14.23
C GLY B 352 -5.46 47.18 -15.36
N ALA B 353 -6.56 47.93 -15.25
CA ALA B 353 -7.60 48.06 -16.29
C ALA B 353 -7.39 49.40 -17.00
N VAL B 354 -8.12 49.59 -18.09
CA VAL B 354 -8.12 50.85 -18.89
C VAL B 354 -9.57 51.29 -19.05
N LEU B 355 -9.84 52.58 -18.84
CA LEU B 355 -11.21 53.15 -18.84
C LEU B 355 -11.78 53.06 -20.26
N ASP B 356 -13.07 52.75 -20.36
CA ASP B 356 -13.82 52.58 -21.64
C ASP B 356 -14.44 53.92 -22.00
N PHE B 357 -13.82 54.69 -22.90
CA PHE B 357 -14.26 56.05 -23.29
C PHE B 357 -15.40 55.97 -24.31
N THR B 358 -15.91 54.77 -24.63
CA THR B 358 -17.18 54.59 -25.38
C THR B 358 -18.36 54.59 -24.39
N HIS B 359 -18.07 54.42 -23.10
CA HIS B 359 -19.07 54.28 -22.00
C HIS B 359 -19.33 55.66 -21.38
N PRO B 360 -20.55 56.23 -21.55
CA PRO B 360 -20.88 57.53 -20.94
C PRO B 360 -20.54 57.62 -19.45
N LYS B 361 -20.72 56.52 -18.70
CA LYS B 361 -20.51 56.48 -17.22
C LYS B 361 -19.01 56.64 -16.93
N ALA B 362 -18.15 55.97 -17.70
CA ALA B 362 -16.67 56.01 -17.55
C ALA B 362 -16.15 57.40 -17.97
N ARG B 363 -16.77 58.01 -18.98
CA ARG B 363 -16.46 59.39 -19.44
C ARG B 363 -16.82 60.38 -18.33
N ASP B 364 -18.01 60.25 -17.74
N ASP B 364 -18.01 60.25 -17.72
CA ASP B 364 -18.49 61.15 -16.65
CA ASP B 364 -18.49 61.15 -16.65
C ASP B 364 -17.60 60.98 -15.41
C ASP B 364 -17.60 60.98 -15.41
N TRP B 365 -17.19 59.73 -15.12
CA TRP B 365 -16.34 59.37 -13.96
C TRP B 365 -14.97 60.07 -14.08
N PHE B 366 -14.32 59.93 -15.23
CA PHE B 366 -13.01 60.55 -15.56
C PHE B 366 -13.12 62.08 -15.45
N GLN B 367 -14.10 62.65 -16.17
CA GLN B 367 -14.38 64.12 -16.20
C GLN B 367 -14.61 64.64 -14.77
N GLY B 368 -15.41 63.92 -13.99
CA GLY B 368 -15.73 64.28 -12.58
C GLY B 368 -14.49 64.49 -11.75
N HIS B 369 -13.51 63.58 -11.86
CA HIS B 369 -12.21 63.66 -11.13
C HIS B 369 -11.38 64.85 -11.64
N LEU B 370 -11.41 65.13 -12.94
CA LEU B 370 -10.66 66.27 -13.56
C LEU B 370 -11.27 67.60 -13.08
N ARG B 371 -12.60 67.70 -13.06
CA ARG B 371 -13.35 68.90 -12.62
C ARG B 371 -13.09 69.14 -11.12
N ARG B 372 -12.93 68.06 -10.34
CA ARG B 372 -12.65 68.13 -8.88
C ARG B 372 -11.24 68.71 -8.67
N LEU B 373 -10.27 68.28 -9.47
CA LEU B 373 -8.86 68.77 -9.39
C LEU B 373 -8.80 70.26 -9.76
N ARG B 374 -9.61 70.72 -10.72
CA ARG B 374 -9.70 72.15 -11.11
C ARG B 374 -10.37 72.95 -10.00
N SER B 375 -11.53 72.47 -9.55
CA SER B 375 -12.36 73.10 -8.49
C SER B 375 -11.52 73.29 -7.21
N ARG B 376 -10.74 72.27 -6.82
CA ARG B 376 -10.03 72.22 -5.52
C ARG B 376 -8.71 72.99 -5.59
N TYR B 377 -7.92 72.81 -6.65
CA TYR B 377 -6.51 73.26 -6.74
C TYR B 377 -6.30 74.36 -7.81
N SER B 378 -7.34 74.76 -8.53
CA SER B 378 -7.30 75.77 -9.64
C SER B 378 -6.30 75.35 -10.73
N VAL B 379 -6.10 74.04 -10.90
CA VAL B 379 -5.39 73.43 -12.06
C VAL B 379 -6.10 73.91 -13.34
N ALA B 380 -5.34 74.33 -14.35
CA ALA B 380 -5.87 74.95 -15.59
C ALA B 380 -6.37 73.87 -16.55
N SER B 381 -5.56 72.82 -16.74
CA SER B 381 -5.80 71.73 -17.74
C SER B 381 -4.90 70.54 -17.42
N PHE B 382 -4.79 69.58 -18.34
CA PHE B 382 -4.15 68.27 -18.10
C PHE B 382 -3.30 67.85 -19.30
N LYS B 383 -2.20 67.15 -19.01
CA LYS B 383 -1.46 66.31 -19.96
C LYS B 383 -2.15 64.93 -20.00
N PHE B 384 -2.87 64.67 -21.09
CA PHE B 384 -3.58 63.40 -21.37
C PHE B 384 -2.61 62.42 -22.01
N ASP B 385 -1.94 61.60 -21.20
CA ASP B 385 -0.87 60.68 -21.65
C ASP B 385 -1.48 59.36 -22.12
N ALA B 386 -0.68 58.53 -22.80
CA ALA B 386 -1.10 57.27 -23.45
C ALA B 386 -2.19 57.59 -24.49
N GLY B 387 -3.14 56.66 -24.70
CA GLY B 387 -4.27 56.83 -25.63
C GLY B 387 -4.18 55.93 -26.84
N GLU B 388 -3.06 55.20 -26.98
CA GLU B 388 -2.80 54.24 -28.08
C GLU B 388 -3.54 52.93 -27.79
N VAL B 389 -4.03 52.25 -28.84
CA VAL B 389 -4.76 50.97 -28.73
C VAL B 389 -3.77 49.82 -28.54
N SER B 390 -2.46 50.08 -28.67
CA SER B 390 -1.42 49.08 -28.35
C SER B 390 -1.39 48.81 -26.82
N TYR B 391 -2.03 49.66 -26.00
CA TYR B 391 -2.19 49.47 -24.54
C TYR B 391 -3.55 48.84 -24.20
N LEU B 392 -4.37 48.52 -25.22
CA LEU B 392 -5.59 47.72 -25.05
C LEU B 392 -5.25 46.27 -25.35
N PRO B 393 -6.07 45.30 -24.88
CA PRO B 393 -5.83 43.88 -25.18
C PRO B 393 -5.96 43.60 -26.69
N ARG B 394 -5.34 42.53 -27.17
CA ARG B 394 -5.46 42.06 -28.58
C ARG B 394 -6.94 42.08 -28.99
N ASP B 395 -7.77 41.31 -28.28
CA ASP B 395 -9.24 41.20 -28.51
C ASP B 395 -9.97 41.67 -27.25
N PHE B 396 -10.91 42.60 -27.42
CA PHE B 396 -11.65 43.28 -26.32
C PHE B 396 -13.06 43.62 -26.79
N SER B 397 -13.93 44.01 -25.86
CA SER B 397 -15.26 44.60 -26.15
C SER B 397 -15.40 45.88 -25.34
N THR B 398 -16.29 46.77 -25.79
CA THR B 398 -16.53 48.09 -25.20
C THR B 398 -18.04 48.34 -25.18
N TYR B 399 -18.52 49.22 -24.30
CA TYR B 399 -19.94 49.59 -24.15
C TYR B 399 -20.58 49.76 -25.54
N ARG B 400 -19.98 50.60 -26.40
CA ARG B 400 -20.33 50.71 -27.85
C ARG B 400 -19.24 50.02 -28.66
N PRO B 401 -19.58 49.23 -29.69
CA PRO B 401 -18.60 48.49 -30.46
C PRO B 401 -17.67 49.39 -31.29
N LEU B 402 -16.40 49.00 -31.39
CA LEU B 402 -15.35 49.70 -32.18
C LEU B 402 -14.78 48.74 -33.21
N PRO B 403 -15.44 48.55 -34.37
CA PRO B 403 -14.90 47.72 -35.44
C PRO B 403 -13.51 48.22 -35.87
N ASP B 404 -13.34 49.55 -35.91
CA ASP B 404 -12.03 50.25 -36.03
C ASP B 404 -11.53 50.56 -34.62
N PRO B 405 -10.50 49.84 -34.10
CA PRO B 405 -10.11 49.99 -32.70
C PRO B 405 -9.52 51.36 -32.34
N SER B 406 -8.86 52.02 -33.30
CA SER B 406 -8.19 53.34 -33.12
C SER B 406 -9.20 54.45 -32.75
N VAL B 407 -10.49 54.22 -33.00
CA VAL B 407 -11.56 55.19 -32.63
C VAL B 407 -11.58 55.33 -31.10
N TRP B 408 -11.07 54.34 -30.36
CA TRP B 408 -10.87 54.44 -28.89
C TRP B 408 -9.95 55.63 -28.58
N SER B 409 -8.86 55.77 -29.33
CA SER B 409 -7.90 56.90 -29.21
C SER B 409 -8.66 58.23 -29.39
N ARG B 410 -9.44 58.36 -30.46
CA ARG B 410 -10.35 59.52 -30.70
C ARG B 410 -11.16 59.79 -29.42
N ARG B 411 -11.86 58.78 -28.90
CA ARG B 411 -12.81 58.92 -27.77
C ARG B 411 -12.07 59.40 -26.52
N TYR B 412 -10.84 58.94 -26.30
CA TYR B 412 -9.96 59.42 -25.20
C TYR B 412 -9.61 60.90 -25.42
N THR B 413 -9.27 61.30 -26.64
CA THR B 413 -8.85 62.71 -26.94
C THR B 413 -10.04 63.66 -26.74
N GLU B 414 -11.28 63.15 -26.76
CA GLU B 414 -12.50 63.97 -26.51
C GLU B 414 -12.52 64.43 -25.05
N MET B 415 -11.76 63.76 -24.17
CA MET B 415 -11.69 64.10 -22.73
C MET B 415 -10.97 65.45 -22.56
N ALA B 416 -10.18 65.89 -23.55
CA ALA B 416 -9.47 67.19 -23.54
C ALA B 416 -10.43 68.35 -23.82
N LEU B 417 -11.55 68.12 -24.50
CA LEU B 417 -12.41 69.19 -25.07
C LEU B 417 -12.78 70.24 -24.01
N PRO B 418 -13.23 69.87 -22.80
CA PRO B 418 -13.61 70.86 -21.79
C PRO B 418 -12.43 71.67 -21.22
N PHE B 419 -11.19 71.21 -21.44
CA PHE B 419 -9.95 71.84 -20.91
C PHE B 419 -8.95 72.12 -22.05
N PHE B 420 -9.45 72.27 -23.30
CA PHE B 420 -8.66 72.27 -24.55
C PHE B 420 -7.58 73.36 -24.51
N SER B 421 -7.88 74.47 -23.84
CA SER B 421 -7.13 75.74 -23.88
C SER B 421 -5.66 75.53 -23.48
N LEU B 422 -5.36 74.62 -22.56
CA LEU B 422 -3.99 74.31 -22.10
C LEU B 422 -3.76 72.79 -22.01
N ALA B 423 -4.51 72.01 -22.79
CA ALA B 423 -4.43 70.53 -22.81
C ALA B 423 -3.40 70.09 -23.84
N GLU B 424 -2.76 68.94 -23.60
CA GLU B 424 -2.04 68.18 -24.65
C GLU B 424 -2.51 66.73 -24.64
N VAL B 425 -2.54 66.13 -25.83
CA VAL B 425 -2.72 64.66 -26.06
C VAL B 425 -1.51 64.22 -26.91
N ARG B 426 -1.22 62.92 -26.95
CA ARG B 426 -0.09 62.39 -27.76
C ARG B 426 -0.62 61.40 -28.81
N VAL B 427 -1.94 61.36 -29.01
CA VAL B 427 -2.58 60.50 -30.04
C VAL B 427 -3.59 61.35 -30.81
N GLY B 428 -3.83 60.98 -32.06
CA GLY B 428 -4.78 61.64 -32.97
C GLY B 428 -5.27 60.64 -33.99
N TYR B 429 -6.57 60.37 -33.95
CA TYR B 429 -7.30 59.52 -34.93
C TYR B 429 -8.59 60.25 -35.24
N GLN B 430 -8.56 61.07 -36.30
CA GLN B 430 -9.64 62.03 -36.63
C GLN B 430 -9.87 62.93 -35.41
N SER B 431 -8.80 63.32 -34.71
CA SER B 431 -8.83 64.22 -33.52
C SER B 431 -8.55 65.68 -33.92
N GLN B 432 -8.49 65.99 -35.21
CA GLN B 432 -8.04 67.31 -35.74
C GLN B 432 -8.92 68.45 -35.20
N ASN B 433 -10.22 68.22 -35.00
CA ASN B 433 -11.19 69.28 -34.57
C ASN B 433 -11.18 69.42 -33.04
N ILE B 434 -10.31 68.68 -32.34
CA ILE B 434 -10.02 68.89 -30.89
C ILE B 434 -8.91 69.93 -30.81
N SER B 435 -9.23 71.14 -30.35
CA SER B 435 -8.42 72.38 -30.55
C SER B 435 -7.33 72.51 -29.49
N CYS B 436 -6.72 71.39 -29.08
CA CYS B 436 -5.66 71.35 -28.06
C CYS B 436 -4.31 71.10 -28.74
N PHE B 437 -3.24 70.97 -27.96
CA PHE B 437 -1.88 70.67 -28.45
C PHE B 437 -1.71 69.16 -28.61
N PHE B 438 -0.91 68.76 -29.60
CA PHE B 438 -0.58 67.36 -29.92
C PHE B 438 0.93 67.19 -29.74
N ARG B 439 1.32 66.35 -28.78
CA ARG B 439 2.74 66.14 -28.40
C ARG B 439 3.29 64.94 -29.19
N LEU B 440 4.47 65.10 -29.77
CA LEU B 440 5.28 63.98 -30.34
C LEU B 440 5.61 63.02 -29.19
N VAL B 441 5.60 61.71 -29.46
CA VAL B 441 5.97 60.71 -28.43
C VAL B 441 7.44 60.95 -28.06
N ASN B 442 7.76 60.67 -26.79
CA ASN B 442 9.08 60.85 -26.13
C ASN B 442 10.21 60.94 -27.16
N ARG B 443 10.88 62.10 -27.24
CA ARG B 443 12.15 62.27 -27.98
C ARG B 443 13.28 61.81 -27.07
N ASP B 444 14.26 61.08 -27.62
CA ASP B 444 15.49 60.69 -26.90
C ASP B 444 16.56 61.76 -27.07
N SER B 445 17.43 61.89 -26.09
CA SER B 445 18.57 62.85 -26.04
C SER B 445 19.70 62.34 -26.93
N VAL B 446 19.43 62.17 -28.23
CA VAL B 446 20.41 61.77 -29.28
C VAL B 446 20.22 62.70 -30.48
N TRP B 447 21.16 62.65 -31.43
CA TRP B 447 21.22 63.56 -32.61
C TRP B 447 20.33 63.06 -33.75
N GLY B 448 20.12 61.74 -33.84
CA GLY B 448 19.67 61.06 -35.07
C GLY B 448 18.16 61.12 -35.29
N TYR B 449 17.71 60.39 -36.32
CA TYR B 449 16.30 60.33 -36.77
C TYR B 449 15.48 59.37 -35.89
N ASP B 450 16.17 58.57 -35.06
CA ASP B 450 15.54 57.64 -34.10
C ASP B 450 15.13 58.42 -32.84
N LEU B 451 14.06 59.22 -32.96
CA LEU B 451 13.45 60.04 -31.89
C LEU B 451 14.42 61.13 -31.40
N GLY B 452 15.45 61.46 -32.19
CA GLY B 452 16.49 62.43 -31.82
C GLY B 452 16.26 63.79 -32.46
N LEU B 453 17.27 64.66 -32.41
CA LEU B 453 17.20 66.05 -32.94
C LEU B 453 16.73 66.03 -34.40
N ARG B 454 17.29 65.16 -35.23
CA ARG B 454 17.00 65.09 -36.69
C ARG B 454 15.58 64.55 -36.96
N SER B 455 14.93 63.92 -35.97
CA SER B 455 13.54 63.43 -36.09
C SER B 455 12.54 64.60 -35.98
N LEU B 456 12.93 65.73 -35.39
CA LEU B 456 11.98 66.79 -34.98
C LEU B 456 11.26 67.35 -36.21
N ILE B 457 12.00 67.81 -37.22
CA ILE B 457 11.39 68.50 -38.40
C ILE B 457 10.55 67.50 -39.18
N PRO B 458 11.07 66.28 -39.53
CA PRO B 458 10.25 65.24 -40.14
C PRO B 458 8.93 64.95 -39.39
N ALA B 459 9.00 64.81 -38.06
CA ALA B 459 7.85 64.43 -37.21
C ALA B 459 6.83 65.58 -37.17
N VAL B 460 7.29 66.83 -37.02
CA VAL B 460 6.39 68.02 -36.94
C VAL B 460 5.72 68.21 -38.31
N LEU B 461 6.49 68.04 -39.39
CA LEU B 461 5.97 68.19 -40.78
C LEU B 461 4.91 67.11 -41.04
N THR B 462 5.21 65.86 -40.70
CA THR B 462 4.29 64.69 -40.85
C THR B 462 2.98 64.99 -40.14
N VAL B 463 3.04 65.43 -38.88
CA VAL B 463 1.84 65.74 -38.03
C VAL B 463 1.06 66.92 -38.63
N SER B 464 1.76 68.01 -39.01
CA SER B 464 1.16 69.21 -39.67
C SER B 464 0.37 68.80 -40.92
N MET B 465 0.96 67.93 -41.73
CA MET B 465 0.36 67.36 -42.98
C MET B 465 -1.00 66.70 -42.70
N LEU B 466 -1.17 66.08 -41.52
CA LEU B 466 -2.39 65.31 -41.17
C LEU B 466 -3.48 66.25 -40.63
N GLY B 467 -3.22 67.57 -40.59
CA GLY B 467 -4.23 68.58 -40.21
C GLY B 467 -4.21 68.91 -38.73
N TYR B 468 -3.11 68.61 -38.03
CA TYR B 468 -2.87 68.93 -36.58
C TYR B 468 -1.93 70.13 -36.51
N PRO B 469 -2.47 71.37 -36.45
CA PRO B 469 -1.62 72.56 -36.49
C PRO B 469 -0.82 72.82 -35.21
N PHE B 470 -1.43 72.59 -34.05
CA PHE B 470 -0.89 72.97 -32.72
C PHE B 470 -0.03 71.83 -32.19
N ILE B 471 1.26 71.82 -32.57
CA ILE B 471 2.20 70.69 -32.32
C ILE B 471 3.19 71.09 -31.22
N LEU B 472 3.38 70.20 -30.24
CA LEU B 472 4.37 70.32 -29.15
C LEU B 472 5.42 69.24 -29.37
N PRO B 473 6.66 69.60 -29.77
CA PRO B 473 7.70 68.59 -30.07
C PRO B 473 8.35 67.98 -28.82
N ASP B 474 7.53 67.52 -27.86
CA ASP B 474 7.96 66.87 -26.60
C ASP B 474 8.91 67.81 -25.82
N MET B 475 10.08 67.32 -25.37
CA MET B 475 10.95 67.99 -24.36
C MET B 475 12.20 68.54 -25.05
N VAL B 476 12.56 69.80 -24.78
CA VAL B 476 13.86 70.37 -25.24
C VAL B 476 14.98 69.51 -24.67
N GLY B 477 15.81 68.94 -25.55
CA GLY B 477 16.98 68.11 -25.18
C GLY B 477 16.64 66.64 -25.06
N GLY B 478 15.34 66.29 -25.12
CA GLY B 478 14.86 64.91 -24.97
C GLY B 478 14.65 64.53 -23.52
N ASN B 479 14.40 63.25 -23.25
CA ASN B 479 13.96 62.74 -21.93
C ASN B 479 15.14 62.24 -21.12
N ALA B 480 16.35 62.23 -21.69
CA ALA B 480 17.62 61.88 -20.99
C ALA B 480 17.47 60.51 -20.30
N VAL B 481 17.04 59.51 -21.07
CA VAL B 481 16.97 58.09 -20.62
C VAL B 481 18.39 57.53 -20.68
N PRO B 482 18.91 56.94 -19.59
CA PRO B 482 20.22 56.28 -19.63
C PRO B 482 20.25 55.22 -20.72
N GLN B 483 21.34 55.15 -21.48
CA GLN B 483 21.57 54.18 -22.59
C GLN B 483 20.94 54.71 -23.89
N ARG B 484 20.18 55.81 -23.80
CA ARG B 484 19.57 56.52 -24.96
C ARG B 484 19.88 58.02 -24.86
N THR B 485 21.09 58.37 -24.40
CA THR B 485 21.54 59.77 -24.18
C THR B 485 22.96 59.95 -24.70
N ALA B 486 23.16 60.83 -25.68
CA ALA B 486 24.49 61.32 -26.11
C ALA B 486 25.03 62.26 -25.02
N GLY B 487 25.87 61.74 -24.12
CA GLY B 487 26.47 62.49 -23.00
C GLY B 487 26.19 61.88 -21.63
N GLY B 488 25.75 60.62 -21.55
CA GLY B 488 25.50 59.91 -20.27
C GLY B 488 24.29 60.45 -19.52
N ASP B 489 24.50 61.40 -18.60
CA ASP B 489 23.55 61.78 -17.52
C ASP B 489 22.47 62.73 -18.06
N VAL B 490 22.88 63.78 -18.78
CA VAL B 490 21.99 64.72 -19.53
C VAL B 490 22.50 64.80 -20.96
N PRO B 491 21.69 65.29 -21.91
CA PRO B 491 22.19 65.54 -23.27
C PRO B 491 23.43 66.43 -23.22
N GLU B 492 24.44 66.11 -24.03
CA GLU B 492 25.68 66.93 -24.15
C GLU B 492 25.27 68.36 -24.52
N ARG B 493 26.09 69.32 -24.08
CA ARG B 493 25.88 70.78 -24.12
C ARG B 493 25.39 71.24 -25.51
N GLU B 494 26.09 70.79 -26.55
CA GLU B 494 25.86 71.24 -27.95
C GLU B 494 24.51 70.73 -28.45
N LEU B 495 24.14 69.49 -28.09
CA LEU B 495 22.83 68.89 -28.43
C LEU B 495 21.70 69.71 -27.81
N TYR B 496 21.80 70.04 -26.52
CA TYR B 496 20.81 70.84 -25.76
C TYR B 496 20.58 72.20 -26.46
N ILE B 497 21.67 72.90 -26.80
CA ILE B 497 21.65 74.26 -27.42
C ILE B 497 20.96 74.17 -28.79
N ARG B 498 21.44 73.30 -29.68
CA ARG B 498 20.88 73.15 -31.06
C ARG B 498 19.39 72.80 -30.99
N TRP B 499 18.99 71.95 -30.04
CA TRP B 499 17.59 71.51 -29.83
C TRP B 499 16.73 72.70 -29.40
N LEU B 500 17.18 73.38 -28.34
CA LEU B 500 16.59 74.62 -27.77
C LEU B 500 16.31 75.61 -28.92
N GLU B 501 17.28 75.78 -29.82
CA GLU B 501 17.23 76.77 -30.92
C GLU B 501 16.10 76.40 -31.91
N VAL B 502 16.05 75.16 -32.38
CA VAL B 502 15.00 74.74 -33.35
C VAL B 502 13.64 74.73 -32.63
N ALA B 503 13.61 74.36 -31.35
CA ALA B 503 12.37 74.24 -30.53
C ALA B 503 11.74 75.63 -30.34
N ALA B 504 12.54 76.69 -30.34
CA ALA B 504 12.09 78.09 -30.15
C ALA B 504 11.22 78.54 -31.33
N PHE B 505 11.29 77.84 -32.48
CA PHE B 505 10.56 78.21 -33.71
C PHE B 505 9.35 77.29 -33.96
N MET B 506 9.08 76.33 -33.08
CA MET B 506 7.94 75.38 -33.20
C MET B 506 6.73 75.94 -32.44
N PRO B 507 5.49 75.47 -32.71
CA PRO B 507 4.30 76.14 -32.19
C PRO B 507 4.22 76.26 -30.66
N ALA B 508 4.64 75.22 -29.94
CA ALA B 508 4.78 75.24 -28.47
C ALA B 508 6.19 74.75 -28.09
N MET B 509 6.75 75.30 -27.01
CA MET B 509 8.12 75.01 -26.55
C MET B 509 8.06 74.57 -25.09
N GLN B 510 8.61 73.39 -24.80
CA GLN B 510 8.57 72.78 -23.45
C GLN B 510 10.00 72.42 -23.03
N PHE B 511 10.48 73.07 -21.95
CA PHE B 511 11.68 72.65 -21.20
C PHE B 511 11.26 71.63 -20.12
N SER B 512 12.16 70.71 -19.79
CA SER B 512 12.11 69.94 -18.52
C SER B 512 13.49 70.07 -17.85
N ILE B 513 14.51 69.42 -18.40
CA ILE B 513 15.92 69.67 -17.98
C ILE B 513 16.23 71.13 -18.32
N PRO B 514 16.45 71.99 -17.32
CA PRO B 514 16.50 73.44 -17.55
C PRO B 514 17.87 73.94 -18.00
N PRO B 515 17.93 75.13 -18.63
CA PRO B 515 19.21 75.70 -19.07
C PRO B 515 20.29 75.80 -17.98
N TRP B 516 19.91 76.11 -16.74
CA TRP B 516 20.84 76.33 -15.61
C TRP B 516 21.40 74.99 -15.07
N ARG B 517 20.97 73.86 -15.63
CA ARG B 517 21.63 72.54 -15.40
C ARG B 517 23.03 72.57 -16.04
N TYR B 518 23.26 73.43 -17.03
CA TYR B 518 24.50 73.46 -17.85
C TYR B 518 25.45 74.55 -17.33
N ASP B 519 25.32 75.78 -17.81
CA ASP B 519 26.25 76.91 -17.50
C ASP B 519 25.59 78.24 -17.93
N ALA B 520 26.20 79.37 -17.56
CA ALA B 520 25.67 80.73 -17.76
C ALA B 520 25.44 81.02 -19.24
N GLU B 521 26.29 80.47 -20.13
CA GLU B 521 26.18 80.70 -21.60
C GLU B 521 24.94 79.98 -22.14
N VAL B 522 24.72 78.72 -21.74
CA VAL B 522 23.50 77.96 -22.13
C VAL B 522 22.27 78.73 -21.65
N VAL B 523 22.29 79.26 -20.42
CA VAL B 523 21.19 80.09 -19.84
C VAL B 523 20.98 81.32 -20.73
N ALA B 524 22.07 82.03 -21.04
CA ALA B 524 22.06 83.25 -21.88
C ALA B 524 21.48 82.92 -23.26
N ILE B 525 21.90 81.81 -23.88
CA ILE B 525 21.39 81.38 -25.21
C ILE B 525 19.88 81.13 -25.11
N ALA B 526 19.41 80.46 -24.05
CA ALA B 526 17.98 80.16 -23.82
C ALA B 526 17.19 81.46 -23.67
N GLN B 527 17.70 82.43 -22.91
CA GLN B 527 17.08 83.77 -22.69
C GLN B 527 16.98 84.50 -24.04
N LYS B 528 18.01 84.41 -24.87
CA LYS B 528 18.05 85.03 -26.22
C LYS B 528 16.95 84.41 -27.09
N PHE B 529 16.82 83.09 -27.09
CA PHE B 529 15.86 82.37 -27.97
C PHE B 529 14.43 82.54 -27.43
N ALA B 530 14.28 82.70 -26.12
CA ALA B 530 12.98 83.05 -25.49
C ALA B 530 12.54 84.45 -25.98
N ALA B 531 13.45 85.42 -25.95
CA ALA B 531 13.20 86.81 -26.40
C ALA B 531 12.88 86.82 -27.91
N LEU B 532 13.66 86.09 -28.71
CA LEU B 532 13.47 85.99 -30.18
C LEU B 532 12.12 85.34 -30.49
N ARG B 533 11.81 84.22 -29.81
CA ARG B 533 10.49 83.54 -29.89
C ARG B 533 9.37 84.55 -29.62
N ALA B 534 9.47 85.31 -28.53
CA ALA B 534 8.43 86.28 -28.07
C ALA B 534 8.22 87.40 -29.10
N SER B 535 9.27 87.95 -29.73
CA SER B 535 9.20 89.17 -30.59
C SER B 535 8.99 88.80 -32.07
N LEU B 536 9.61 87.72 -32.57
CA LEU B 536 9.55 87.32 -34.01
C LEU B 536 8.52 86.19 -34.22
N VAL B 537 8.66 85.08 -33.48
CA VAL B 537 7.98 83.80 -33.79
C VAL B 537 6.52 83.84 -33.30
N ALA B 538 6.29 84.20 -32.03
CA ALA B 538 4.99 84.10 -31.33
C ALA B 538 3.91 84.93 -32.03
N PRO B 539 4.15 86.21 -32.42
CA PRO B 539 3.12 86.97 -33.12
C PRO B 539 2.65 86.27 -34.40
N LEU B 540 3.57 85.61 -35.12
CA LEU B 540 3.29 84.92 -36.40
C LEU B 540 2.54 83.60 -36.12
N LEU B 541 2.96 82.84 -35.11
CA LEU B 541 2.27 81.59 -34.65
C LEU B 541 0.80 81.90 -34.33
N LEU B 542 0.52 83.00 -33.61
CA LEU B 542 -0.84 83.39 -33.18
C LEU B 542 -1.68 83.83 -34.38
N GLU B 543 -1.10 84.55 -35.33
CA GLU B 543 -1.81 84.95 -36.57
C GLU B 543 -2.21 83.69 -37.34
N LEU B 544 -1.27 82.76 -37.53
CA LEU B 544 -1.46 81.51 -38.32
C LEU B 544 -2.45 80.58 -37.61
N ALA B 545 -2.41 80.55 -36.27
CA ALA B 545 -3.33 79.77 -35.41
C ALA B 545 -4.77 80.28 -35.60
N GLY B 546 -4.98 81.59 -35.58
CA GLY B 546 -6.28 82.23 -35.82
C GLY B 546 -6.78 81.99 -37.23
N GLU B 547 -5.86 81.72 -38.16
CA GLU B 547 -6.13 81.50 -39.61
C GLU B 547 -6.56 80.05 -39.84
N VAL B 548 -6.10 79.11 -39.02
CA VAL B 548 -6.42 77.64 -39.12
C VAL B 548 -7.94 77.47 -39.25
N THR B 549 -8.69 78.08 -38.33
CA THR B 549 -10.18 77.98 -38.24
C THR B 549 -10.82 78.19 -39.61
N ASP B 550 -10.25 79.09 -40.43
CA ASP B 550 -10.79 79.48 -41.77
C ASP B 550 -10.18 78.64 -42.90
N THR B 551 -8.84 78.56 -42.96
CA THR B 551 -8.08 77.99 -44.11
C THR B 551 -7.89 76.47 -43.95
N GLY B 552 -7.77 75.99 -42.71
CA GLY B 552 -7.38 74.60 -42.41
C GLY B 552 -5.91 74.33 -42.73
N ASP B 553 -5.10 75.36 -43.02
CA ASP B 553 -3.67 75.21 -43.35
C ASP B 553 -2.86 75.05 -42.07
N PRO B 554 -1.79 74.22 -42.07
CA PRO B 554 -0.95 74.04 -40.89
C PRO B 554 -0.12 75.30 -40.58
N ILE B 555 0.50 75.33 -39.42
CA ILE B 555 1.38 76.43 -38.96
C ILE B 555 2.80 76.16 -39.48
N VAL B 556 3.35 74.99 -39.14
CA VAL B 556 4.67 74.51 -39.64
C VAL B 556 4.46 73.87 -41.02
N ARG B 557 5.10 74.44 -42.04
CA ARG B 557 4.93 74.06 -43.46
C ARG B 557 6.26 73.56 -44.02
N PRO B 558 6.26 72.56 -44.92
CA PRO B 558 7.49 72.18 -45.64
C PRO B 558 7.86 73.23 -46.68
N LEU B 559 9.13 73.28 -47.10
CA LEU B 559 9.63 74.25 -48.12
C LEU B 559 8.77 74.15 -49.39
N TRP B 560 8.32 72.95 -49.75
CA TRP B 560 7.57 72.68 -51.00
C TRP B 560 6.18 73.30 -50.95
N TRP B 561 5.70 73.69 -49.77
CA TRP B 561 4.39 74.38 -49.62
C TRP B 561 4.33 75.59 -50.57
N ILE B 562 5.36 76.42 -50.59
CA ILE B 562 5.40 77.68 -51.41
C ILE B 562 6.11 77.43 -52.74
N ALA B 563 6.92 76.35 -52.85
CA ALA B 563 7.69 75.98 -54.06
C ALA B 563 7.33 74.56 -54.49
N PRO B 564 6.06 74.29 -54.87
CA PRO B 564 5.62 72.92 -55.13
C PRO B 564 6.28 72.26 -56.36
N GLY B 565 6.84 73.04 -57.29
CA GLY B 565 7.53 72.53 -58.47
C GLY B 565 9.02 72.33 -58.27
N ASP B 566 9.52 72.41 -57.02
CA ASP B 566 10.98 72.50 -56.70
C ASP B 566 11.43 71.16 -56.08
N GLU B 567 12.26 70.40 -56.81
CA GLU B 567 12.70 69.02 -56.47
C GLU B 567 13.54 69.06 -55.16
N THR B 568 14.31 70.12 -54.94
CA THR B 568 15.15 70.29 -53.73
C THR B 568 14.23 70.54 -52.52
N ALA B 569 13.21 71.39 -52.67
CA ALA B 569 12.19 71.69 -51.64
C ALA B 569 11.43 70.39 -51.26
N HIS B 570 11.23 69.49 -52.22
CA HIS B 570 10.56 68.17 -52.03
C HIS B 570 11.38 67.31 -51.06
N ARG B 571 12.72 67.40 -51.12
CA ARG B 571 13.67 66.48 -50.43
C ARG B 571 14.08 66.99 -49.03
N ILE B 572 14.06 68.30 -48.78
CA ILE B 572 14.77 68.92 -47.61
C ILE B 572 14.06 68.54 -46.30
N ASP B 573 14.83 68.05 -45.33
CA ASP B 573 14.34 67.63 -43.98
C ASP B 573 15.00 68.46 -42.86
N SER B 574 15.89 69.40 -43.21
CA SER B 574 16.70 70.21 -42.27
C SER B 574 16.24 71.68 -42.26
N GLN B 575 15.19 72.00 -43.02
CA GLN B 575 14.59 73.36 -43.07
C GLN B 575 13.07 73.21 -43.06
N PHE B 576 12.38 74.26 -42.60
CA PHE B 576 10.89 74.34 -42.56
C PHE B 576 10.47 75.80 -42.62
N LEU B 577 9.18 76.01 -42.86
CA LEU B 577 8.52 77.33 -42.88
C LEU B 577 7.59 77.45 -41.67
N ILE B 578 7.51 78.65 -41.10
CA ILE B 578 6.37 79.09 -40.26
C ILE B 578 5.51 79.98 -41.15
N GLY B 579 4.29 79.54 -41.47
CA GLY B 579 3.45 80.14 -42.52
C GLY B 579 4.16 80.04 -43.86
N ASP B 580 4.04 81.07 -44.70
CA ASP B 580 4.68 81.14 -46.04
C ASP B 580 5.95 82.01 -45.99
N THR B 581 6.14 82.78 -44.91
CA THR B 581 7.02 83.98 -44.92
C THR B 581 8.24 83.84 -44.01
N LEU B 582 8.32 82.83 -43.13
CA LEU B 582 9.50 82.67 -42.23
C LEU B 582 10.16 81.32 -42.51
N LEU B 583 11.37 81.34 -43.08
CA LEU B 583 12.15 80.14 -43.43
C LEU B 583 13.25 79.95 -42.39
N VAL B 584 13.32 78.75 -41.78
CA VAL B 584 14.23 78.43 -40.63
C VAL B 584 15.17 77.32 -41.07
N ALA B 585 16.47 77.50 -40.81
CA ALA B 585 17.56 76.57 -41.19
C ALA B 585 18.49 76.37 -39.99
N PRO B 586 18.11 75.51 -39.03
CA PRO B 586 18.94 75.28 -37.84
C PRO B 586 20.13 74.37 -38.14
N VAL B 587 21.21 74.50 -37.36
CA VAL B 587 22.31 73.50 -37.34
C VAL B 587 21.83 72.28 -36.54
N LEU B 588 22.00 71.09 -37.12
CA LEU B 588 21.48 69.81 -36.58
C LEU B 588 22.61 68.79 -36.47
N GLU B 589 23.87 69.24 -36.45
CA GLU B 589 25.08 68.37 -36.38
C GLU B 589 26.04 68.91 -35.35
N PRO B 590 26.75 68.03 -34.60
CA PRO B 590 27.76 68.47 -33.65
C PRO B 590 29.02 69.01 -34.36
N GLY B 591 29.68 69.99 -33.74
CA GLY B 591 30.97 70.57 -34.19
C GLY B 591 30.85 71.36 -35.48
N LYS B 592 29.75 72.07 -35.68
CA LYS B 592 29.47 72.87 -36.91
C LYS B 592 29.08 74.29 -36.48
N GLN B 593 29.73 75.30 -37.06
CA GLN B 593 29.42 76.75 -36.91
C GLN B 593 28.94 77.28 -38.27
N GLU B 594 28.56 76.39 -39.19
CA GLU B 594 27.99 76.74 -40.51
C GLU B 594 27.20 75.54 -41.05
N ARG B 595 26.24 75.81 -41.93
CA ARG B 595 25.51 74.78 -42.71
C ARG B 595 25.18 75.35 -44.09
N ASP B 596 24.86 74.47 -45.03
CA ASP B 596 24.27 74.84 -46.35
C ASP B 596 22.81 75.21 -46.13
N VAL B 597 22.36 76.31 -46.72
CA VAL B 597 20.95 76.79 -46.63
C VAL B 597 20.41 76.93 -48.07
N TYR B 598 19.28 76.27 -48.37
CA TYR B 598 18.58 76.38 -49.67
C TYR B 598 17.49 77.44 -49.54
N LEU B 599 17.54 78.44 -50.42
CA LEU B 599 16.45 79.43 -50.60
C LEU B 599 15.76 79.10 -51.91
N PRO B 600 14.43 78.85 -51.90
CA PRO B 600 13.69 78.61 -53.14
C PRO B 600 13.42 79.95 -53.86
N ALA B 601 12.73 79.91 -55.01
CA ALA B 601 12.40 81.11 -55.82
C ALA B 601 11.75 82.17 -54.93
N GLY B 602 11.83 83.45 -55.34
CA GLY B 602 11.37 84.59 -54.54
C GLY B 602 12.52 85.23 -53.77
N LYS B 603 12.25 86.37 -53.11
CA LYS B 603 13.28 87.18 -52.42
C LYS B 603 13.21 86.89 -50.92
N TRP B 604 14.37 86.66 -50.30
CA TRP B 604 14.52 86.31 -48.87
C TRP B 604 15.49 87.29 -48.19
N ARG B 605 15.02 87.90 -47.10
CA ARG B 605 15.83 88.80 -46.24
C ARG B 605 16.30 87.98 -45.03
N SER B 606 17.61 87.84 -44.83
CA SER B 606 18.20 87.08 -43.71
C SER B 606 18.00 87.86 -42.41
N TYR B 607 18.29 87.22 -41.26
CA TYR B 607 18.15 87.79 -39.90
C TYR B 607 19.11 88.98 -39.75
N LYS B 608 20.19 89.02 -40.55
CA LYS B 608 21.22 90.09 -40.52
C LYS B 608 20.88 91.22 -41.50
N GLY B 609 19.86 91.03 -42.35
CA GLY B 609 19.36 92.03 -43.32
C GLY B 609 19.81 91.75 -44.75
N GLU B 610 20.58 90.68 -45.00
CA GLU B 610 21.07 90.32 -46.36
C GLU B 610 19.86 90.01 -47.26
N LEU B 611 19.73 90.67 -48.42
CA LEU B 611 18.65 90.38 -49.40
C LEU B 611 19.19 89.41 -50.44
N PHE B 612 18.66 88.18 -50.46
CA PHE B 612 18.96 87.15 -51.48
C PHE B 612 17.81 87.14 -52.49
N ASP B 613 18.05 87.69 -53.68
CA ASP B 613 17.03 87.86 -54.74
C ASP B 613 17.51 87.18 -56.03
N LYS B 614 18.61 86.43 -56.00
CA LYS B 614 19.08 85.56 -57.10
C LYS B 614 18.85 84.11 -56.67
N THR B 615 17.62 83.62 -56.88
CA THR B 615 17.06 82.40 -56.29
C THR B 615 16.32 81.63 -57.37
N PRO B 616 16.21 80.29 -57.28
CA PRO B 616 16.68 79.54 -56.11
C PRO B 616 18.22 79.50 -56.04
N VAL B 617 18.76 79.34 -54.84
CA VAL B 617 20.23 79.27 -54.60
C VAL B 617 20.51 78.41 -53.36
N LEU B 618 21.60 77.65 -53.41
CA LEU B 618 22.22 76.99 -52.23
C LEU B 618 23.27 77.94 -51.69
N LEU B 619 23.07 78.50 -50.49
CA LEU B 619 24.10 79.25 -49.73
C LEU B 619 25.00 78.22 -49.05
N THR B 620 26.24 78.05 -49.53
CA THR B 620 27.19 77.03 -49.02
C THR B 620 27.93 77.60 -47.81
N ASP B 621 28.08 76.80 -46.76
CA ASP B 621 28.84 77.16 -45.53
C ASP B 621 28.30 78.51 -44.99
N TYR B 622 26.99 78.64 -44.85
CA TYR B 622 26.36 79.87 -44.27
C TYR B 622 26.64 79.89 -42.77
N PRO B 623 27.33 80.93 -42.24
CA PRO B 623 27.73 80.96 -40.84
C PRO B 623 26.54 80.94 -39.89
N VAL B 624 26.60 80.02 -38.93
CA VAL B 624 25.61 79.87 -37.82
C VAL B 624 26.41 79.41 -36.60
N ASP B 625 26.84 80.32 -35.74
CA ASP B 625 27.64 79.99 -34.54
C ASP B 625 26.76 79.19 -33.57
N LEU B 626 27.37 78.64 -32.51
CA LEU B 626 26.68 77.76 -31.53
C LEU B 626 25.44 78.46 -30.97
N ASP B 627 25.49 79.78 -30.78
CA ASP B 627 24.42 80.58 -30.14
C ASP B 627 23.48 81.19 -31.19
N GLU B 628 23.44 80.66 -32.41
CA GLU B 628 22.66 81.26 -33.52
C GLU B 628 21.79 80.22 -34.24
N ILE B 629 20.77 80.72 -34.95
CA ILE B 629 19.99 79.99 -35.99
C ILE B 629 19.92 80.86 -37.25
N ALA B 630 20.01 80.24 -38.44
CA ALA B 630 19.75 80.90 -39.73
C ALA B 630 18.23 80.97 -39.96
N TYR B 631 17.69 82.18 -40.08
CA TYR B 631 16.28 82.38 -40.54
C TYR B 631 16.21 83.52 -41.55
N PHE B 632 15.19 83.48 -42.41
CA PHE B 632 14.97 84.39 -43.57
C PHE B 632 13.47 84.71 -43.67
N THR B 633 13.14 85.95 -44.04
CA THR B 633 11.75 86.46 -44.17
C THR B 633 11.49 86.79 -45.65
N TRP B 634 10.30 86.45 -46.14
CA TRP B 634 9.81 86.76 -47.52
C TRP B 634 9.88 88.29 -47.72
N ALA B 635 10.32 88.76 -48.89
CA ALA B 635 10.59 90.19 -49.17
C ALA B 635 9.75 90.66 -50.38
N ARG C 11 -21.24 -4.76 -44.65
CA ARG C 11 -21.19 -5.48 -43.35
C ARG C 11 -19.73 -5.61 -42.89
N ALA C 12 -19.37 -4.97 -41.77
CA ALA C 12 -18.09 -5.11 -41.03
C ALA C 12 -18.34 -5.86 -39.72
N GLU C 13 -18.15 -7.18 -39.73
CA GLU C 13 -18.60 -8.14 -38.67
C GLU C 13 -20.14 -8.10 -38.60
N LEU C 14 -20.72 -7.57 -37.52
CA LEU C 14 -22.19 -7.50 -37.30
C LEU C 14 -22.65 -6.04 -37.38
N LEU C 15 -21.87 -5.20 -38.08
CA LEU C 15 -22.16 -3.75 -38.31
C LEU C 15 -22.62 -3.58 -39.76
N ASP C 16 -23.80 -2.98 -39.97
CA ASP C 16 -24.35 -2.60 -41.30
C ASP C 16 -24.08 -1.12 -41.54
N LEU C 17 -23.19 -0.80 -42.48
CA LEU C 17 -22.88 0.59 -42.89
C LEU C 17 -23.72 0.98 -44.11
N LYS C 18 -24.51 2.04 -43.99
CA LYS C 18 -25.22 2.72 -45.12
C LYS C 18 -24.62 4.12 -45.27
N ALA C 19 -25.06 4.87 -46.29
CA ALA C 19 -24.58 6.24 -46.60
C ALA C 19 -24.88 7.19 -45.42
N GLY C 20 -26.05 7.04 -44.79
CA GLY C 20 -26.60 8.00 -43.81
C GLY C 20 -26.36 7.59 -42.37
N GLY C 21 -25.69 6.45 -42.12
CA GLY C 21 -25.38 5.97 -40.76
C GLY C 21 -25.11 4.47 -40.72
N PHE C 22 -24.93 3.90 -39.53
CA PHE C 22 -24.71 2.45 -39.32
C PHE C 22 -25.50 1.94 -38.12
N SER C 23 -25.68 0.62 -38.07
CA SER C 23 -26.28 -0.13 -36.94
C SER C 23 -25.40 -1.35 -36.63
N ILE C 24 -25.40 -1.81 -35.37
CA ILE C 24 -24.61 -2.99 -34.92
C ILE C 24 -25.57 -3.98 -34.26
N ARG C 25 -25.35 -5.27 -34.48
CA ARG C 25 -26.10 -6.39 -33.83
C ARG C 25 -25.13 -7.18 -32.95
N ASN C 26 -25.65 -7.85 -31.92
CA ASN C 26 -24.91 -8.88 -31.13
C ASN C 26 -25.12 -10.23 -31.81
N GLN C 27 -24.52 -11.30 -31.29
CA GLN C 27 -24.57 -12.66 -31.88
C GLN C 27 -26.00 -13.22 -31.78
N LYS C 28 -26.81 -12.75 -30.83
CA LYS C 28 -28.24 -13.15 -30.67
C LYS C 28 -29.09 -12.53 -31.79
N GLY C 29 -28.56 -11.51 -32.48
CA GLY C 29 -29.21 -10.87 -33.64
C GLY C 29 -30.01 -9.63 -33.27
N GLU C 30 -29.92 -9.16 -32.02
CA GLU C 30 -30.57 -7.90 -31.55
C GLU C 30 -29.80 -6.69 -32.08
N GLN C 31 -30.50 -5.61 -32.42
CA GLN C 31 -29.91 -4.28 -32.73
C GLN C 31 -29.56 -3.59 -31.41
N VAL C 32 -28.27 -3.43 -31.10
CA VAL C 32 -27.77 -2.92 -29.78
C VAL C 32 -27.16 -1.52 -29.95
N PHE C 33 -27.01 -1.04 -31.18
CA PHE C 33 -26.46 0.31 -31.50
C PHE C 33 -26.96 0.76 -32.86
N ARG C 34 -27.43 2.01 -32.94
CA ARG C 34 -27.85 2.67 -34.21
C ARG C 34 -27.36 4.13 -34.19
N LEU C 35 -26.74 4.58 -35.28
CA LEU C 35 -26.14 5.94 -35.37
C LEU C 35 -26.34 6.53 -36.77
N ALA C 36 -26.77 7.79 -36.84
CA ALA C 36 -26.95 8.57 -38.09
C ALA C 36 -25.83 9.60 -38.21
N PHE C 37 -25.30 9.78 -39.43
CA PHE C 37 -24.38 10.88 -39.79
C PHE C 37 -25.23 12.14 -40.01
N ARG C 38 -24.88 13.26 -39.38
CA ARG C 38 -25.72 14.49 -39.37
C ARG C 38 -24.95 15.73 -39.89
N SER C 39 -23.66 15.60 -40.19
CA SER C 39 -22.83 16.68 -40.82
C SER C 39 -22.50 16.31 -42.27
N GLY C 40 -23.16 15.28 -42.81
CA GLY C 40 -22.94 14.79 -44.18
C GLY C 40 -23.29 13.30 -44.29
N ALA C 41 -23.12 12.73 -45.48
CA ALA C 41 -23.33 11.29 -45.79
C ALA C 41 -22.07 10.73 -46.44
N LEU C 42 -21.86 9.42 -46.35
CA LEU C 42 -20.75 8.70 -47.03
C LEU C 42 -21.13 8.46 -48.50
N ASP C 43 -20.15 8.51 -49.41
CA ASP C 43 -20.20 7.90 -50.75
C ASP C 43 -19.67 6.47 -50.62
N LEU C 44 -20.56 5.48 -50.67
CA LEU C 44 -20.23 4.05 -50.42
C LEU C 44 -19.25 3.54 -51.48
N ASP C 45 -19.24 4.12 -52.68
CA ASP C 45 -18.33 3.76 -53.80
C ASP C 45 -16.89 4.15 -53.47
N SER C 46 -16.67 4.99 -52.44
CA SER C 46 -15.33 5.43 -51.97
C SER C 46 -14.82 4.54 -50.82
N CYS C 47 -15.61 3.54 -50.40
CA CYS C 47 -15.29 2.65 -49.25
C CYS C 47 -14.67 1.35 -49.74
N SER C 48 -13.52 0.96 -49.17
CA SER C 48 -12.83 -0.34 -49.42
C SER C 48 -12.51 -1.03 -48.09
N ARG C 49 -12.36 -2.36 -48.13
CA ARG C 49 -12.07 -3.22 -46.96
C ARG C 49 -10.69 -3.85 -47.12
N ASP C 50 -9.82 -3.69 -46.11
CA ASP C 50 -8.53 -4.43 -45.96
C ASP C 50 -8.51 -5.08 -44.58
N GLY C 51 -8.82 -6.39 -44.52
CA GLY C 51 -8.94 -7.14 -43.26
C GLY C 51 -10.08 -6.61 -42.40
N ALA C 52 -9.76 -6.16 -41.18
CA ALA C 52 -10.73 -5.66 -40.18
C ALA C 52 -11.04 -4.17 -40.40
N LEU C 53 -10.27 -3.52 -41.28
CA LEU C 53 -10.36 -2.05 -41.53
C LEU C 53 -11.30 -1.78 -42.71
N LEU C 54 -12.27 -0.89 -42.51
CA LEU C 54 -13.17 -0.36 -43.56
C LEU C 54 -12.99 1.16 -43.63
N GLY C 55 -12.30 1.65 -44.67
CA GLY C 55 -12.01 3.08 -44.89
C GLY C 55 -12.81 3.66 -46.04
N CYS C 56 -13.22 4.93 -45.94
CA CYS C 56 -13.94 5.70 -47.00
C CYS C 56 -13.26 7.07 -47.17
N SER C 57 -13.08 7.52 -48.43
CA SER C 57 -12.24 8.69 -48.80
C SER C 57 -13.09 9.93 -49.15
N LEU C 58 -14.35 9.78 -49.56
CA LEU C 58 -15.21 10.92 -50.00
C LEU C 58 -16.60 10.84 -49.34
N THR C 59 -17.23 12.00 -49.10
CA THR C 59 -18.65 12.16 -48.69
C THR C 59 -19.54 12.11 -49.93
N ALA C 60 -20.87 12.07 -49.74
CA ALA C 60 -21.89 12.02 -50.83
C ALA C 60 -21.86 13.32 -51.65
N ASP C 61 -21.53 14.45 -51.02
CA ASP C 61 -21.39 15.79 -51.66
C ASP C 61 -20.07 15.85 -52.45
N GLY C 62 -19.14 14.93 -52.17
CA GLY C 62 -17.88 14.76 -52.92
C GLY C 62 -16.68 15.43 -52.25
N LEU C 63 -16.78 15.71 -50.94
CA LEU C 63 -15.67 16.34 -50.15
C LEU C 63 -14.71 15.24 -49.67
N PRO C 64 -13.38 15.52 -49.61
CA PRO C 64 -12.43 14.55 -49.07
C PRO C 64 -12.63 14.31 -47.57
N LEU C 65 -12.42 13.06 -47.14
CA LEU C 65 -12.79 12.55 -45.80
C LEU C 65 -11.82 11.44 -45.37
N HIS C 66 -11.34 11.48 -44.12
CA HIS C 66 -10.69 10.33 -43.45
C HIS C 66 -11.73 9.70 -42.52
N PHE C 67 -12.48 8.73 -43.04
CA PHE C 67 -13.45 7.89 -42.30
C PHE C 67 -12.95 6.44 -42.28
N PHE C 68 -13.05 5.76 -41.14
CA PHE C 68 -12.83 4.29 -41.07
C PHE C 68 -13.65 3.69 -39.91
N ILE C 69 -13.96 2.40 -40.06
CA ILE C 69 -14.45 1.49 -39.00
C ILE C 69 -13.49 0.29 -38.92
N GLN C 70 -12.79 0.13 -37.79
CA GLN C 70 -11.92 -1.05 -37.53
C GLN C 70 -12.61 -1.96 -36.50
N THR C 71 -12.80 -3.23 -36.85
CA THR C 71 -13.31 -4.30 -35.97
C THR C 71 -12.16 -4.86 -35.15
N VAL C 72 -12.34 -4.97 -33.82
CA VAL C 72 -11.33 -5.53 -32.86
C VAL C 72 -12.07 -6.51 -31.94
N ARG C 73 -11.48 -7.69 -31.73
CA ARG C 73 -12.01 -8.75 -30.84
C ARG C 73 -11.06 -8.91 -29.65
N PRO C 74 -11.18 -8.07 -28.59
CA PRO C 74 -10.23 -8.09 -27.47
C PRO C 74 -10.38 -9.31 -26.55
N LYS C 75 -11.60 -9.84 -26.40
CA LYS C 75 -11.96 -11.03 -25.59
C LYS C 75 -12.89 -11.94 -26.42
N ASP C 76 -13.10 -13.18 -25.96
CA ASP C 76 -13.98 -14.18 -26.64
C ASP C 76 -15.42 -13.65 -26.71
N THR C 77 -15.87 -12.88 -25.71
CA THR C 77 -17.29 -12.46 -25.55
C THR C 77 -17.48 -10.97 -25.83
N VAL C 78 -16.44 -10.27 -26.31
CA VAL C 78 -16.48 -8.80 -26.59
C VAL C 78 -16.06 -8.55 -28.04
N MET C 79 -16.90 -7.82 -28.80
CA MET C 79 -16.56 -7.27 -30.13
C MET C 79 -16.62 -5.74 -30.06
N CYS C 80 -15.54 -5.06 -30.44
CA CYS C 80 -15.44 -3.57 -30.44
C CYS C 80 -15.34 -3.06 -31.87
N TYR C 81 -15.85 -1.84 -32.09
CA TYR C 81 -15.86 -1.12 -33.39
C TYR C 81 -15.26 0.27 -33.17
N ARG C 82 -14.04 0.50 -33.68
CA ARG C 82 -13.36 1.81 -33.65
C ARG C 82 -13.87 2.61 -34.85
N VAL C 83 -14.41 3.81 -34.61
CA VAL C 83 -15.03 4.68 -35.66
C VAL C 83 -14.32 6.04 -35.64
N ARG C 84 -13.98 6.56 -36.82
CA ARG C 84 -13.37 7.90 -37.01
C ARG C 84 -14.05 8.60 -38.19
N TRP C 85 -14.50 9.84 -37.98
CA TRP C 85 -14.95 10.79 -39.03
C TRP C 85 -14.13 12.09 -38.89
N GLU C 86 -13.19 12.31 -39.80
CA GLU C 86 -12.27 13.48 -39.81
C GLU C 86 -12.38 14.19 -41.16
N GLU C 87 -12.90 15.43 -41.16
CA GLU C 87 -13.23 16.23 -42.38
C GLU C 87 -11.93 16.66 -43.09
N GLY C 91 -12.16 23.25 -41.79
CA GLY C 91 -12.88 23.66 -40.56
C GLY C 91 -14.39 23.54 -40.69
N ARG C 92 -14.92 22.31 -40.76
CA ARG C 92 -16.38 21.99 -40.77
C ARG C 92 -16.69 21.04 -39.60
N ALA C 93 -17.68 21.40 -38.76
CA ALA C 93 -18.09 20.62 -37.55
C ALA C 93 -18.60 19.23 -37.96
N VAL C 94 -18.27 18.21 -37.15
CA VAL C 94 -18.75 16.81 -37.32
C VAL C 94 -19.83 16.56 -36.27
N GLU C 95 -20.98 16.02 -36.69
CA GLU C 95 -22.06 15.56 -35.76
C GLU C 95 -22.56 14.18 -36.19
N HIS C 96 -22.54 13.22 -35.25
CA HIS C 96 -23.26 11.93 -35.32
C HIS C 96 -24.36 11.91 -34.24
N ALA C 97 -25.56 11.45 -34.61
CA ALA C 97 -26.70 11.25 -33.69
C ALA C 97 -26.76 9.77 -33.27
N MET C 98 -26.47 9.48 -32.00
CA MET C 98 -26.55 8.12 -31.41
C MET C 98 -27.96 7.88 -30.88
N PHE C 99 -28.69 6.93 -31.47
CA PHE C 99 -30.07 6.56 -31.08
C PHE C 99 -30.03 5.63 -29.86
N LEU C 100 -30.82 5.94 -28.83
CA LEU C 100 -30.93 5.12 -27.60
C LEU C 100 -31.79 3.88 -27.90
N GLY C 101 -32.77 4.01 -28.80
CA GLY C 101 -33.60 2.89 -29.32
C GLY C 101 -34.97 2.85 -28.69
N ASP C 102 -35.58 1.66 -28.63
CA ASP C 102 -36.96 1.44 -28.12
C ASP C 102 -36.94 1.46 -26.58
N ALA C 103 -38.13 1.37 -25.98
CA ALA C 103 -38.40 1.55 -24.53
C ALA C 103 -37.63 0.51 -23.70
N ALA C 104 -37.30 -0.65 -24.27
CA ALA C 104 -36.60 -1.77 -23.58
C ALA C 104 -35.10 -1.47 -23.45
N ALA C 105 -34.56 -0.53 -24.23
CA ALA C 105 -33.14 -0.12 -24.16
C ALA C 105 -32.99 1.04 -23.18
N HIS C 106 -32.16 0.86 -22.15
CA HIS C 106 -31.93 1.83 -21.05
C HIS C 106 -30.44 2.14 -20.97
N TRP C 107 -30.07 3.41 -20.77
CA TRP C 107 -28.66 3.90 -20.87
C TRP C 107 -28.22 4.57 -19.56
N TYR C 108 -26.93 4.44 -19.25
CA TYR C 108 -26.29 4.92 -18.00
C TYR C 108 -24.95 5.60 -18.35
N GLY C 109 -24.45 6.44 -17.43
CA GLY C 109 -23.13 7.08 -17.53
C GLY C 109 -23.24 8.56 -17.82
N GLY C 110 -22.36 9.08 -18.70
CA GLY C 110 -22.28 10.51 -19.04
C GLY C 110 -21.86 11.34 -17.85
N ALA C 111 -22.61 12.41 -17.57
CA ALA C 111 -22.24 13.45 -16.58
C ALA C 111 -23.25 13.51 -15.43
N GLU C 112 -22.78 13.93 -14.25
CA GLU C 112 -23.65 14.50 -13.19
C GLU C 112 -24.45 15.64 -13.83
N MET C 113 -25.76 15.71 -13.57
CA MET C 113 -26.67 16.74 -14.15
C MET C 113 -27.53 17.31 -13.02
N ARG C 114 -28.17 18.45 -13.28
CA ARG C 114 -29.09 19.12 -12.33
C ARG C 114 -30.31 18.21 -12.11
N THR C 115 -30.97 17.81 -13.20
CA THR C 115 -32.10 16.85 -13.20
C THR C 115 -31.54 15.47 -13.55
N GLN C 116 -31.22 14.66 -12.55
CA GLN C 116 -30.55 13.35 -12.72
C GLN C 116 -31.57 12.22 -12.70
N HIS C 117 -31.84 11.64 -13.87
CA HIS C 117 -32.71 10.46 -14.06
C HIS C 117 -31.82 9.21 -14.17
N TRP C 118 -32.37 8.06 -13.79
CA TRP C 118 -31.73 6.73 -13.96
C TRP C 118 -32.82 5.75 -14.34
N PRO C 119 -32.82 5.15 -15.55
CA PRO C 119 -31.78 5.40 -16.56
C PRO C 119 -31.86 6.82 -17.15
N ILE C 120 -30.89 7.17 -18.01
CA ILE C 120 -30.76 8.52 -18.65
C ILE C 120 -32.06 8.83 -19.41
N ARG C 121 -32.62 10.00 -19.12
CA ARG C 121 -33.78 10.59 -19.84
C ARG C 121 -33.51 12.09 -19.97
N LEU C 122 -33.39 12.59 -21.20
CA LEU C 122 -33.17 14.03 -21.50
C LEU C 122 -34.39 14.56 -22.25
N ASP C 123 -35.04 15.59 -21.69
CA ASP C 123 -36.32 16.16 -22.20
C ASP C 123 -36.00 17.30 -23.17
N GLY C 124 -36.90 17.53 -24.14
CA GLY C 124 -36.81 18.65 -25.10
C GLY C 124 -35.64 18.53 -26.05
N GLN C 125 -35.09 19.68 -26.46
CA GLN C 125 -34.05 19.81 -27.52
C GLN C 125 -32.87 20.60 -26.95
N GLN C 126 -31.65 20.12 -27.15
CA GLN C 126 -30.40 20.82 -26.76
C GLN C 126 -29.40 20.71 -27.92
N GLU C 127 -29.00 21.86 -28.48
CA GLU C 127 -27.91 21.95 -29.48
C GLU C 127 -26.61 21.56 -28.79
N PRO C 128 -25.70 20.80 -29.44
CA PRO C 128 -24.47 20.36 -28.78
C PRO C 128 -23.72 21.52 -28.13
N GLN C 129 -23.37 21.40 -26.84
CA GLN C 129 -22.60 22.40 -26.07
C GLN C 129 -21.37 21.71 -25.49
N PRO C 130 -20.28 22.44 -25.16
CA PRO C 130 -19.04 21.80 -24.72
C PRO C 130 -19.28 20.79 -23.58
N PHE C 131 -18.83 19.55 -23.77
CA PHE C 131 -18.86 18.48 -22.74
C PHE C 131 -17.66 18.67 -21.82
N VAL C 132 -17.80 19.62 -20.90
CA VAL C 132 -16.75 20.11 -19.96
C VAL C 132 -17.35 20.19 -18.56
N THR C 133 -16.51 20.15 -17.53
CA THR C 133 -16.91 20.31 -16.11
C THR C 133 -17.56 21.69 -15.94
N SER C 134 -18.86 21.73 -15.65
CA SER C 134 -19.61 22.97 -15.33
C SER C 134 -20.33 22.83 -13.99
N ASP C 135 -20.64 23.96 -13.35
CA ASP C 135 -21.49 24.05 -12.14
C ASP C 135 -22.96 24.04 -12.61
N VAL C 136 -23.65 22.92 -12.43
CA VAL C 136 -25.02 22.75 -12.99
C VAL C 136 -26.07 23.20 -11.98
N TYR C 137 -25.68 23.72 -10.82
CA TYR C 137 -26.62 24.06 -9.72
C TYR C 137 -27.80 24.89 -10.25
N SER C 138 -27.56 25.83 -11.17
CA SER C 138 -28.59 26.77 -11.72
C SER C 138 -28.95 26.46 -13.19
N SER C 139 -28.43 25.37 -13.79
CA SER C 139 -28.48 25.12 -15.27
C SER C 139 -28.78 23.65 -15.61
N ASP C 140 -29.86 23.41 -16.37
CA ASP C 140 -30.37 22.07 -16.79
C ASP C 140 -29.80 21.67 -18.16
N ALA C 141 -29.16 22.60 -18.89
CA ALA C 141 -28.42 22.35 -20.15
C ALA C 141 -27.04 21.75 -19.84
N ALA C 142 -26.31 22.36 -18.91
CA ALA C 142 -24.88 22.13 -18.63
C ALA C 142 -24.62 20.69 -18.16
N PHE C 143 -23.36 20.29 -18.20
CA PHE C 143 -22.81 18.98 -17.73
C PHE C 143 -22.01 19.26 -16.45
N GLY C 144 -22.18 18.40 -15.43
CA GLY C 144 -21.70 18.67 -14.06
C GLY C 144 -20.22 18.43 -13.89
N GLY C 145 -19.75 18.52 -12.64
CA GLY C 145 -18.32 18.49 -12.27
C GLY C 145 -17.69 17.13 -12.45
N ILE C 146 -18.46 16.05 -12.30
CA ILE C 146 -17.98 14.65 -12.50
C ILE C 146 -18.62 14.11 -13.77
N LEU C 147 -17.82 13.77 -14.77
CA LEU C 147 -18.33 13.29 -16.08
C LEU C 147 -17.25 12.47 -16.78
N GLU C 148 -17.70 11.72 -17.78
CA GLU C 148 -16.85 10.89 -18.66
C GLU C 148 -17.61 10.75 -19.97
N ARG C 149 -16.91 10.62 -21.10
CA ARG C 149 -17.53 10.49 -22.44
C ARG C 149 -17.87 9.01 -22.64
N TYR C 150 -18.69 8.46 -21.75
CA TYR C 150 -18.96 7.00 -21.61
C TYR C 150 -20.46 6.79 -21.41
N TRP C 151 -21.07 5.98 -22.28
CA TRP C 151 -22.50 5.60 -22.21
C TRP C 151 -22.64 4.09 -22.35
N LEU C 152 -23.44 3.48 -21.46
CA LEU C 152 -23.63 2.01 -21.33
C LEU C 152 -25.11 1.70 -21.58
N SER C 153 -25.39 0.67 -22.38
CA SER C 153 -26.76 0.19 -22.71
C SER C 153 -27.08 -1.07 -21.90
N SER C 154 -28.33 -1.20 -21.46
CA SER C 154 -28.90 -2.42 -20.82
C SER C 154 -28.88 -3.61 -21.79
N ARG C 155 -28.67 -3.36 -23.09
CA ARG C 155 -28.58 -4.40 -24.16
C ARG C 155 -27.13 -4.87 -24.32
N ALA C 156 -26.23 -4.51 -23.38
CA ALA C 156 -24.83 -4.96 -23.30
C ALA C 156 -24.00 -4.37 -24.45
N ALA C 157 -24.21 -3.09 -24.76
CA ALA C 157 -23.37 -2.28 -25.66
C ALA C 157 -22.94 -1.01 -24.92
N ALA C 158 -21.77 -0.48 -25.25
CA ALA C 158 -21.18 0.74 -24.62
C ALA C 158 -20.41 1.54 -25.67
N ILE C 159 -20.34 2.86 -25.48
CA ILE C 159 -19.52 3.77 -26.34
C ILE C 159 -18.60 4.59 -25.43
N LYS C 160 -17.31 4.62 -25.76
CA LYS C 160 -16.31 5.58 -25.22
C LYS C 160 -15.90 6.52 -26.35
N VAL C 161 -16.20 7.81 -26.21
CA VAL C 161 -15.73 8.87 -27.16
C VAL C 161 -14.25 9.14 -26.86
N ASN C 162 -13.42 9.16 -27.91
CA ASN C 162 -11.94 9.32 -27.85
C ASN C 162 -11.60 10.60 -27.07
N ASP C 163 -10.55 10.57 -26.25
CA ASP C 163 -10.08 11.75 -25.46
C ASP C 163 -9.62 12.87 -26.40
N SER C 164 -9.21 12.53 -27.63
CA SER C 164 -8.71 13.47 -28.65
C SER C 164 -9.81 14.45 -29.08
N VAL C 165 -11.08 14.07 -28.97
CA VAL C 165 -12.20 14.80 -29.63
C VAL C 165 -12.43 16.12 -28.91
N PRO C 166 -12.56 17.24 -29.66
CA PRO C 166 -13.09 18.49 -29.10
C PRO C 166 -14.61 18.30 -28.97
N PHE C 167 -15.01 17.59 -27.91
CA PHE C 167 -16.32 16.90 -27.79
C PHE C 167 -17.38 17.86 -27.23
N HIS C 168 -18.48 18.00 -27.96
CA HIS C 168 -19.71 18.75 -27.58
C HIS C 168 -20.88 17.77 -27.61
N LEU C 169 -21.79 17.88 -26.64
CA LEU C 169 -22.96 16.96 -26.52
C LEU C 169 -24.26 17.77 -26.52
N GLY C 170 -25.21 17.34 -27.34
CA GLY C 170 -26.63 17.76 -27.31
C GLY C 170 -27.52 16.54 -27.23
N TRP C 171 -28.83 16.72 -27.41
CA TRP C 171 -29.81 15.60 -27.43
C TRP C 171 -31.09 16.04 -28.14
N ASN C 172 -31.90 15.07 -28.55
CA ASN C 172 -33.16 15.26 -29.31
C ASN C 172 -34.16 14.22 -28.81
N SER C 173 -35.13 14.63 -27.99
CA SER C 173 -36.08 13.72 -27.30
C SER C 173 -37.06 13.11 -28.30
N THR C 174 -37.37 13.82 -29.40
CA THR C 174 -38.31 13.37 -30.45
C THR C 174 -37.85 12.04 -31.05
N GLU C 175 -36.55 11.89 -31.30
CA GLU C 175 -35.94 10.65 -31.88
C GLU C 175 -35.09 9.94 -30.81
N ARG C 176 -35.12 10.44 -29.57
CA ARG C 176 -34.40 9.89 -28.40
C ARG C 176 -32.93 9.63 -28.78
N SER C 177 -32.23 10.68 -29.21
CA SER C 177 -30.83 10.63 -29.69
C SER C 177 -29.93 11.50 -28.81
N LEU C 178 -28.68 11.08 -28.63
CA LEU C 178 -27.56 11.94 -28.17
C LEU C 178 -26.88 12.52 -29.42
N ARG C 179 -26.67 13.83 -29.44
CA ARG C 179 -25.98 14.53 -30.56
C ARG C 179 -24.49 14.67 -30.20
N LEU C 180 -23.66 13.82 -30.79
CA LEU C 180 -22.18 13.78 -30.58
C LEU C 180 -21.54 14.72 -31.61
N GLN C 181 -20.86 15.77 -31.17
CA GLN C 181 -20.29 16.81 -32.07
C GLN C 181 -18.81 17.02 -31.77
N ALA C 182 -18.01 17.17 -32.83
CA ALA C 182 -16.63 17.73 -32.82
C ALA C 182 -16.65 19.07 -33.54
N ARG C 183 -16.20 20.14 -32.88
CA ARG C 183 -16.09 21.50 -33.47
C ARG C 183 -15.01 22.31 -32.73
N TYR C 184 -14.43 23.30 -33.41
CA TYR C 184 -13.38 24.21 -32.87
C TYR C 184 -13.89 25.66 -32.83
N HIS C 185 -15.06 25.94 -33.40
CA HIS C 185 -15.68 27.30 -33.40
C HIS C 185 -16.56 27.46 -32.15
N ASP C 186 -16.42 28.60 -31.45
CA ASP C 186 -17.28 28.97 -30.29
C ASP C 186 -17.23 27.85 -29.26
N THR C 187 -16.08 27.69 -28.60
CA THR C 187 -15.79 26.57 -27.65
C THR C 187 -14.50 26.85 -26.88
N PRO C 188 -14.36 26.32 -25.64
CA PRO C 188 -13.10 26.40 -24.91
C PRO C 188 -12.05 25.34 -25.27
N TYR C 189 -12.33 24.49 -26.27
CA TYR C 189 -11.36 23.49 -26.80
C TYR C 189 -10.41 24.19 -27.77
N LYS C 190 -9.10 24.00 -27.61
CA LYS C 190 -8.05 24.42 -28.58
C LYS C 190 -7.51 23.18 -29.27
N PRO C 191 -7.02 23.28 -30.52
CA PRO C 191 -6.24 22.19 -31.14
C PRO C 191 -4.86 22.11 -30.49
N PRO C 192 -4.13 20.98 -30.61
CA PRO C 192 -2.70 20.97 -30.31
C PRO C 192 -1.89 21.67 -31.41
N ALA C 198 -9.19 21.52 -37.67
CA ALA C 198 -9.54 20.25 -38.36
C ALA C 198 -10.34 19.34 -37.41
N PRO C 199 -11.68 19.53 -37.32
CA PRO C 199 -12.51 18.73 -36.41
C PRO C 199 -12.51 17.23 -36.73
N GLU C 200 -12.71 16.42 -35.70
CA GLU C 200 -12.43 14.97 -35.64
C GLU C 200 -13.32 14.33 -34.57
N LEU C 201 -14.31 13.52 -34.98
CA LEU C 201 -15.15 12.72 -34.06
C LEU C 201 -14.76 11.24 -34.18
N SER C 202 -14.18 10.68 -33.11
CA SER C 202 -13.78 9.26 -33.01
C SER C 202 -14.27 8.67 -31.69
N TYR C 203 -14.53 7.37 -31.69
CA TYR C 203 -15.11 6.63 -30.54
C TYR C 203 -14.97 5.12 -30.76
N ARG C 204 -15.11 4.37 -29.67
CA ARG C 204 -15.13 2.88 -29.69
C ARG C 204 -16.47 2.41 -29.14
N VAL C 205 -17.20 1.63 -29.93
CA VAL C 205 -18.45 0.92 -29.50
C VAL C 205 -18.09 -0.54 -29.27
N CYS C 206 -18.26 -1.03 -28.04
CA CYS C 206 -18.02 -2.46 -27.66
C CYS C 206 -19.36 -3.13 -27.32
N VAL C 207 -19.51 -4.38 -27.73
CA VAL C 207 -20.73 -5.22 -27.55
C VAL C 207 -20.31 -6.46 -26.76
N GLY C 208 -21.00 -6.75 -25.65
CA GLY C 208 -20.73 -7.91 -24.77
C GLY C 208 -21.95 -8.79 -24.60
N SER C 209 -21.86 -9.77 -23.71
CA SER C 209 -22.90 -10.81 -23.47
C SER C 209 -23.98 -10.28 -22.50
N ASP C 210 -23.62 -9.41 -21.56
CA ASP C 210 -24.56 -8.77 -20.60
C ASP C 210 -24.02 -7.40 -20.16
N VAL C 211 -24.90 -6.54 -19.64
CA VAL C 211 -24.61 -5.12 -19.29
C VAL C 211 -23.47 -5.03 -18.25
N THR C 212 -23.40 -5.97 -17.28
CA THR C 212 -22.37 -5.91 -16.20
C THR C 212 -20.99 -6.27 -16.76
N SER C 213 -20.89 -7.33 -17.58
CA SER C 213 -19.64 -7.81 -18.22
C SER C 213 -19.02 -6.69 -19.06
N ILE C 214 -19.82 -6.10 -19.96
CA ILE C 214 -19.33 -5.08 -20.95
C ILE C 214 -18.91 -3.82 -20.18
N HIS C 215 -19.68 -3.42 -19.16
CA HIS C 215 -19.34 -2.29 -18.27
C HIS C 215 -17.97 -2.52 -17.62
N LYS C 216 -17.75 -3.71 -17.06
CA LYS C 216 -16.48 -4.04 -16.36
C LYS C 216 -15.33 -3.98 -17.37
N TYR C 217 -15.53 -4.47 -18.60
CA TYR C 217 -14.50 -4.39 -19.67
C TYR C 217 -14.15 -2.92 -19.95
N MET C 218 -15.16 -2.06 -20.11
CA MET C 218 -14.98 -0.63 -20.48
C MET C 218 -14.28 0.10 -19.34
N VAL C 219 -14.70 -0.14 -18.09
CA VAL C 219 -14.14 0.50 -16.87
C VAL C 219 -12.66 0.11 -16.71
N ARG C 220 -12.32 -1.18 -16.87
CA ARG C 220 -10.93 -1.68 -16.71
C ARG C 220 -10.05 -1.08 -17.82
N ARG C 221 -10.62 -0.83 -19.00
CA ARG C 221 -9.88 -0.34 -20.18
C ARG C 221 -9.55 1.16 -20.00
N TYR C 222 -10.52 1.98 -19.57
CA TYR C 222 -10.47 3.46 -19.67
C TYR C 222 -10.21 4.13 -18.32
N PHE C 223 -10.72 3.63 -17.19
CA PHE C 223 -10.66 4.35 -15.88
C PHE C 223 -9.62 3.69 -14.96
N ASN C 224 -8.79 4.53 -14.30
CA ASN C 224 -7.85 4.11 -13.23
C ASN C 224 -8.63 3.91 -11.93
N LYS C 225 -8.11 3.07 -11.04
CA LYS C 225 -8.66 2.80 -9.69
C LYS C 225 -7.92 3.64 -8.66
N PRO C 226 -8.58 4.10 -7.57
CA PRO C 226 -7.85 4.65 -6.43
C PRO C 226 -7.09 3.50 -5.77
N SER C 227 -5.85 3.74 -5.32
CA SER C 227 -4.99 2.71 -4.70
C SER C 227 -5.00 2.87 -3.17
N ARG C 228 -5.73 3.86 -2.65
CA ARG C 228 -5.81 4.14 -1.19
C ARG C 228 -7.27 4.27 -0.77
N VAL C 229 -7.53 4.17 0.54
CA VAL C 229 -8.88 4.34 1.14
C VAL C 229 -8.81 5.54 2.09
N PRO C 230 -9.81 6.45 2.07
CA PRO C 230 -9.92 7.52 3.05
C PRO C 230 -10.01 7.00 4.50
N ALA C 231 -9.96 7.92 5.46
CA ALA C 231 -10.07 7.63 6.92
C ALA C 231 -11.28 6.73 7.17
N PRO C 232 -11.13 5.60 7.89
CA PRO C 232 -12.25 4.68 8.11
C PRO C 232 -13.47 5.32 8.80
N GLU C 233 -13.25 6.31 9.67
CA GLU C 233 -14.31 7.01 10.45
C GLU C 233 -15.26 7.75 9.50
N ALA C 234 -14.78 8.17 8.32
CA ALA C 234 -15.57 8.90 7.30
C ALA C 234 -16.64 7.98 6.68
N PHE C 235 -16.45 6.66 6.78
CA PHE C 235 -17.41 5.63 6.30
C PHE C 235 -18.35 5.17 7.43
N ARG C 236 -18.22 5.75 8.63
CA ARG C 236 -19.00 5.33 9.83
C ARG C 236 -19.70 6.55 10.43
N ASP C 237 -18.95 7.47 11.01
CA ASP C 237 -19.50 8.58 11.81
C ASP C 237 -19.99 9.69 10.88
N PRO C 238 -21.06 10.41 11.24
CA PRO C 238 -21.54 11.53 10.43
C PRO C 238 -20.49 12.65 10.33
N ILE C 239 -20.45 13.33 9.18
CA ILE C 239 -19.68 14.58 8.96
C ILE C 239 -20.61 15.75 9.28
N TRP C 240 -20.09 16.82 9.89
CA TRP C 240 -20.87 18.01 10.31
C TRP C 240 -20.31 19.25 9.62
N SER C 241 -21.11 19.87 8.74
CA SER C 241 -20.77 21.08 7.97
C SER C 241 -21.52 22.29 8.53
N THR C 242 -20.86 23.45 8.59
CA THR C 242 -21.45 24.73 9.08
C THR C 242 -22.31 25.38 8.00
N TRP C 243 -22.27 24.90 6.76
CA TRP C 243 -22.74 25.68 5.58
C TRP C 243 -24.27 25.92 5.62
N ALA C 244 -25.08 24.87 5.52
CA ALA C 244 -26.56 24.99 5.42
C ALA C 244 -27.10 25.60 6.72
N LEU C 245 -26.48 25.28 7.85
CA LEU C 245 -26.89 25.71 9.22
C LEU C 245 -26.70 27.22 9.38
N TYR C 246 -25.47 27.72 9.20
CA TYR C 246 -25.04 29.09 9.55
C TYR C 246 -24.85 29.97 8.31
N GLY C 247 -24.45 29.39 7.17
CA GLY C 247 -24.11 30.15 5.94
C GLY C 247 -22.83 30.95 6.10
N ARG C 248 -22.71 32.07 5.38
CA ARG C 248 -21.51 32.95 5.37
C ARG C 248 -21.22 33.46 6.80
N ALA C 249 -22.27 33.71 7.58
CA ALA C 249 -22.21 34.39 8.91
C ALA C 249 -21.58 33.49 9.99
N VAL C 250 -21.07 32.31 9.62
CA VAL C 250 -20.33 31.40 10.54
C VAL C 250 -19.29 32.20 11.33
N ASP C 251 -19.12 31.93 12.62
CA ASP C 251 -18.09 32.57 13.47
C ASP C 251 -17.59 31.57 14.52
N GLN C 252 -16.68 32.02 15.39
CA GLN C 252 -16.00 31.17 16.41
C GLN C 252 -17.02 30.61 17.41
N ASP C 253 -17.94 31.45 17.89
N ASP C 253 -17.94 31.45 17.89
CA ASP C 253 -18.97 31.07 18.89
CA ASP C 253 -18.98 31.08 18.88
C ASP C 253 -19.88 29.99 18.29
C ASP C 253 -19.88 29.99 18.29
N LYS C 254 -20.34 30.19 17.04
CA LYS C 254 -21.28 29.29 16.34
C LYS C 254 -20.63 27.92 16.12
N VAL C 255 -19.35 27.88 15.74
CA VAL C 255 -18.59 26.63 15.52
C VAL C 255 -18.55 25.84 16.84
N LEU C 256 -18.24 26.51 17.95
CA LEU C 256 -18.11 25.87 19.29
C LEU C 256 -19.48 25.42 19.82
N ARG C 257 -20.53 26.23 19.61
CA ARG C 257 -21.93 25.92 20.00
C ARG C 257 -22.41 24.69 19.21
N PHE C 258 -22.09 24.63 17.92
CA PHE C 258 -22.39 23.50 17.01
C PHE C 258 -21.73 22.22 17.55
N ALA C 259 -20.42 22.29 17.83
CA ALA C 259 -19.59 21.17 18.34
C ALA C 259 -20.19 20.66 19.65
N GLN C 260 -20.50 21.56 20.58
CA GLN C 260 -21.12 21.23 21.90
C GLN C 260 -22.44 20.47 21.66
N GLN C 261 -23.33 21.02 20.83
CA GLN C 261 -24.69 20.49 20.56
C GLN C 261 -24.61 19.08 19.95
N ILE C 262 -23.60 18.82 19.10
CA ILE C 262 -23.33 17.48 18.50
C ILE C 262 -23.07 16.48 19.63
N ARG C 263 -22.27 16.88 20.64
CA ARG C 263 -21.88 16.00 21.78
C ARG C 263 -23.08 15.78 22.72
N LEU C 264 -23.84 16.83 23.02
CA LEU C 264 -24.98 16.79 23.99
C LEU C 264 -26.10 15.90 23.44
N HIS C 265 -26.24 15.79 22.11
CA HIS C 265 -27.24 14.93 21.43
C HIS C 265 -26.64 13.55 21.10
N HIS C 266 -25.44 13.26 21.62
CA HIS C 266 -24.82 11.91 21.66
C HIS C 266 -24.54 11.38 20.25
N PHE C 267 -23.98 12.23 19.38
CA PHE C 267 -23.54 11.87 18.01
C PHE C 267 -22.01 11.80 17.96
N ASN C 268 -21.47 10.77 17.30
CA ASN C 268 -20.06 10.73 16.84
C ASN C 268 -19.89 11.74 15.70
N SER C 269 -18.64 12.05 15.36
CA SER C 269 -18.27 12.89 14.20
C SER C 269 -16.99 12.35 13.56
N SER C 270 -16.99 12.12 12.25
CA SER C 270 -15.76 11.90 11.46
C SER C 270 -14.89 13.16 11.62
N HIS C 271 -15.50 14.32 11.42
CA HIS C 271 -14.86 15.66 11.51
C HIS C 271 -15.92 16.75 11.38
N LEU C 272 -15.57 17.96 11.83
CA LEU C 272 -16.38 19.19 11.66
C LEU C 272 -15.75 20.00 10.51
N GLU C 273 -16.54 20.34 9.49
CA GLU C 273 -16.09 21.09 8.29
C GLU C 273 -16.54 22.54 8.43
N ILE C 274 -15.60 23.46 8.66
CA ILE C 274 -15.85 24.93 8.76
C ILE C 274 -15.86 25.49 7.34
N ASP C 275 -17.00 26.05 6.92
CA ASP C 275 -17.26 26.45 5.51
C ASP C 275 -17.11 27.98 5.36
N ASP C 276 -17.38 28.47 4.15
CA ASP C 276 -17.57 29.90 3.79
C ASP C 276 -18.38 30.59 4.89
N MET C 277 -17.94 31.73 5.46
CA MET C 277 -16.68 32.42 5.21
C MET C 277 -15.92 32.56 6.54
N TYR C 278 -14.65 32.13 6.59
CA TYR C 278 -13.79 32.25 7.80
C TYR C 278 -12.57 33.15 7.52
N THR C 279 -12.41 33.67 6.29
CA THR C 279 -11.28 34.56 5.89
C THR C 279 -11.78 36.00 5.77
N PRO C 280 -10.91 37.02 5.89
CA PRO C 280 -11.30 38.42 5.70
C PRO C 280 -11.74 38.73 4.25
N ALA C 281 -11.11 38.07 3.28
CA ALA C 281 -11.40 38.16 1.83
C ALA C 281 -11.06 36.83 1.16
N TYR C 282 -11.70 36.55 0.02
CA TYR C 282 -11.53 35.29 -0.75
C TYR C 282 -10.18 35.37 -1.48
N GLY C 283 -9.27 34.44 -1.15
CA GLY C 283 -7.86 34.47 -1.58
C GLY C 283 -6.92 34.50 -0.39
N ASP C 284 -7.32 35.15 0.71
CA ASP C 284 -6.64 35.06 2.03
C ASP C 284 -6.85 33.64 2.58
N PHE C 285 -5.85 33.09 3.28
CA PHE C 285 -5.87 31.70 3.79
C PHE C 285 -6.09 31.69 5.30
N ASP C 286 -5.56 32.68 6.04
CA ASP C 286 -5.68 32.74 7.52
C ASP C 286 -7.03 33.37 7.91
N PHE C 287 -7.39 33.21 9.18
CA PHE C 287 -8.75 33.49 9.73
C PHE C 287 -8.97 34.99 9.91
N ASP C 288 -10.20 35.44 9.61
CA ASP C 288 -10.74 36.77 9.96
C ASP C 288 -10.71 36.92 11.49
N GLU C 289 -9.86 37.81 12.01
CA GLU C 289 -9.61 38.00 13.47
C GLU C 289 -10.86 38.57 14.17
N VAL C 290 -11.80 39.15 13.42
CA VAL C 290 -13.08 39.69 13.98
C VAL C 290 -13.99 38.51 14.33
N LYS C 291 -14.33 37.67 13.36
CA LYS C 291 -15.27 36.53 13.53
C LYS C 291 -14.59 35.37 14.26
N PHE C 292 -13.25 35.32 14.27
CA PHE C 292 -12.43 34.28 14.96
C PHE C 292 -11.33 34.94 15.79
N PRO C 293 -11.70 35.62 16.91
CA PRO C 293 -10.71 36.33 17.74
C PRO C 293 -9.53 35.45 18.21
N ASN C 294 -9.78 34.19 18.56
CA ASN C 294 -8.71 33.25 19.02
C ASN C 294 -8.93 31.88 18.36
N ALA C 295 -8.56 31.79 17.08
CA ALA C 295 -8.66 30.56 16.25
C ALA C 295 -7.91 29.41 16.95
N SER C 296 -6.68 29.65 17.41
CA SER C 296 -5.82 28.65 18.12
C SER C 296 -6.61 27.98 19.24
N ASP C 297 -7.28 28.78 20.07
CA ASP C 297 -8.09 28.34 21.24
C ASP C 297 -9.31 27.54 20.74
N MET C 298 -9.98 28.02 19.70
CA MET C 298 -11.13 27.33 19.06
C MET C 298 -10.72 25.90 18.68
N PHE C 299 -9.57 25.75 18.00
CA PHE C 299 -9.06 24.44 17.52
C PHE C 299 -8.59 23.58 18.70
N ARG C 300 -8.03 24.19 19.75
CA ARG C 300 -7.60 23.49 20.98
C ARG C 300 -8.83 22.86 21.65
N ARG C 301 -9.93 23.63 21.77
CA ARG C 301 -11.21 23.20 22.39
C ARG C 301 -11.85 22.07 21.56
N LEU C 302 -11.86 22.22 20.23
CA LEU C 302 -12.40 21.20 19.30
C LEU C 302 -11.59 19.90 19.42
N ARG C 303 -10.26 19.99 19.48
CA ARG C 303 -9.35 18.82 19.65
C ARG C 303 -9.66 18.12 20.99
N ASP C 304 -9.78 18.87 22.08
CA ASP C 304 -10.09 18.37 23.45
C ASP C 304 -11.46 17.68 23.48
N ALA C 305 -12.42 18.14 22.66
CA ALA C 305 -13.80 17.60 22.60
C ALA C 305 -13.89 16.46 21.57
N GLY C 306 -12.76 16.04 20.97
CA GLY C 306 -12.66 14.87 20.09
C GLY C 306 -13.17 15.14 18.68
N PHE C 307 -12.87 16.33 18.14
CA PHE C 307 -13.24 16.74 16.76
C PHE C 307 -11.97 16.90 15.92
N ARG C 308 -11.84 16.11 14.85
CA ARG C 308 -11.00 16.44 13.67
C ARG C 308 -11.71 17.58 12.93
N VAL C 309 -10.97 18.45 12.23
CA VAL C 309 -11.54 19.63 11.53
C VAL C 309 -11.00 19.68 10.09
N THR C 310 -11.90 19.98 9.13
CA THR C 310 -11.55 20.30 7.72
C THR C 310 -12.00 21.74 7.42
N LEU C 311 -11.35 22.39 6.45
CA LEU C 311 -11.59 23.80 6.05
C LEU C 311 -11.97 23.87 4.57
N TRP C 312 -13.01 24.64 4.27
CA TRP C 312 -13.46 25.00 2.89
C TRP C 312 -12.40 25.87 2.21
N VAL C 313 -11.88 25.40 1.08
CA VAL C 313 -10.92 26.15 0.22
C VAL C 313 -11.44 26.10 -1.23
N HIS C 314 -10.85 26.93 -2.09
CA HIS C 314 -11.31 27.20 -3.47
C HIS C 314 -10.12 27.73 -4.28
N PRO C 315 -10.20 27.72 -5.63
CA PRO C 315 -9.06 28.11 -6.45
C PRO C 315 -8.99 29.61 -6.83
N PHE C 316 -9.84 30.44 -6.22
CA PHE C 316 -10.02 31.87 -6.59
C PHE C 316 -9.23 32.78 -5.66
N VAL C 317 -8.73 33.90 -6.22
CA VAL C 317 -8.19 35.06 -5.46
C VAL C 317 -8.90 36.31 -5.97
N ASN C 318 -9.83 36.86 -5.19
CA ASN C 318 -10.63 38.06 -5.54
C ASN C 318 -9.69 39.27 -5.62
N TYR C 319 -10.14 40.34 -6.28
CA TYR C 319 -9.31 41.55 -6.57
C TYR C 319 -9.01 42.30 -5.26
N ASN C 320 -9.89 42.21 -4.26
CA ASN C 320 -9.74 42.89 -2.95
C ASN C 320 -9.10 41.94 -1.92
N SER C 321 -8.59 40.77 -2.34
CA SER C 321 -7.74 39.89 -1.49
C SER C 321 -6.34 40.49 -1.38
N SER C 322 -5.75 40.43 -0.18
CA SER C 322 -4.36 40.88 0.08
CA SER C 322 -4.36 40.88 0.10
C SER C 322 -3.35 40.01 -0.67
N ARG C 323 -3.82 38.94 -1.32
CA ARG C 323 -2.98 37.95 -2.06
C ARG C 323 -3.10 38.15 -3.57
N PHE C 324 -4.03 38.97 -4.04
CA PHE C 324 -4.28 39.21 -5.50
C PHE C 324 -3.01 39.78 -6.15
N GLY C 325 -2.44 40.83 -5.55
CA GLY C 325 -1.20 41.47 -6.03
C GLY C 325 -0.08 40.45 -6.17
N GLU C 326 0.10 39.61 -5.16
CA GLU C 326 1.16 38.56 -5.12
C GLU C 326 1.00 37.60 -6.30
N GLY C 327 -0.23 37.15 -6.55
CA GLY C 327 -0.57 36.26 -7.68
C GLY C 327 -0.25 36.87 -9.03
N VAL C 328 -0.59 38.15 -9.24
CA VAL C 328 -0.35 38.90 -10.51
C VAL C 328 1.17 38.95 -10.76
N GLU C 329 1.94 39.37 -9.75
CA GLU C 329 3.40 39.65 -9.84
C GLU C 329 4.16 38.34 -10.06
N ARG C 330 3.69 37.24 -9.47
CA ARG C 330 4.38 35.91 -9.52
C ARG C 330 3.76 35.05 -10.64
N GLU C 331 2.71 35.57 -11.31
CA GLU C 331 2.08 34.98 -12.52
C GLU C 331 1.54 33.58 -12.22
N LEU C 332 0.77 33.45 -11.13
CA LEU C 332 0.24 32.17 -10.60
C LEU C 332 -1.17 31.90 -11.16
N PHE C 333 -1.72 32.83 -11.94
CA PHE C 333 -3.13 32.82 -12.39
C PHE C 333 -3.25 32.29 -13.82
N VAL C 334 -4.44 31.79 -14.14
CA VAL C 334 -4.89 31.47 -15.53
C VAL C 334 -4.87 32.78 -16.31
N ARG C 335 -4.33 32.74 -17.52
CA ARG C 335 -4.00 33.96 -18.31
C ARG C 335 -5.07 34.16 -19.39
N GLU C 336 -5.15 35.38 -19.94
CA GLU C 336 -5.90 35.69 -21.18
C GLU C 336 -5.18 34.98 -22.33
N PRO C 337 -5.80 34.86 -23.52
CA PRO C 337 -5.24 34.04 -24.61
C PRO C 337 -3.76 34.24 -25.02
N THR C 338 -3.21 35.46 -24.95
CA THR C 338 -1.80 35.74 -25.37
C THR C 338 -0.80 35.22 -24.31
N GLY C 339 -1.27 34.84 -23.13
CA GLY C 339 -0.45 34.20 -22.09
C GLY C 339 0.48 35.16 -21.36
N ARG C 340 0.13 36.45 -21.30
CA ARG C 340 0.98 37.50 -20.66
C ARG C 340 0.37 37.95 -19.32
N LEU C 341 -0.96 38.10 -19.23
CA LEU C 341 -1.63 38.73 -18.06
C LEU C 341 -2.68 37.77 -17.48
N PRO C 342 -3.03 37.91 -16.18
CA PRO C 342 -4.16 37.19 -15.61
C PRO C 342 -5.49 37.56 -16.31
N ALA C 343 -6.41 36.60 -16.39
CA ALA C 343 -7.80 36.78 -16.85
C ALA C 343 -8.72 36.79 -15.62
N LEU C 344 -9.56 37.82 -15.50
CA LEU C 344 -10.57 37.91 -14.41
C LEU C 344 -11.68 36.88 -14.67
N VAL C 345 -12.24 36.31 -13.59
CA VAL C 345 -13.40 35.38 -13.63
C VAL C 345 -14.43 35.87 -12.62
N ARG C 346 -15.70 35.52 -12.84
CA ARG C 346 -16.78 35.69 -11.84
C ARG C 346 -17.17 34.31 -11.30
N TRP C 347 -17.25 34.17 -9.98
CA TRP C 347 -17.85 33.01 -9.29
C TRP C 347 -18.92 33.52 -8.31
N TRP C 348 -19.57 32.62 -7.57
CA TRP C 348 -20.72 32.96 -6.71
C TRP C 348 -20.30 33.93 -5.59
N ASN C 349 -19.00 34.03 -5.28
CA ASN C 349 -18.46 34.93 -4.21
C ASN C 349 -17.68 36.12 -4.80
N GLY C 350 -17.83 36.42 -6.10
CA GLY C 350 -17.42 37.72 -6.68
C GLY C 350 -16.45 37.61 -7.85
N ILE C 351 -15.60 38.63 -8.01
CA ILE C 351 -14.69 38.81 -9.19
C ILE C 351 -13.24 38.76 -8.72
N GLY C 352 -12.42 37.97 -9.43
CA GLY C 352 -10.98 37.83 -9.16
C GLY C 352 -10.29 37.01 -10.24
N ALA C 353 -9.14 36.44 -9.89
CA ALA C 353 -8.39 35.50 -10.76
C ALA C 353 -8.62 34.09 -10.23
N VAL C 354 -8.18 33.09 -11.01
CA VAL C 354 -8.24 31.65 -10.65
C VAL C 354 -6.82 31.09 -10.82
N LEU C 355 -6.36 30.30 -9.84
CA LEU C 355 -4.99 29.77 -9.79
C LEU C 355 -4.80 28.77 -10.94
N ASP C 356 -3.62 28.79 -11.56
CA ASP C 356 -3.25 27.93 -12.72
C ASP C 356 -2.56 26.66 -12.16
N PHE C 357 -3.30 25.57 -12.06
CA PHE C 357 -2.81 24.29 -11.46
C PHE C 357 -1.98 23.50 -12.48
N THR C 358 -1.71 24.06 -13.67
CA THR C 358 -0.70 23.52 -14.62
C THR C 358 0.67 24.10 -14.27
N HIS C 359 0.71 25.17 -13.46
CA HIS C 359 1.92 25.94 -13.09
C HIS C 359 2.49 25.39 -11.78
N PRO C 360 3.68 24.75 -11.78
CA PRO C 360 4.29 24.25 -10.55
C PRO C 360 4.37 25.28 -9.42
N LYS C 361 4.60 26.55 -9.75
CA LYS C 361 4.75 27.66 -8.76
C LYS C 361 3.40 27.90 -8.07
N ALA C 362 2.30 27.91 -8.83
CA ALA C 362 0.93 28.13 -8.32
C ALA C 362 0.48 26.93 -7.48
N ARG C 363 0.90 25.71 -7.87
CA ARG C 363 0.64 24.46 -7.12
C ARG C 363 1.38 24.53 -5.77
N ASP C 364 2.66 24.93 -5.78
CA ASP C 364 3.50 25.01 -4.55
C ASP C 364 2.93 26.11 -3.64
N TRP C 365 2.46 27.22 -4.22
CA TRP C 365 1.88 28.38 -3.49
C TRP C 365 0.62 27.95 -2.74
N PHE C 366 -0.30 27.29 -3.43
CA PHE C 366 -1.58 26.76 -2.86
C PHE C 366 -1.26 25.77 -1.74
N GLN C 367 -0.43 24.76 -2.05
CA GLN C 367 0.00 23.70 -1.11
C GLN C 367 0.64 24.32 0.14
N GLY C 368 1.52 25.29 -0.05
CA GLY C 368 2.22 26.02 1.05
C GLY C 368 1.24 26.58 2.06
N HIS C 369 0.15 27.22 1.61
CA HIS C 369 -0.89 27.82 2.47
C HIS C 369 -1.69 26.71 3.18
N LEU C 370 -1.94 25.58 2.51
CA LEU C 370 -2.68 24.43 3.11
C LEU C 370 -1.82 23.80 4.20
N ARG C 371 -0.51 23.60 3.95
CA ARG C 371 0.45 23.01 4.91
C ARG C 371 0.60 23.94 6.12
N ARG C 372 0.50 25.26 5.91
CA ARG C 372 0.60 26.28 6.99
C ARG C 372 -0.63 26.17 7.89
N LEU C 373 -1.82 25.97 7.32
CA LEU C 373 -3.09 25.83 8.08
C LEU C 373 -3.05 24.54 8.92
N ARG C 374 -2.46 23.46 8.40
CA ARG C 374 -2.31 22.18 9.14
C ARG C 374 -1.29 22.34 10.25
N SER C 375 -0.13 22.91 9.91
CA SER C 375 1.00 23.14 10.86
C SER C 375 0.54 24.00 12.03
N ARG C 376 -0.25 25.05 11.77
CA ARG C 376 -0.63 26.08 12.77
C ARG C 376 -1.81 25.61 13.62
N TYR C 377 -2.85 25.05 12.99
CA TYR C 377 -4.18 24.80 13.62
C TYR C 377 -4.51 23.31 13.74
N SER C 378 -3.63 22.41 13.28
CA SER C 378 -3.82 20.92 13.26
C SER C 378 -5.11 20.53 12.51
N VAL C 379 -5.50 21.35 11.52
CA VAL C 379 -6.55 21.01 10.51
C VAL C 379 -6.14 19.71 9.83
N ALA C 380 -7.07 18.77 9.66
CA ALA C 380 -6.78 17.40 9.13
C ALA C 380 -6.67 17.44 7.60
N SER C 381 -7.61 18.11 6.94
CA SER C 381 -7.74 18.13 5.47
C SER C 381 -8.68 19.28 5.06
N PHE C 382 -9.12 19.30 3.79
CA PHE C 382 -9.82 20.46 3.20
C PHE C 382 -10.98 19.99 2.31
N LYS C 383 -12.05 20.79 2.29
CA LYS C 383 -13.11 20.76 1.26
C LYS C 383 -12.62 21.63 0.09
N PHE C 384 -12.21 20.98 -1.00
CA PHE C 384 -11.76 21.60 -2.26
C PHE C 384 -12.98 21.92 -3.12
N ASP C 385 -13.52 23.13 -2.98
CA ASP C 385 -14.77 23.56 -3.66
C ASP C 385 -14.45 24.10 -5.06
N ALA C 386 -15.48 24.28 -5.88
CA ALA C 386 -15.39 24.66 -7.30
C ALA C 386 -14.56 23.61 -8.05
N GLY C 387 -13.80 24.01 -9.08
CA GLY C 387 -12.93 23.12 -9.87
C GLY C 387 -13.44 22.91 -11.28
N GLU C 388 -14.63 23.44 -11.59
CA GLU C 388 -15.28 23.37 -12.93
C GLU C 388 -14.65 24.43 -13.84
N VAL C 389 -14.51 24.12 -15.13
CA VAL C 389 -13.93 25.02 -16.16
C VAL C 389 -14.98 26.04 -16.58
N SER C 390 -16.24 25.90 -16.16
CA SER C 390 -17.28 26.93 -16.38
C SER C 390 -16.95 28.19 -15.58
N TYR C 391 -16.03 28.12 -14.59
CA TYR C 391 -15.54 29.28 -13.80
C TYR C 391 -14.22 29.82 -14.38
N LEU C 392 -13.73 29.24 -15.47
CA LEU C 392 -12.60 29.79 -16.25
C LEU C 392 -13.17 30.64 -17.38
N PRO C 393 -12.39 31.57 -17.97
CA PRO C 393 -12.87 32.37 -19.10
C PRO C 393 -13.15 31.48 -20.32
N ARG C 394 -14.01 31.95 -21.24
CA ARG C 394 -14.30 31.27 -22.54
C ARG C 394 -12.97 30.82 -23.17
N ASP C 395 -12.08 31.78 -23.48
CA ASP C 395 -10.74 31.52 -24.07
C ASP C 395 -9.67 31.99 -23.09
N PHE C 396 -8.71 31.12 -22.77
CA PHE C 396 -7.62 31.35 -21.77
C PHE C 396 -6.35 30.62 -22.21
N SER C 397 -5.23 30.90 -21.55
CA SER C 397 -3.96 30.13 -21.68
C SER C 397 -3.46 29.79 -20.28
N THR C 398 -2.60 28.78 -20.19
CA THR C 398 -2.05 28.25 -18.91
C THR C 398 -0.58 27.95 -19.13
N TYR C 399 0.21 27.90 -18.05
CA TYR C 399 1.66 27.60 -18.06
C TYR C 399 1.95 26.44 -19.02
N ARG C 400 1.25 25.31 -18.84
CA ARG C 400 1.23 24.18 -19.81
C ARG C 400 -0.10 24.19 -20.55
N PRO C 401 -0.11 23.99 -21.89
CA PRO C 401 -1.35 24.10 -22.66
C PRO C 401 -2.34 22.97 -22.38
N LEU C 402 -3.64 23.31 -22.36
CA LEU C 402 -4.76 22.37 -22.11
C LEU C 402 -5.71 22.41 -23.30
N PRO C 403 -5.41 21.68 -24.41
CA PRO C 403 -6.33 21.59 -25.55
C PRO C 403 -7.71 21.08 -25.10
N ASP C 404 -7.73 20.12 -24.17
CA ASP C 404 -8.92 19.68 -23.41
C ASP C 404 -9.00 20.50 -22.11
N PRO C 405 -9.94 21.46 -21.99
CA PRO C 405 -9.94 22.39 -20.85
C PRO C 405 -10.24 21.72 -19.50
N SER C 406 -11.04 20.65 -19.50
CA SER C 406 -11.49 19.91 -18.28
C SER C 406 -10.29 19.28 -17.55
N VAL C 407 -9.13 19.13 -18.21
CA VAL C 407 -7.90 18.60 -17.56
C VAL C 407 -7.47 19.58 -16.46
N TRP C 408 -7.89 20.85 -16.52
CA TRP C 408 -7.69 21.83 -15.43
C TRP C 408 -8.36 21.31 -14.16
N SER C 409 -9.59 20.79 -14.26
CA SER C 409 -10.34 20.19 -13.14
C SER C 409 -9.50 19.06 -12.52
N ARG C 410 -9.00 18.13 -13.35
CA ARG C 410 -8.05 17.06 -12.92
C ARG C 410 -6.93 17.68 -12.09
N ARG C 411 -6.25 18.69 -12.65
CA ARG C 411 -5.02 19.30 -12.06
C ARG C 411 -5.36 19.90 -10.69
N TYR C 412 -6.55 20.51 -10.54
CA TYR C 412 -7.06 21.04 -9.26
C TYR C 412 -7.28 19.88 -8.27
N THR C 413 -7.86 18.77 -8.71
CA THR C 413 -8.19 17.62 -7.80
C THR C 413 -6.87 16.99 -7.30
N GLU C 414 -5.75 17.19 -8.00
CA GLU C 414 -4.42 16.67 -7.57
C GLU C 414 -3.99 17.38 -6.28
N MET C 415 -4.56 18.55 -5.98
CA MET C 415 -4.23 19.35 -4.77
C MET C 415 -4.72 18.61 -3.51
N ALA C 416 -5.68 17.68 -3.65
CA ALA C 416 -6.20 16.85 -2.54
C ALA C 416 -5.21 15.76 -2.14
N LEU C 417 -4.34 15.31 -3.07
CA LEU C 417 -3.52 14.07 -2.90
C LEU C 417 -2.78 14.06 -1.56
N PRO C 418 -2.09 15.14 -1.14
CA PRO C 418 -1.35 15.13 0.13
C PRO C 418 -2.24 15.08 1.38
N PHE C 419 -3.54 15.35 1.24
CA PHE C 419 -4.52 15.39 2.37
C PHE C 419 -5.74 14.50 2.06
N PHE C 420 -5.56 13.48 1.21
CA PHE C 420 -6.63 12.66 0.56
C PHE C 420 -7.54 12.03 1.63
N SER C 421 -6.95 11.69 2.77
CA SER C 421 -7.53 10.86 3.84
C SER C 421 -8.87 11.42 4.34
N LEU C 422 -9.02 12.75 4.38
CA LEU C 422 -10.27 13.43 4.83
C LEU C 422 -10.64 14.57 3.87
N ALA C 423 -10.20 14.50 2.62
CA ALA C 423 -10.44 15.53 1.59
C ALA C 423 -11.74 15.19 0.84
N GLU C 424 -12.44 16.24 0.37
CA GLU C 424 -13.48 16.09 -0.69
C GLU C 424 -13.19 17.07 -1.82
N VAL C 425 -13.53 16.65 -3.04
CA VAL C 425 -13.60 17.48 -4.27
C VAL C 425 -15.01 17.31 -4.82
N ARG C 426 -15.46 18.22 -5.69
CA ARG C 426 -16.82 18.15 -6.30
C ARG C 426 -16.69 18.05 -7.82
N VAL C 427 -15.48 17.80 -8.32
CA VAL C 427 -15.22 17.60 -9.78
C VAL C 427 -14.36 16.36 -9.95
N GLY C 428 -14.51 15.71 -11.10
CA GLY C 428 -13.74 14.53 -11.50
C GLY C 428 -13.63 14.47 -13.00
N TYR C 429 -12.41 14.57 -13.51
CA TYR C 429 -12.06 14.40 -14.94
C TYR C 429 -10.82 13.53 -14.97
N GLN C 430 -11.02 12.22 -15.11
CA GLN C 430 -9.95 11.20 -14.94
C GLN C 430 -9.31 11.39 -13.56
N SER C 431 -10.11 11.72 -12.55
CA SER C 431 -9.67 11.93 -11.13
C SER C 431 -9.86 10.64 -10.30
N GLN C 432 -10.22 9.51 -10.93
CA GLN C 432 -10.62 8.25 -10.24
C GLN C 432 -9.50 7.75 -9.32
N ASN C 433 -8.22 7.94 -9.69
CA ASN C 433 -7.06 7.39 -8.91
C ASN C 433 -6.68 8.37 -7.78
N ILE C 434 -7.42 9.47 -7.62
CA ILE C 434 -7.31 10.36 -6.43
C ILE C 434 -8.24 9.81 -5.35
N SER C 435 -7.66 9.24 -4.29
CA SER C 435 -8.33 8.33 -3.32
C SER C 435 -9.06 9.15 -2.24
N CYS C 436 -9.69 10.26 -2.60
CA CYS C 436 -10.47 11.12 -1.66
C CYS C 436 -11.96 10.94 -1.95
N PHE C 437 -12.82 11.67 -1.23
CA PHE C 437 -14.28 11.67 -1.43
C PHE C 437 -14.65 12.64 -2.56
N PHE C 438 -15.73 12.30 -3.28
CA PHE C 438 -16.30 13.09 -4.39
C PHE C 438 -17.72 13.47 -3.99
N ARG C 439 -17.96 14.78 -3.82
CA ARG C 439 -19.26 15.32 -3.35
C ARG C 439 -20.11 15.67 -4.58
N LEU C 440 -21.37 15.26 -4.56
CA LEU C 440 -22.42 15.72 -5.49
C LEU C 440 -22.57 17.24 -5.33
N VAL C 441 -22.79 17.98 -6.42
CA VAL C 441 -23.02 19.44 -6.34
C VAL C 441 -24.31 19.67 -5.54
N ASN C 442 -24.34 20.79 -4.81
CA ASN C 442 -25.44 21.25 -3.91
C ASN C 442 -26.76 20.56 -4.25
N ARG C 443 -27.28 19.75 -3.32
CA ARG C 443 -28.68 19.23 -3.38
C ARG C 443 -29.60 20.32 -2.81
N ASP C 444 -30.76 20.52 -3.43
CA ASP C 444 -31.82 21.42 -2.90
C ASP C 444 -32.77 20.63 -1.99
N SER C 445 -33.35 21.31 -1.01
CA SER C 445 -34.31 20.78 -0.02
C SER C 445 -35.68 20.62 -0.68
N VAL C 446 -35.76 19.81 -1.73
CA VAL C 446 -37.00 19.43 -2.45
C VAL C 446 -37.01 17.91 -2.66
N TRP C 447 -38.15 17.37 -3.08
CA TRP C 447 -38.39 15.91 -3.21
C TRP C 447 -37.88 15.37 -4.55
N GLY C 448 -37.84 16.22 -5.59
CA GLY C 448 -37.80 15.80 -6.99
C GLY C 448 -36.40 15.45 -7.50
N TYR C 449 -36.31 15.19 -8.80
CA TYR C 449 -35.07 14.79 -9.51
C TYR C 449 -34.18 16.01 -9.80
N ASP C 450 -34.72 17.21 -9.63
CA ASP C 450 -33.99 18.50 -9.82
C ASP C 450 -33.20 18.80 -8.54
N LEU C 451 -32.11 18.05 -8.33
CA LEU C 451 -31.17 18.17 -7.18
C LEU C 451 -31.85 17.84 -5.86
N GLY C 452 -32.99 17.15 -5.88
CA GLY C 452 -33.77 16.82 -4.68
C GLY C 452 -33.55 15.39 -4.22
N LEU C 453 -34.42 14.90 -3.32
CA LEU C 453 -34.30 13.55 -2.71
C LEU C 453 -34.21 12.49 -3.82
N ARG C 454 -35.07 12.58 -4.84
CA ARG C 454 -35.16 11.57 -5.94
C ARG C 454 -33.91 11.62 -6.84
N SER C 455 -33.13 12.71 -6.80
CA SER C 455 -31.87 12.85 -7.59
C SER C 455 -30.75 12.00 -6.96
N LEU C 456 -30.85 11.66 -5.67
CA LEU C 456 -29.70 11.11 -4.90
C LEU C 456 -29.23 9.79 -5.51
N ILE C 457 -30.14 8.82 -5.67
CA ILE C 457 -29.77 7.45 -6.12
C ILE C 457 -29.28 7.51 -7.57
N PRO C 458 -30.01 8.16 -8.50
CA PRO C 458 -29.49 8.38 -9.87
C PRO C 458 -28.09 9.00 -9.90
N ALA C 459 -27.84 10.04 -9.09
CA ALA C 459 -26.57 10.79 -9.09
C ALA C 459 -25.44 9.92 -8.53
N VAL C 460 -25.68 9.20 -7.44
CA VAL C 460 -24.66 8.33 -6.78
C VAL C 460 -24.33 7.16 -7.72
N LEU C 461 -25.35 6.58 -8.37
CA LEU C 461 -25.19 5.46 -9.32
C LEU C 461 -24.38 5.92 -10.52
N THR C 462 -24.74 7.07 -11.10
CA THR C 462 -24.03 7.70 -12.25
C THR C 462 -22.55 7.86 -11.90
N VAL C 463 -22.24 8.44 -10.75
CA VAL C 463 -20.84 8.72 -10.29
C VAL C 463 -20.10 7.40 -10.04
N SER C 464 -20.73 6.43 -9.36
CA SER C 464 -20.18 5.06 -9.11
C SER C 464 -19.78 4.39 -10.43
N MET C 465 -20.65 4.49 -11.44
CA MET C 465 -20.47 3.95 -12.81
C MET C 465 -19.17 4.47 -13.44
N LEU C 466 -18.79 5.72 -13.15
CA LEU C 466 -17.63 6.39 -13.77
C LEU C 466 -16.33 6.01 -13.03
N GLY C 467 -16.40 5.15 -12.01
CA GLY C 467 -15.22 4.60 -11.32
C GLY C 467 -14.83 5.41 -10.09
N TYR C 468 -15.74 6.21 -9.55
CA TYR C 468 -15.56 7.02 -8.31
C TYR C 468 -16.29 6.33 -7.16
N PRO C 469 -15.61 5.46 -6.39
CA PRO C 469 -16.28 4.67 -5.36
C PRO C 469 -16.68 5.47 -4.11
N PHE C 470 -15.84 6.41 -3.68
CA PHE C 470 -15.99 7.13 -2.39
C PHE C 470 -16.85 8.39 -2.62
N ILE C 471 -18.17 8.24 -2.54
CA ILE C 471 -19.15 9.31 -2.92
C ILE C 471 -19.78 9.90 -1.64
N LEU C 472 -19.82 11.23 -1.56
CA LEU C 472 -20.51 12.01 -0.50
C LEU C 472 -21.70 12.71 -1.14
N PRO C 473 -22.95 12.29 -0.85
CA PRO C 473 -24.15 12.89 -1.46
C PRO C 473 -24.54 14.27 -0.90
N ASP C 474 -23.56 15.18 -0.80
CA ASP C 474 -23.75 16.57 -0.31
C ASP C 474 -24.36 16.55 1.11
N MET C 475 -25.43 17.32 1.36
CA MET C 475 -25.94 17.65 2.73
C MET C 475 -27.26 16.88 2.96
N VAL C 476 -27.38 16.22 4.11
CA VAL C 476 -28.67 15.62 4.56
C VAL C 476 -29.71 16.76 4.61
N GLY C 477 -30.79 16.61 3.86
CA GLY C 477 -31.93 17.55 3.83
C GLY C 477 -31.75 18.64 2.78
N GLY C 478 -30.57 18.72 2.16
CA GLY C 478 -30.23 19.76 1.17
C GLY C 478 -29.72 21.03 1.82
N ASN C 479 -29.58 22.09 1.03
CA ASN C 479 -28.89 23.36 1.42
C ASN C 479 -29.90 24.39 1.93
N ALA C 480 -31.20 24.11 1.86
CA ALA C 480 -32.28 24.96 2.41
C ALA C 480 -32.15 26.38 1.86
N VAL C 481 -32.06 26.52 0.55
CA VAL C 481 -32.07 27.85 -0.14
C VAL C 481 -33.52 28.29 -0.21
N PRO C 482 -33.86 29.51 0.28
CA PRO C 482 -35.23 30.02 0.17
C PRO C 482 -35.68 30.02 -1.31
N GLN C 483 -36.90 29.57 -1.57
CA GLN C 483 -37.53 29.51 -2.93
C GLN C 483 -37.08 28.24 -3.66
N ARG C 484 -36.18 27.46 -3.05
CA ARG C 484 -35.79 26.09 -3.49
C ARG C 484 -35.88 25.13 -2.28
N THR C 485 -36.89 25.32 -1.43
CA THR C 485 -37.09 24.53 -0.18
C THR C 485 -38.57 24.18 -0.03
N ALA C 486 -38.89 22.88 -0.02
CA ALA C 486 -40.22 22.36 0.39
C ALA C 486 -40.35 22.51 1.90
N GLY C 487 -41.00 23.59 2.36
CA GLY C 487 -41.23 23.91 3.79
C GLY C 487 -40.70 25.27 4.21
N GLY C 488 -40.41 26.18 3.28
CA GLY C 488 -39.95 27.55 3.59
C GLY C 488 -38.52 27.59 4.14
N ASP C 489 -38.38 27.59 5.47
CA ASP C 489 -37.16 28.00 6.22
C ASP C 489 -36.14 26.85 6.24
N VAL C 490 -36.58 25.63 6.60
CA VAL C 490 -35.79 24.37 6.51
C VAL C 490 -36.62 23.36 5.74
N PRO C 491 -36.01 22.26 5.24
CA PRO C 491 -36.79 21.18 4.63
C PRO C 491 -37.87 20.71 5.62
N GLU C 492 -39.09 20.46 5.11
CA GLU C 492 -40.21 19.93 5.93
C GLU C 492 -39.76 18.62 6.58
N ARG C 493 -40.32 18.34 7.75
CA ARG C 493 -39.94 17.25 8.70
C ARG C 493 -39.75 15.91 7.96
N GLU C 494 -40.72 15.55 7.13
CA GLU C 494 -40.80 14.23 6.45
C GLU C 494 -39.67 14.11 5.42
N LEU C 495 -39.37 15.20 4.71
CA LEU C 495 -38.27 15.26 3.71
C LEU C 495 -36.94 15.03 4.41
N TYR C 496 -36.70 15.71 5.52
CA TYR C 496 -35.45 15.60 6.33
C TYR C 496 -35.24 14.14 6.76
N ILE C 497 -36.28 13.49 7.30
CA ILE C 497 -36.24 12.11 7.84
C ILE C 497 -35.92 11.14 6.69
N ARG C 498 -36.70 11.16 5.62
CA ARG C 498 -36.52 10.25 4.46
C ARG C 498 -35.11 10.41 3.88
N TRP C 499 -34.61 11.64 3.81
CA TRP C 499 -33.25 11.97 3.27
C TRP C 499 -32.18 11.36 4.18
N LEU C 500 -32.26 11.68 5.48
CA LEU C 500 -31.41 11.15 6.58
C LEU C 500 -31.30 9.62 6.44
N GLU C 501 -32.43 8.95 6.20
CA GLU C 501 -32.53 7.47 6.16
C GLU C 501 -31.72 6.93 4.97
N VAL C 502 -31.93 7.46 3.77
CA VAL C 502 -31.22 6.96 2.55
C VAL C 502 -29.74 7.36 2.67
N ALA C 503 -29.45 8.52 3.25
CA ALA C 503 -28.07 9.06 3.39
C ALA C 503 -27.25 8.16 4.31
N ALA C 504 -27.89 7.50 5.28
CA ALA C 504 -27.24 6.60 6.27
C ALA C 504 -26.65 5.37 5.57
N PHE C 505 -27.07 5.05 4.35
CA PHE C 505 -26.64 3.85 3.60
C PHE C 505 -25.66 4.20 2.47
N MET C 506 -25.30 5.48 2.30
CA MET C 506 -24.34 5.94 1.27
C MET C 506 -22.92 5.96 1.86
N PRO C 507 -21.85 5.97 1.03
CA PRO C 507 -20.49 5.77 1.55
C PRO C 507 -20.02 6.77 2.62
N ALA C 508 -20.38 8.05 2.48
CA ALA C 508 -20.15 9.09 3.51
C ALA C 508 -21.46 9.82 3.78
N MET C 509 -21.67 10.26 5.02
CA MET C 509 -22.91 10.92 5.49
C MET C 509 -22.56 12.27 6.13
N GLN C 510 -23.16 13.34 5.62
CA GLN C 510 -22.86 14.73 6.09
C GLN C 510 -24.17 15.41 6.48
N PHE C 511 -24.30 15.77 7.76
CA PHE C 511 -25.32 16.71 8.30
C PHE C 511 -24.78 18.14 8.18
N SER C 512 -25.68 19.11 8.00
CA SER C 512 -25.42 20.54 8.29
C SER C 512 -26.56 21.05 9.18
N ILE C 513 -27.75 21.22 8.62
CA ILE C 513 -28.98 21.48 9.44
C ILE C 513 -29.18 20.24 10.30
N PRO C 514 -29.06 20.37 11.64
CA PRO C 514 -28.98 19.20 12.52
C PRO C 514 -30.35 18.64 12.90
N PRO C 515 -30.41 17.36 13.34
CA PRO C 515 -31.68 16.75 13.77
C PRO C 515 -32.45 17.55 14.84
N TRP C 516 -31.75 18.19 15.78
CA TRP C 516 -32.35 18.92 16.94
C TRP C 516 -32.91 20.28 16.51
N ARG C 517 -32.79 20.64 15.23
CA ARG C 517 -33.52 21.78 14.62
C ARG C 517 -35.02 21.44 14.58
N TYR C 518 -35.37 20.15 14.58
CA TYR C 518 -36.75 19.66 14.37
C TYR C 518 -37.41 19.36 15.73
N ASP C 519 -37.25 18.12 16.24
CA ASP C 519 -37.91 17.64 17.48
C ASP C 519 -37.22 16.36 17.96
N ALA C 520 -37.58 15.89 19.16
CA ALA C 520 -36.93 14.75 19.85
C ALA C 520 -37.05 13.48 19.02
N GLU C 521 -38.14 13.30 18.27
CA GLU C 521 -38.37 12.10 17.43
C GLU C 521 -37.40 12.10 16.25
N VAL C 522 -37.25 13.23 15.56
CA VAL C 522 -36.26 13.39 14.45
C VAL C 522 -34.86 13.07 15.00
N VAL C 523 -34.51 13.58 16.18
CA VAL C 523 -33.22 13.30 16.87
C VAL C 523 -33.09 11.78 17.10
N ALA C 524 -34.13 11.17 17.67
CA ALA C 524 -34.19 9.72 17.96
C ALA C 524 -34.01 8.92 16.66
N ILE C 525 -34.69 9.31 15.58
CA ILE C 525 -34.58 8.63 14.26
C ILE C 525 -33.12 8.72 13.77
N ALA C 526 -32.50 9.90 13.89
CA ALA C 526 -31.10 10.15 13.46
C ALA C 526 -30.15 9.26 14.27
N GLN C 527 -30.35 9.17 15.60
CA GLN C 527 -29.55 8.31 16.52
C GLN C 527 -29.68 6.84 16.12
N LYS C 528 -30.89 6.41 15.76
CA LYS C 528 -31.18 5.02 15.30
C LYS C 528 -30.40 4.75 14.01
N PHE C 529 -30.43 5.67 13.05
CA PHE C 529 -29.81 5.47 11.72
C PHE C 529 -28.28 5.60 11.83
N ALA C 530 -27.79 6.41 12.79
CA ALA C 530 -26.35 6.48 13.13
C ALA C 530 -25.88 5.11 13.65
N ALA C 531 -26.63 4.53 14.58
CA ALA C 531 -26.31 3.21 15.20
C ALA C 531 -26.37 2.11 14.13
N LEU C 532 -27.42 2.13 13.28
CA LEU C 532 -27.61 1.14 12.19
C LEU C 532 -26.46 1.27 11.17
N ARG C 533 -26.11 2.49 10.77
CA ARG C 533 -24.96 2.79 9.89
C ARG C 533 -23.70 2.17 10.48
N ALA C 534 -23.42 2.42 11.76
CA ALA C 534 -22.21 1.96 12.49
C ALA C 534 -22.11 0.43 12.53
N SER C 535 -23.21 -0.29 12.77
CA SER C 535 -23.20 -1.76 13.02
C SER C 535 -23.42 -2.57 11.74
N LEU C 536 -24.27 -2.11 10.81
CA LEU C 536 -24.62 -2.84 9.56
C LEU C 536 -23.83 -2.30 8.36
N VAL C 537 -23.91 -0.98 8.11
CA VAL C 537 -23.47 -0.36 6.83
C VAL C 537 -21.95 -0.19 6.81
N ALA C 538 -21.38 0.42 7.85
CA ALA C 538 -19.95 0.87 7.91
C ALA C 538 -18.99 -0.31 7.74
N PRO C 539 -19.16 -1.46 8.43
CA PRO C 539 -18.25 -2.60 8.23
C PRO C 539 -18.22 -3.04 6.76
N LEU C 540 -19.35 -3.00 6.06
CA LEU C 540 -19.49 -3.43 4.64
C LEU C 540 -18.86 -2.39 3.71
N LEU C 541 -19.09 -1.09 3.96
CA LEU C 541 -18.46 0.04 3.21
C LEU C 541 -16.94 -0.10 3.25
N LEU C 542 -16.36 -0.39 4.43
CA LEU C 542 -14.89 -0.48 4.64
C LEU C 542 -14.33 -1.72 3.92
N GLU C 543 -15.04 -2.85 3.96
CA GLU C 543 -14.63 -4.08 3.23
C GLU C 543 -14.58 -3.77 1.73
N LEU C 544 -15.65 -3.16 1.19
CA LEU C 544 -15.82 -2.88 -0.26
C LEU C 544 -14.79 -1.81 -0.69
N ALA C 545 -14.51 -0.84 0.17
CA ALA C 545 -13.50 0.23 -0.04
C ALA C 545 -12.10 -0.39 -0.20
N GLY C 546 -11.73 -1.32 0.70
CA GLY C 546 -10.46 -2.06 0.65
C GLY C 546 -10.37 -2.95 -0.59
N GLU C 547 -11.52 -3.34 -1.14
CA GLU C 547 -11.65 -4.24 -2.30
C GLU C 547 -11.47 -3.44 -3.61
N VAL C 548 -11.81 -2.15 -3.61
CA VAL C 548 -11.71 -1.24 -4.81
C VAL C 548 -10.32 -1.38 -5.42
N THR C 549 -9.28 -1.23 -4.61
CA THR C 549 -7.84 -1.24 -5.01
C THR C 549 -7.58 -2.44 -5.94
N ASP C 550 -8.22 -3.60 -5.68
CA ASP C 550 -8.01 -4.88 -6.40
C ASP C 550 -9.01 -5.03 -7.57
N THR C 551 -10.30 -4.88 -7.31
CA THR C 551 -11.40 -5.21 -8.27
C THR C 551 -11.71 -4.02 -9.19
N GLY C 552 -11.57 -2.79 -8.69
CA GLY C 552 -12.01 -1.57 -9.39
C GLY C 552 -13.53 -1.44 -9.41
N ASP C 553 -14.26 -2.26 -8.66
CA ASP C 553 -15.74 -2.24 -8.62
C ASP C 553 -16.21 -1.12 -7.68
N PRO C 554 -17.32 -0.44 -8.00
CA PRO C 554 -17.87 0.60 -7.12
C PRO C 554 -18.44 0.01 -5.82
N ILE C 555 -18.73 0.88 -4.85
CA ILE C 555 -19.33 0.50 -3.53
C ILE C 555 -20.85 0.47 -3.70
N VAL C 556 -21.44 1.58 -4.16
CA VAL C 556 -22.89 1.68 -4.48
C VAL C 556 -23.11 1.15 -5.90
N ARG C 557 -23.91 0.10 -6.02
CA ARG C 557 -24.15 -0.67 -7.28
C ARG C 557 -25.63 -0.57 -7.65
N PRO C 558 -25.98 -0.53 -8.96
CA PRO C 558 -27.37 -0.63 -9.38
C PRO C 558 -27.89 -2.07 -9.23
N LEU C 559 -29.20 -2.27 -9.15
CA LEU C 559 -29.82 -3.62 -9.01
C LEU C 559 -29.32 -4.51 -10.16
N TRP C 560 -29.13 -3.95 -11.36
CA TRP C 560 -28.78 -4.73 -12.58
C TRP C 560 -27.35 -5.26 -12.48
N TRP C 561 -26.53 -4.75 -11.56
CA TRP C 561 -25.16 -5.26 -11.31
C TRP C 561 -25.19 -6.79 -11.13
N ILE C 562 -26.10 -7.29 -10.27
CA ILE C 562 -26.19 -8.74 -9.91
C ILE C 562 -27.23 -9.43 -10.80
N ALA C 563 -28.16 -8.68 -11.41
CA ALA C 563 -29.25 -9.19 -12.27
C ALA C 563 -29.19 -8.53 -13.64
N PRO C 564 -28.11 -8.74 -14.42
CA PRO C 564 -27.91 -7.98 -15.67
C PRO C 564 -28.92 -8.29 -16.78
N GLY C 565 -29.59 -9.44 -16.72
CA GLY C 565 -30.61 -9.84 -17.71
C GLY C 565 -32.01 -9.46 -17.28
N ASP C 566 -32.17 -8.59 -16.28
CA ASP C 566 -33.47 -8.29 -15.62
C ASP C 566 -33.93 -6.88 -16.02
N GLU C 567 -35.01 -6.79 -16.81
CA GLU C 567 -35.54 -5.53 -17.41
C GLU C 567 -36.01 -4.59 -16.30
N THR C 568 -36.54 -5.12 -15.19
CA THR C 568 -37.02 -4.32 -14.03
C THR C 568 -35.81 -3.70 -13.31
N ALA C 569 -34.76 -4.49 -13.10
CA ALA C 569 -33.48 -4.05 -12.48
C ALA C 569 -32.83 -2.95 -13.34
N HIS C 570 -33.00 -3.00 -14.66
CA HIS C 570 -32.48 -2.00 -15.63
C HIS C 570 -33.14 -0.64 -15.36
N ARG C 571 -34.42 -0.62 -14.98
CA ARG C 571 -35.28 0.60 -14.92
C ARG C 571 -35.27 1.27 -13.54
N ILE C 572 -35.02 0.52 -12.46
CA ILE C 572 -35.30 0.97 -11.06
C ILE C 572 -34.33 2.08 -10.66
N ASP C 573 -34.86 3.20 -10.15
CA ASP C 573 -34.10 4.40 -9.69
C ASP C 573 -34.35 4.68 -8.20
N SER C 574 -35.16 3.86 -7.54
CA SER C 574 -35.63 4.03 -6.14
C SER C 574 -35.00 2.97 -5.23
N GLN C 575 -34.14 2.11 -5.77
CA GLN C 575 -33.39 1.07 -5.02
C GLN C 575 -31.94 1.04 -5.50
N PHE C 576 -31.04 0.56 -4.65
CA PHE C 576 -29.60 0.38 -4.94
C PHE C 576 -29.04 -0.73 -4.06
N LEU C 577 -27.83 -1.18 -4.39
CA LEU C 577 -27.04 -2.19 -3.65
C LEU C 577 -25.84 -1.50 -3.00
N ILE C 578 -25.47 -1.95 -1.79
CA ILE C 578 -24.11 -1.78 -1.22
C ILE C 578 -23.41 -3.13 -1.41
N GLY C 579 -22.37 -3.17 -2.25
CA GLY C 579 -21.77 -4.42 -2.74
C GLY C 579 -22.81 -5.23 -3.50
N ASP C 580 -22.79 -6.56 -3.36
CA ASP C 580 -23.75 -7.48 -4.02
C ASP C 580 -24.82 -7.93 -3.02
N THR C 581 -24.64 -7.69 -1.72
CA THR C 581 -25.34 -8.45 -0.63
C THR C 581 -26.28 -7.58 0.20
N LEU C 582 -26.26 -6.25 0.07
CA LEU C 582 -27.19 -5.36 0.84
C LEU C 582 -28.04 -4.55 -0.13
N LEU C 583 -29.34 -4.84 -0.18
CA LEU C 583 -30.33 -4.19 -1.07
C LEU C 583 -31.14 -3.19 -0.24
N VAL C 584 -31.20 -1.92 -0.68
CA VAL C 584 -31.82 -0.79 0.06
C VAL C 584 -32.98 -0.23 -0.77
N ALA C 585 -34.14 -0.03 -0.14
CA ALA C 585 -35.39 0.44 -0.77
C ALA C 585 -36.02 1.52 0.11
N PRO C 586 -35.52 2.76 0.06
CA PRO C 586 -36.05 3.84 0.90
C PRO C 586 -37.38 4.38 0.37
N VAL C 587 -38.21 4.94 1.26
CA VAL C 587 -39.40 5.73 0.86
C VAL C 587 -38.91 7.11 0.41
N LEU C 588 -39.37 7.55 -0.77
CA LEU C 588 -38.88 8.78 -1.45
C LEU C 588 -40.06 9.69 -1.78
N GLU C 589 -41.22 9.48 -1.12
CA GLU C 589 -42.46 10.26 -1.39
C GLU C 589 -43.09 10.70 -0.07
N PRO C 590 -43.68 11.92 -0.01
CA PRO C 590 -44.37 12.38 1.20
C PRO C 590 -45.69 11.63 1.42
N GLY C 591 -46.05 11.44 2.69
CA GLY C 591 -47.34 10.85 3.12
C GLY C 591 -47.46 9.38 2.79
N LYS C 592 -46.35 8.63 2.86
CA LYS C 592 -46.29 7.18 2.52
C LYS C 592 -45.64 6.43 3.68
N GLN C 593 -46.31 5.37 4.16
CA GLN C 593 -45.80 4.41 5.18
C GLN C 593 -45.61 3.04 4.52
N GLU C 594 -45.57 3.00 3.18
CA GLU C 594 -45.31 1.79 2.39
C GLU C 594 -44.82 2.18 0.99
N ARG C 595 -44.07 1.28 0.35
CA ARG C 595 -43.68 1.38 -1.08
C ARG C 595 -43.63 -0.02 -1.68
N ASP C 596 -43.62 -0.12 -3.01
CA ASP C 596 -43.33 -1.38 -3.75
C ASP C 596 -41.82 -1.61 -3.70
N VAL C 597 -41.41 -2.84 -3.40
CA VAL C 597 -39.97 -3.25 -3.36
C VAL C 597 -39.79 -4.43 -4.32
N TYR C 598 -38.85 -4.30 -5.28
CA TYR C 598 -38.47 -5.39 -6.21
C TYR C 598 -37.27 -6.14 -5.63
N LEU C 599 -37.40 -7.46 -5.46
CA LEU C 599 -36.28 -8.37 -5.16
C LEU C 599 -35.94 -9.15 -6.42
N PRO C 600 -34.69 -9.08 -6.92
CA PRO C 600 -34.28 -9.92 -8.05
C PRO C 600 -34.03 -11.37 -7.61
N ALA C 601 -33.63 -12.25 -8.53
CA ALA C 601 -33.33 -13.68 -8.27
C ALA C 601 -32.40 -13.81 -7.06
N GLY C 602 -32.44 -14.96 -6.39
CA GLY C 602 -31.69 -15.22 -5.15
C GLY C 602 -32.57 -15.02 -3.92
N LYS C 603 -32.08 -15.42 -2.75
CA LYS C 603 -32.83 -15.34 -1.46
C LYS C 603 -32.40 -14.09 -0.71
N TRP C 604 -33.39 -13.35 -0.18
CA TRP C 604 -33.21 -12.07 0.55
C TRP C 604 -33.87 -12.14 1.93
N ARG C 605 -33.10 -11.81 2.97
CA ARG C 605 -33.59 -11.69 4.36
C ARG C 605 -33.83 -10.20 4.65
N SER C 606 -35.08 -9.84 4.97
CA SER C 606 -35.49 -8.45 5.28
C SER C 606 -34.92 -8.04 6.64
N TYR C 607 -34.99 -6.75 6.96
CA TYR C 607 -34.49 -6.13 8.21
C TYR C 607 -35.28 -6.69 9.40
N LYS C 608 -36.50 -7.19 9.16
CA LYS C 608 -37.38 -7.78 10.22
C LYS C 608 -37.16 -9.30 10.34
N GLY C 609 -36.38 -9.90 9.44
CA GLY C 609 -36.00 -11.33 9.46
C GLY C 609 -36.76 -12.16 8.44
N GLU C 610 -37.68 -11.57 7.66
CA GLU C 610 -38.50 -12.29 6.64
C GLU C 610 -37.57 -12.85 5.56
N LEU C 611 -37.65 -14.15 5.26
CA LEU C 611 -36.87 -14.78 4.15
C LEU C 611 -37.76 -14.81 2.90
N PHE C 612 -37.39 -14.04 1.88
CA PHE C 612 -38.03 -14.06 0.54
C PHE C 612 -37.16 -14.90 -0.40
N ASP C 613 -37.63 -16.11 -0.73
CA ASP C 613 -36.87 -17.08 -1.55
C ASP C 613 -37.70 -17.50 -2.77
N LYS C 614 -38.83 -16.83 -3.04
CA LYS C 614 -39.62 -17.00 -4.29
C LYS C 614 -39.44 -15.73 -5.12
N THR C 615 -38.36 -15.66 -5.89
CA THR C 615 -37.83 -14.44 -6.55
C THR C 615 -37.45 -14.77 -7.99
N PRO C 616 -37.48 -13.79 -8.92
CA PRO C 616 -37.75 -12.39 -8.59
C PRO C 616 -39.22 -12.18 -8.20
N VAL C 617 -39.50 -11.14 -7.40
CA VAL C 617 -40.87 -10.80 -6.95
C VAL C 617 -40.96 -9.30 -6.68
N LEU C 618 -42.12 -8.72 -6.98
CA LEU C 618 -42.51 -7.36 -6.53
C LEU C 618 -43.29 -7.52 -5.23
N LEU C 619 -42.74 -7.02 -4.12
CA LEU C 619 -43.46 -6.86 -2.83
C LEU C 619 -44.30 -5.58 -2.94
N THR C 620 -45.62 -5.69 -3.08
CA THR C 620 -46.53 -4.53 -3.28
C THR C 620 -46.93 -3.98 -1.90
N ASP C 621 -46.91 -2.65 -1.75
CA ASP C 621 -47.30 -1.94 -0.51
C ASP C 621 -46.54 -2.54 0.67
N TYR C 622 -45.21 -2.68 0.56
CA TYR C 622 -44.34 -3.21 1.65
C TYR C 622 -44.25 -2.14 2.74
N PRO C 623 -44.67 -2.44 3.98
CA PRO C 623 -44.71 -1.44 5.05
C PRO C 623 -43.31 -0.90 5.38
N VAL C 624 -43.22 0.44 5.42
CA VAL C 624 -42.02 1.20 5.86
C VAL C 624 -42.53 2.46 6.55
N ASP C 625 -42.61 2.46 7.88
CA ASP C 625 -43.11 3.63 8.65
C ASP C 625 -42.10 4.79 8.51
N LEU C 626 -42.48 5.98 8.97
CA LEU C 626 -41.69 7.22 8.83
C LEU C 626 -40.27 7.01 9.37
N ASP C 627 -40.12 6.22 10.44
CA ASP C 627 -38.82 6.03 11.15
C ASP C 627 -38.10 4.77 10.64
N GLU C 628 -38.44 4.28 9.46
CA GLU C 628 -37.87 3.01 8.91
C GLU C 628 -37.35 3.18 7.49
N ILE C 629 -36.46 2.27 7.09
CA ILE C 629 -36.03 2.02 5.68
C ILE C 629 -36.14 0.52 5.44
N ALA C 630 -36.60 0.12 4.25
CA ALA C 630 -36.61 -1.30 3.80
C ALA C 630 -35.20 -1.65 3.31
N TYR C 631 -34.54 -2.61 3.94
CA TYR C 631 -33.29 -3.22 3.44
C TYR C 631 -33.37 -4.74 3.58
N PHE C 632 -32.60 -5.43 2.74
CA PHE C 632 -32.58 -6.90 2.59
C PHE C 632 -31.12 -7.34 2.42
N THR C 633 -30.75 -8.47 3.01
CA THR C 633 -29.40 -9.08 2.97
C THR C 633 -29.46 -10.40 2.20
N TRP C 634 -28.47 -10.67 1.36
CA TRP C 634 -28.30 -11.94 0.61
C TRP C 634 -28.27 -13.12 1.59
N ALA C 635 -28.87 -14.27 1.22
CA ALA C 635 -28.98 -15.48 2.06
C ALA C 635 -28.45 -16.70 1.30
N LEU D 10 5.86 -81.50 0.74
CA LEU D 10 7.29 -81.81 1.08
C LEU D 10 7.38 -82.28 2.54
N ARG D 11 8.07 -83.40 2.78
CA ARG D 11 8.24 -84.05 4.11
C ARG D 11 9.68 -83.84 4.60
N ALA D 12 9.87 -83.15 5.73
CA ALA D 12 11.16 -83.01 6.45
C ALA D 12 11.08 -83.77 7.78
N GLU D 13 11.52 -85.03 7.79
CA GLU D 13 11.35 -86.01 8.90
C GLU D 13 9.85 -86.31 9.06
N LEU D 14 9.22 -85.86 10.15
CA LEU D 14 7.78 -86.10 10.46
C LEU D 14 7.00 -84.79 10.33
N LEU D 15 7.55 -83.83 9.57
CA LEU D 15 6.94 -82.52 9.25
C LEU D 15 6.42 -82.54 7.81
N ASP D 16 5.12 -82.23 7.63
CA ASP D 16 4.46 -82.06 6.31
C ASP D 16 4.40 -80.56 6.00
N LEU D 17 5.15 -80.10 5.00
CA LEU D 17 5.14 -78.70 4.51
C LEU D 17 4.18 -78.59 3.32
N LYS D 18 3.19 -77.71 3.43
CA LYS D 18 2.32 -77.26 2.31
C LYS D 18 2.60 -75.79 2.04
N ALA D 19 1.99 -75.21 1.01
CA ALA D 19 2.13 -73.79 0.62
C ALA D 19 1.64 -72.89 1.76
N GLY D 20 0.56 -73.26 2.45
CA GLY D 20 -0.17 -72.40 3.41
C GLY D 20 0.20 -72.65 4.87
N GLY D 21 1.13 -73.59 5.14
CA GLY D 21 1.58 -73.91 6.50
C GLY D 21 2.18 -75.30 6.61
N PHE D 22 2.51 -75.76 7.82
CA PHE D 22 3.06 -77.10 8.08
C PHE D 22 2.43 -77.72 9.34
N SER D 23 2.56 -79.04 9.45
CA SER D 23 2.17 -79.85 10.63
C SER D 23 3.31 -80.81 10.97
N ILE D 24 3.46 -81.18 12.24
CA ILE D 24 4.50 -82.13 12.71
C ILE D 24 3.81 -83.26 13.48
N ARG D 25 4.30 -84.49 13.30
CA ARG D 25 3.84 -85.70 14.03
C ARG D 25 4.99 -86.21 14.90
N ASN D 26 4.66 -86.93 15.99
CA ASN D 26 5.63 -87.72 16.79
C ASN D 26 5.73 -89.11 16.15
N GLN D 27 6.58 -90.00 16.70
CA GLN D 27 6.82 -91.36 16.17
C GLN D 27 5.56 -92.23 16.32
N LYS D 28 4.66 -91.92 17.27
CA LYS D 28 3.37 -92.64 17.46
C LYS D 28 2.40 -92.25 16.34
N GLY D 29 2.67 -91.15 15.61
CA GLY D 29 1.85 -90.71 14.46
C GLY D 29 0.79 -89.68 14.83
N GLU D 30 0.82 -89.16 16.07
CA GLU D 30 -0.10 -88.08 16.52
C GLU D 30 0.37 -86.74 15.94
N GLN D 31 -0.57 -85.86 15.60
CA GLN D 31 -0.29 -84.45 15.21
C GLN D 31 -0.07 -83.62 16.48
N VAL D 32 1.17 -83.18 16.73
CA VAL D 32 1.58 -82.49 17.98
C VAL D 32 1.85 -80.99 17.72
N PHE D 33 1.84 -80.57 16.46
CA PHE D 33 2.07 -79.15 16.06
C PHE D 33 1.44 -78.90 14.69
N ARG D 34 0.69 -77.78 14.57
CA ARG D 34 0.09 -77.31 13.31
C ARG D 34 0.23 -75.80 13.23
N LEU D 35 0.70 -75.27 12.10
CA LEU D 35 0.98 -73.83 11.92
C LEU D 35 0.61 -73.38 10.50
N ALA D 36 -0.09 -72.26 10.39
CA ALA D 36 -0.48 -71.60 9.12
C ALA D 36 0.37 -70.36 8.90
N PHE D 37 0.81 -70.14 7.66
CA PHE D 37 1.45 -68.87 7.21
C PHE D 37 0.32 -67.87 6.96
N ARG D 38 0.42 -66.66 7.53
CA ARG D 38 -0.68 -65.66 7.52
C ARG D 38 -0.24 -64.31 6.90
N SER D 39 1.04 -64.14 6.57
CA SER D 39 1.58 -62.96 5.85
C SER D 39 1.96 -63.33 4.41
N GLY D 40 1.56 -64.52 3.96
CA GLY D 40 1.78 -65.02 2.59
C GLY D 40 1.80 -66.54 2.55
N ALA D 41 2.08 -67.11 1.38
CA ALA D 41 2.19 -68.57 1.14
C ALA D 41 3.53 -68.85 0.45
N LEU D 42 4.06 -70.08 0.61
CA LEU D 42 5.27 -70.56 -0.09
C LEU D 42 4.92 -70.98 -1.52
N ASP D 43 5.83 -70.74 -2.47
CA ASP D 43 5.88 -71.43 -3.79
C ASP D 43 6.74 -72.68 -3.61
N LEU D 44 6.11 -73.86 -3.57
CA LEU D 44 6.78 -75.15 -3.25
C LEU D 44 7.83 -75.48 -4.33
N ASP D 45 7.65 -74.98 -5.57
CA ASP D 45 8.60 -75.20 -6.69
C ASP D 45 9.92 -74.46 -6.44
N SER D 46 9.96 -73.53 -5.48
CA SER D 46 11.17 -72.76 -5.08
C SER D 46 11.91 -73.43 -3.92
N CYS D 47 11.40 -74.56 -3.42
CA CYS D 47 11.96 -75.29 -2.24
C CYS D 47 12.85 -76.44 -2.72
N SER D 48 14.08 -76.52 -2.18
CA SER D 48 15.03 -77.64 -2.39
C SER D 48 15.54 -78.16 -1.04
N ARG D 49 15.98 -79.42 -1.00
CA ARG D 49 16.47 -80.12 0.21
C ARG D 49 17.94 -80.47 0.04
N ASP D 50 18.79 -80.05 0.98
CA ASP D 50 20.21 -80.45 1.09
C ASP D 50 20.46 -80.99 2.50
N GLY D 51 20.47 -82.32 2.64
CA GLY D 51 20.57 -83.01 3.94
C GLY D 51 19.35 -82.72 4.81
N ALA D 52 19.57 -82.13 5.99
CA ALA D 52 18.52 -81.83 6.99
C ALA D 52 17.88 -80.46 6.71
N LEU D 53 18.47 -79.68 5.79
CA LEU D 53 18.04 -78.30 5.47
C LEU D 53 17.04 -78.30 4.31
N LEU D 54 15.89 -77.66 4.51
CA LEU D 54 14.85 -77.41 3.47
C LEU D 54 14.68 -75.89 3.32
N GLY D 55 15.22 -75.31 2.25
CA GLY D 55 15.16 -73.86 1.96
C GLY D 55 14.22 -73.56 0.81
N CYS D 56 13.53 -72.41 0.86
CA CYS D 56 12.62 -71.89 -0.20
C CYS D 56 12.94 -70.42 -0.47
N SER D 57 12.97 -70.01 -1.74
CA SER D 57 13.50 -68.70 -2.21
C SER D 57 12.38 -67.71 -2.58
N LEU D 58 11.17 -68.18 -2.92
CA LEU D 58 10.06 -67.30 -3.39
C LEU D 58 8.75 -67.67 -2.67
N THR D 59 7.87 -66.67 -2.47
CA THR D 59 6.47 -66.81 -1.99
C THR D 59 5.57 -67.14 -3.20
N ALA D 60 4.29 -67.47 -2.96
CA ALA D 60 3.30 -67.82 -3.99
C ALA D 60 2.99 -66.60 -4.88
N ASP D 61 3.06 -65.38 -4.33
CA ASP D 61 2.88 -64.10 -5.06
C ASP D 61 4.13 -63.79 -5.89
N GLY D 62 5.26 -64.45 -5.62
CA GLY D 62 6.50 -64.36 -6.40
C GLY D 62 7.52 -63.40 -5.81
N LEU D 63 7.41 -63.07 -4.52
CA LEU D 63 8.34 -62.17 -3.80
C LEU D 63 9.55 -62.98 -3.30
N PRO D 64 10.78 -62.41 -3.32
CA PRO D 64 11.94 -63.08 -2.76
C PRO D 64 11.83 -63.27 -1.23
N LEU D 65 12.34 -64.41 -0.74
CA LEU D 65 12.14 -64.91 0.64
C LEU D 65 13.35 -65.74 1.07
N HIS D 66 13.84 -65.52 2.30
CA HIS D 66 14.77 -66.46 3.00
C HIS D 66 13.94 -67.27 3.99
N PHE D 67 13.42 -68.42 3.54
CA PHE D 67 12.69 -69.41 4.36
C PHE D 67 13.51 -70.70 4.44
N PHE D 68 13.60 -71.32 5.61
CA PHE D 68 14.15 -72.69 5.75
C PHE D 68 13.54 -73.42 6.95
N ILE D 69 13.52 -74.75 6.86
CA ILE D 69 13.29 -75.69 7.98
C ILE D 69 14.51 -76.62 8.07
N GLN D 70 15.25 -76.56 9.18
CA GLN D 70 16.37 -77.50 9.47
C GLN D 70 15.92 -78.49 10.54
N THR D 71 16.02 -79.78 10.24
CA THR D 71 15.78 -80.92 11.16
C THR D 71 17.06 -81.17 11.97
N VAL D 72 16.94 -81.26 13.30
CA VAL D 72 18.06 -81.56 14.24
C VAL D 72 17.58 -82.65 15.21
N ARG D 73 18.41 -83.67 15.43
CA ARG D 73 18.18 -84.79 16.37
C ARG D 73 19.17 -84.67 17.52
N PRO D 74 18.88 -83.85 18.56
CA PRO D 74 19.84 -83.63 19.65
C PRO D 74 19.96 -84.81 20.62
N LYS D 75 18.89 -85.58 20.80
CA LYS D 75 18.84 -86.83 21.61
C LYS D 75 18.09 -87.92 20.83
N ASP D 76 18.16 -89.18 21.29
CA ASP D 76 17.42 -90.34 20.69
C ASP D 76 15.90 -90.09 20.73
N THR D 77 15.40 -89.41 21.76
CA THR D 77 13.94 -89.24 22.04
C THR D 77 13.46 -87.82 21.73
N VAL D 78 14.30 -86.95 21.16
CA VAL D 78 13.96 -85.53 20.83
C VAL D 78 14.25 -85.27 19.34
N MET D 79 13.24 -84.78 18.61
CA MET D 79 13.39 -84.23 17.23
C MET D 79 13.03 -82.75 17.27
N CYS D 80 13.94 -81.88 16.82
CA CYS D 80 13.72 -80.41 16.75
C CYS D 80 13.65 -79.95 15.30
N TYR D 81 12.87 -78.89 15.06
CA TYR D 81 12.66 -78.25 13.74
C TYR D 81 12.94 -76.75 13.89
N ARG D 82 14.05 -76.28 13.33
CA ARG D 82 14.42 -74.85 13.26
C ARG D 82 13.70 -74.25 12.05
N VAL D 83 12.91 -73.20 12.27
CA VAL D 83 12.09 -72.55 11.20
C VAL D 83 12.47 -71.06 11.14
N ARG D 84 12.65 -70.54 9.92
CA ARG D 84 12.92 -69.10 9.65
C ARG D 84 12.06 -68.64 8.48
N TRP D 85 11.33 -67.53 8.65
CA TRP D 85 10.65 -66.77 7.58
C TRP D 85 11.14 -65.32 7.63
N GLU D 86 11.98 -64.93 6.66
CA GLU D 86 12.61 -63.58 6.56
C GLU D 86 12.29 -62.98 5.18
N GLU D 87 11.50 -61.90 5.15
CA GLU D 87 10.97 -61.27 3.91
C GLU D 87 12.09 -60.60 3.11
N GLY D 91 10.31 -53.94 4.31
CA GLY D 91 9.53 -53.75 5.54
C GLY D 91 8.10 -54.28 5.42
N ARG D 92 7.93 -55.61 5.36
CA ARG D 92 6.62 -56.31 5.40
C ARG D 92 6.56 -57.24 6.62
N ALA D 93 5.53 -57.09 7.47
CA ALA D 93 5.34 -57.86 8.72
C ALA D 93 5.17 -59.35 8.41
N VAL D 94 5.75 -60.22 9.25
CA VAL D 94 5.61 -61.70 9.18
C VAL D 94 4.65 -62.14 10.28
N GLU D 95 3.64 -62.95 9.94
CA GLU D 95 2.73 -63.59 10.93
C GLU D 95 2.55 -65.07 10.59
N HIS D 96 2.82 -65.94 11.57
CA HIS D 96 2.42 -67.36 11.59
C HIS D 96 1.39 -67.57 12.71
N ALA D 97 0.32 -68.30 12.42
CA ALA D 97 -0.72 -68.72 13.41
C ALA D 97 -0.43 -70.14 13.89
N MET D 98 -0.03 -70.28 15.15
CA MET D 98 0.22 -71.59 15.81
C MET D 98 -1.10 -72.11 16.40
N PHE D 99 -1.59 -73.23 15.90
CA PHE D 99 -2.85 -73.88 16.36
C PHE D 99 -2.55 -74.70 17.63
N LEU D 100 -3.35 -74.52 18.68
CA LEU D 100 -3.23 -75.28 19.96
C LEU D 100 -3.80 -76.68 19.76
N GLY D 101 -4.81 -76.83 18.90
CA GLY D 101 -5.38 -78.14 18.51
C GLY D 101 -6.70 -78.44 19.21
N ASP D 102 -7.02 -79.73 19.36
CA ASP D 102 -8.30 -80.21 19.94
C ASP D 102 -8.25 -80.09 21.47
N ALA D 103 -9.36 -80.40 22.14
CA ALA D 103 -9.61 -80.23 23.59
C ALA D 103 -8.59 -81.02 24.43
N ALA D 104 -8.04 -82.11 23.90
CA ALA D 104 -7.08 -83.00 24.60
C ALA D 104 -5.67 -82.37 24.63
N ALA D 105 -5.39 -81.37 23.78
CA ALA D 105 -4.10 -80.64 23.76
C ALA D 105 -4.18 -79.43 24.69
N HIS D 106 -3.29 -79.36 25.68
CA HIS D 106 -3.23 -78.31 26.73
C HIS D 106 -1.85 -77.67 26.70
N TRP D 107 -1.79 -76.35 26.82
CA TRP D 107 -0.53 -75.57 26.65
C TRP D 107 -0.22 -74.74 27.91
N TYR D 108 1.08 -74.56 28.16
CA TYR D 108 1.65 -73.88 29.35
C TYR D 108 2.77 -72.94 28.91
N GLY D 109 3.10 -71.96 29.75
CA GLY D 109 4.23 -71.04 29.56
C GLY D 109 3.76 -69.65 29.20
N GLY D 110 4.47 -68.99 28.27
CA GLY D 110 4.21 -67.59 27.87
C GLY D 110 4.47 -66.64 29.02
N ALA D 111 3.51 -65.76 29.31
CA ALA D 111 3.68 -64.62 30.23
C ALA D 111 2.73 -64.74 31.44
N GLU D 112 3.14 -64.17 32.57
CA GLU D 112 2.20 -63.75 33.65
C GLU D 112 1.13 -62.86 33.01
N MET D 113 -0.15 -63.08 33.33
CA MET D 113 -1.30 -62.30 32.78
C MET D 113 -2.23 -61.90 33.94
N ARG D 114 -3.14 -60.96 33.70
CA ARG D 114 -4.12 -60.47 34.70
C ARG D 114 -5.08 -61.63 35.04
N THR D 115 -5.69 -62.21 34.01
CA THR D 115 -6.57 -63.41 34.11
C THR D 115 -5.72 -64.63 33.77
N GLN D 116 -5.18 -65.31 34.79
CA GLN D 116 -4.22 -66.42 34.60
C GLN D 116 -4.97 -67.76 34.72
N HIS D 117 -5.15 -68.43 33.59
CA HIS D 117 -5.72 -69.80 33.49
C HIS D 117 -4.57 -70.79 33.37
N TRP D 118 -4.81 -72.03 33.81
CA TRP D 118 -3.87 -73.16 33.64
C TRP D 118 -4.72 -74.40 33.36
N PRO D 119 -4.62 -75.03 32.17
CA PRO D 119 -3.73 -74.59 31.10
C PRO D 119 -4.16 -73.26 30.46
N ILE D 120 -3.36 -72.75 29.52
CA ILE D 120 -3.56 -71.43 28.84
C ILE D 120 -4.94 -71.44 28.17
N ARG D 121 -5.73 -70.40 28.44
CA ARG D 121 -7.01 -70.10 27.74
C ARG D 121 -7.07 -68.60 27.50
N LEU D 122 -7.13 -68.19 26.23
CA LEU D 122 -7.25 -66.77 25.81
C LEU D 122 -8.59 -66.58 25.10
N ASP D 123 -9.42 -65.68 25.62
CA ASP D 123 -10.81 -65.44 25.14
C ASP D 123 -10.79 -64.34 24.09
N GLY D 124 -11.73 -64.38 23.15
CA GLY D 124 -11.95 -63.33 22.15
C GLY D 124 -10.82 -63.24 21.14
N GLN D 125 -10.58 -62.03 20.65
CA GLN D 125 -9.63 -61.71 19.55
C GLN D 125 -8.65 -60.65 20.02
N GLN D 126 -7.35 -60.86 19.80
CA GLN D 126 -6.28 -59.87 20.10
C GLN D 126 -5.34 -59.81 18.88
N GLU D 127 -5.24 -58.63 18.26
CA GLU D 127 -4.24 -58.34 17.20
C GLU D 127 -2.86 -58.40 17.86
N PRO D 128 -1.82 -58.95 17.19
CA PRO D 128 -0.51 -59.07 17.82
C PRO D 128 -0.03 -57.73 18.38
N GLN D 129 0.38 -57.70 19.65
CA GLN D 129 0.95 -56.51 20.33
C GLN D 129 2.32 -56.89 20.89
N PRO D 130 3.21 -55.91 21.12
CA PRO D 130 4.59 -56.22 21.54
C PRO D 130 4.62 -57.19 22.74
N PHE D 131 5.34 -58.31 22.59
CA PHE D 131 5.58 -59.29 23.67
C PHE D 131 6.74 -58.78 24.54
N VAL D 132 6.39 -57.83 25.42
CA VAL D 132 7.34 -57.07 26.29
C VAL D 132 6.78 -57.06 27.72
N THR D 133 7.65 -56.86 28.71
CA THR D 133 7.29 -56.72 30.14
C THR D 133 6.35 -55.54 30.31
N SER D 134 5.09 -55.78 30.67
CA SER D 134 4.07 -54.73 30.99
C SER D 134 3.47 -54.96 32.38
N ASP D 135 2.94 -53.91 32.99
CA ASP D 135 2.14 -53.96 34.24
C ASP D 135 0.70 -54.32 33.88
N VAL D 136 0.29 -55.57 34.13
CA VAL D 136 -1.02 -56.08 33.66
C VAL D 136 -2.11 -55.84 34.71
N TYR D 137 -1.79 -55.16 35.82
CA TYR D 137 -2.73 -54.98 36.96
C TYR D 137 -4.09 -54.45 36.45
N SER D 138 -4.09 -53.53 35.47
CA SER D 138 -5.33 -52.88 34.93
C SER D 138 -5.68 -53.35 33.51
N SER D 139 -4.97 -54.35 32.92
CA SER D 139 -5.05 -54.68 31.47
C SER D 139 -5.02 -56.21 31.22
N ASP D 140 -6.05 -56.71 30.52
CA ASP D 140 -6.26 -58.16 30.20
C ASP D 140 -5.66 -58.52 28.83
N ALA D 141 -5.29 -57.53 28.02
CA ALA D 141 -4.57 -57.69 26.73
C ALA D 141 -3.07 -57.93 26.98
N ALA D 142 -2.47 -57.10 27.83
CA ALA D 142 -1.01 -56.97 28.02
C ALA D 142 -0.38 -58.27 28.53
N PHE D 143 0.94 -58.35 28.42
CA PHE D 143 1.80 -59.46 28.92
C PHE D 143 2.58 -58.94 30.13
N GLY D 144 2.65 -59.74 31.19
CA GLY D 144 3.10 -59.31 32.52
C GLY D 144 4.61 -59.21 32.63
N GLY D 145 5.10 -58.95 33.84
CA GLY D 145 6.50 -58.62 34.15
C GLY D 145 7.43 -59.80 33.98
N ILE D 146 6.95 -61.02 34.20
CA ILE D 146 7.75 -62.27 34.04
C ILE D 146 7.18 -63.01 32.82
N LEU D 147 8.01 -63.21 31.79
CA LEU D 147 7.56 -63.86 30.53
C LEU D 147 8.77 -64.44 29.80
N GLU D 148 8.46 -65.32 28.86
CA GLU D 148 9.44 -65.98 27.98
C GLU D 148 8.69 -66.40 26.72
N ARG D 149 9.34 -66.41 25.57
CA ARG D 149 8.72 -66.73 24.27
C ARG D 149 8.72 -68.25 24.12
N TYR D 150 8.08 -68.93 25.08
CA TYR D 150 8.16 -70.40 25.27
C TYR D 150 6.77 -70.94 25.57
N TRP D 151 6.32 -71.91 24.76
CA TRP D 151 5.02 -72.60 24.92
C TRP D 151 5.24 -74.11 24.86
N LEU D 152 4.63 -74.83 25.80
CA LEU D 152 4.79 -76.29 26.01
C LEU D 152 3.41 -76.94 25.85
N SER D 153 3.34 -78.05 25.11
CA SER D 153 2.10 -78.83 24.86
C SER D 153 2.12 -80.09 25.74
N SER D 154 0.95 -80.47 26.25
CA SER D 154 0.69 -81.76 26.96
C SER D 154 0.94 -82.96 26.04
N ARG D 155 1.04 -82.75 24.72
CA ARG D 155 1.33 -83.80 23.71
C ARG D 155 2.85 -83.92 23.49
N ALA D 156 3.67 -83.33 24.36
CA ALA D 156 5.15 -83.45 24.39
C ALA D 156 5.78 -82.75 23.18
N ALA D 157 5.26 -81.56 22.83
CA ALA D 157 5.86 -80.63 21.85
C ALA D 157 6.01 -79.27 22.51
N ALA D 158 7.04 -78.51 22.12
CA ALA D 158 7.34 -77.17 22.67
C ALA D 158 7.87 -76.27 21.55
N ILE D 159 7.65 -74.97 21.68
CA ILE D 159 8.19 -73.94 20.74
C ILE D 159 8.94 -72.88 21.56
N LYS D 160 10.18 -72.58 21.16
CA LYS D 160 10.95 -71.40 21.62
C LYS D 160 11.09 -70.44 20.44
N VAL D 161 10.50 -69.25 20.54
CA VAL D 161 10.67 -68.17 19.53
C VAL D 161 12.06 -67.53 19.76
N ASN D 162 12.83 -67.38 18.68
CA ASN D 162 14.24 -66.89 18.67
C ASN D 162 14.29 -65.53 19.37
N ASP D 163 15.35 -65.27 20.14
CA ASP D 163 15.58 -63.98 20.85
C ASP D 163 15.73 -62.83 19.84
N SER D 164 16.16 -63.14 18.61
CA SER D 164 16.40 -62.17 17.52
C SER D 164 15.10 -61.49 17.10
N VAL D 165 13.94 -62.15 17.28
CA VAL D 165 12.67 -61.73 16.64
C VAL D 165 12.17 -60.45 17.30
N PRO D 166 11.75 -59.43 16.52
CA PRO D 166 10.98 -58.32 17.03
C PRO D 166 9.55 -58.83 17.26
N PHE D 167 9.36 -59.56 18.36
CA PHE D 167 8.24 -60.52 18.57
C PHE D 167 7.02 -59.80 19.14
N HIS D 168 5.89 -59.95 18.45
CA HIS D 168 4.54 -59.50 18.85
C HIS D 168 3.62 -60.70 18.92
N LEU D 169 2.75 -60.76 19.92
CA LEU D 169 1.83 -61.92 20.16
C LEU D 169 0.38 -61.42 20.18
N GLY D 170 -0.47 -62.09 19.41
CA GLY D 170 -1.93 -62.01 19.49
C GLY D 170 -2.51 -63.40 19.66
N TRP D 171 -3.83 -63.54 19.52
CA TRP D 171 -4.53 -64.85 19.60
C TRP D 171 -5.90 -64.74 18.94
N ASN D 172 -6.48 -65.89 18.61
CA ASN D 172 -7.78 -66.03 17.91
C ASN D 172 -8.49 -67.25 18.50
N SER D 173 -9.48 -67.03 19.36
CA SER D 173 -10.18 -68.10 20.13
C SER D 173 -11.03 -68.95 19.20
N THR D 174 -11.54 -68.40 18.09
CA THR D 174 -12.39 -69.09 17.10
C THR D 174 -11.66 -70.31 16.54
N GLU D 175 -10.37 -70.18 16.23
CA GLU D 175 -9.52 -71.27 15.68
C GLU D 175 -8.48 -71.71 16.72
N ARG D 176 -8.59 -71.18 17.94
CA ARG D 176 -7.71 -71.49 19.10
C ARG D 176 -6.24 -71.43 18.66
N SER D 177 -5.82 -70.27 18.16
CA SER D 177 -4.46 -70.02 17.61
C SER D 177 -3.76 -68.93 18.42
N LEU D 178 -2.44 -69.05 18.56
CA LEU D 178 -1.54 -67.93 18.92
C LEU D 178 -1.06 -67.28 17.62
N ARG D 179 -1.15 -65.96 17.53
CA ARG D 179 -0.67 -65.17 16.36
C ARG D 179 0.76 -64.69 16.64
N LEU D 180 1.75 -65.37 16.05
CA LEU D 180 3.19 -65.05 16.20
C LEU D 180 3.57 -64.06 15.10
N GLN D 181 3.99 -62.85 15.46
CA GLN D 181 4.26 -61.75 14.49
C GLN D 181 5.66 -61.17 14.71
N ALA D 182 6.36 -60.91 13.61
CA ALA D 182 7.59 -60.07 13.53
C ALA D 182 7.23 -58.80 12.75
N ARG D 183 7.46 -57.62 13.34
CA ARG D 183 7.21 -56.31 12.68
C ARG D 183 8.10 -55.24 13.32
N TYR D 184 8.40 -54.18 12.57
CA TYR D 184 9.22 -53.03 13.02
C TYR D 184 8.39 -51.74 13.02
N HIS D 185 7.16 -51.77 12.48
CA HIS D 185 6.24 -50.59 12.45
C HIS D 185 5.40 -50.56 13.73
N ASP D 186 5.30 -49.40 14.38
CA ASP D 186 4.40 -49.14 15.54
C ASP D 186 4.75 -50.17 16.63
N THR D 187 5.92 -50.03 17.26
CA THR D 187 6.50 -51.00 18.23
C THR D 187 7.70 -50.39 18.94
N PRO D 188 8.00 -50.79 20.20
CA PRO D 188 9.24 -50.38 20.86
C PRO D 188 10.49 -51.20 20.50
N TYR D 189 10.39 -52.15 19.56
CA TYR D 189 11.54 -52.92 19.02
C TYR D 189 12.27 -52.06 17.98
N LYS D 190 13.58 -51.93 18.09
CA LYS D 190 14.48 -51.33 17.06
C LYS D 190 15.27 -52.45 16.40
N PRO D 191 15.70 -52.32 15.13
CA PRO D 191 16.69 -53.24 14.55
C PRO D 191 18.07 -52.97 15.16
N PRO D 192 19.03 -53.93 15.09
CA PRO D 192 20.42 -53.62 15.40
C PRO D 192 21.09 -52.82 14.27
N ALA D 198 13.81 -54.96 8.20
CA ALA D 198 13.76 -56.32 7.59
C ALA D 198 13.21 -57.33 8.61
N PRO D 199 11.87 -57.45 8.74
CA PRO D 199 11.27 -58.35 9.73
C PRO D 199 11.59 -59.83 9.47
N GLU D 200 11.60 -60.60 10.54
CA GLU D 200 12.20 -61.96 10.64
C GLU D 200 11.52 -62.72 11.79
N LEU D 201 10.74 -63.75 11.47
CA LEU D 201 10.13 -64.68 12.47
C LEU D 201 10.86 -66.03 12.39
N SER D 202 11.58 -66.37 13.46
CA SER D 202 12.31 -67.66 13.60
C SER D 202 12.00 -68.28 14.97
N TYR D 203 12.06 -69.61 15.02
CA TYR D 203 11.70 -70.39 16.23
C TYR D 203 12.20 -71.83 16.07
N ARG D 204 12.26 -72.55 17.20
CA ARG D 204 12.57 -73.99 17.24
C ARG D 204 11.38 -74.72 17.85
N VAL D 205 10.82 -75.68 17.13
CA VAL D 205 9.79 -76.64 17.64
C VAL D 205 10.49 -77.97 17.92
N CYS D 206 10.48 -78.42 19.18
CA CYS D 206 11.05 -79.73 19.60
C CYS D 206 9.91 -80.66 20.03
N VAL D 207 10.01 -81.93 19.67
CA VAL D 207 9.02 -83.01 19.95
C VAL D 207 9.73 -84.09 20.77
N GLY D 208 9.16 -84.46 21.92
CA GLY D 208 9.70 -85.50 22.82
C GLY D 208 8.72 -86.63 23.06
N SER D 209 9.05 -87.53 23.98
CA SER D 209 8.27 -88.75 24.34
C SER D 209 7.18 -88.40 25.36
N ASP D 210 7.42 -87.42 26.24
CA ASP D 210 6.41 -86.95 27.24
C ASP D 210 6.66 -85.47 27.58
N VAL D 211 5.63 -84.81 28.11
CA VAL D 211 5.60 -83.34 28.38
C VAL D 211 6.72 -82.95 29.35
N THR D 212 7.05 -83.77 30.35
CA THR D 212 8.07 -83.43 31.38
C THR D 212 9.47 -83.50 30.77
N SER D 213 9.78 -84.56 30.02
CA SER D 213 11.08 -84.78 29.33
C SER D 213 11.39 -83.59 28.39
N ILE D 214 10.45 -83.25 27.51
CA ILE D 214 10.65 -82.22 26.46
C ILE D 214 10.79 -80.85 27.13
N HIS D 215 9.99 -80.58 28.17
CA HIS D 215 10.08 -79.34 28.99
C HIS D 215 11.50 -79.22 29.57
N LYS D 216 12.01 -80.28 30.19
CA LYS D 216 13.35 -80.29 30.83
C LYS D 216 14.41 -80.03 29.76
N TYR D 217 14.28 -80.62 28.57
CA TYR D 217 15.22 -80.38 27.43
C TYR D 217 15.22 -78.89 27.07
N MET D 218 14.04 -78.29 26.93
CA MET D 218 13.87 -76.87 26.48
C MET D 218 14.42 -75.95 27.58
N VAL D 219 14.12 -76.22 28.85
CA VAL D 219 14.56 -75.39 30.02
C VAL D 219 16.09 -75.43 30.11
N ARG D 220 16.72 -76.61 29.99
CA ARG D 220 18.19 -76.78 30.11
C ARG D 220 18.86 -76.05 28.94
N ARG D 221 18.21 -76.01 27.78
CA ARG D 221 18.77 -75.42 26.55
C ARG D 221 18.75 -73.89 26.65
N TYR D 222 17.63 -73.29 27.08
CA TYR D 222 17.31 -71.85 26.91
C TYR D 222 17.47 -71.05 28.21
N PHE D 223 17.12 -71.59 29.39
CA PHE D 223 17.07 -70.80 30.65
C PHE D 223 18.26 -71.10 31.55
N ASN D 224 18.87 -70.05 32.09
CA ASN D 224 19.91 -70.12 33.14
C ASN D 224 19.24 -70.44 34.49
N LYS D 225 19.98 -71.05 35.40
CA LYS D 225 19.54 -71.39 36.78
C LYS D 225 20.11 -70.36 37.72
N PRO D 226 19.42 -70.03 38.84
CA PRO D 226 20.05 -69.27 39.92
C PRO D 226 21.08 -70.21 40.59
N SER D 227 22.25 -69.68 40.94
CA SER D 227 23.38 -70.47 41.51
C SER D 227 23.42 -70.27 43.02
N ARG D 228 22.54 -69.44 43.58
CA ARG D 228 22.49 -69.13 45.03
C ARG D 228 21.05 -69.29 45.54
N VAL D 229 20.91 -69.40 46.86
CA VAL D 229 19.59 -69.52 47.55
C VAL D 229 19.42 -68.29 48.45
N PRO D 230 18.23 -67.65 48.44
CA PRO D 230 17.93 -66.59 49.39
C PRO D 230 18.00 -67.05 50.85
N ALA D 231 17.88 -66.11 51.78
CA ALA D 231 17.93 -66.34 53.24
C ALA D 231 16.97 -67.48 53.61
N PRO D 232 17.42 -68.51 54.36
CA PRO D 232 16.55 -69.66 54.66
C PRO D 232 15.25 -69.30 55.40
N GLU D 233 15.26 -68.24 56.21
CA GLU D 233 14.10 -67.79 57.03
C GLU D 233 12.97 -67.33 56.10
N ALA D 234 13.29 -66.88 54.88
CA ALA D 234 12.30 -66.40 53.88
C ALA D 234 11.45 -67.57 53.37
N PHE D 235 11.95 -68.81 53.52
CA PHE D 235 11.25 -70.07 53.12
C PHE D 235 10.50 -70.67 54.33
N ARG D 236 10.55 -70.03 55.49
CA ARG D 236 9.94 -70.53 56.75
C ARG D 236 9.00 -69.48 57.34
N ASP D 237 9.54 -68.39 57.84
CA ASP D 237 8.78 -67.38 58.64
C ASP D 237 8.01 -66.46 57.69
N PRO D 238 6.82 -65.98 58.09
CA PRO D 238 6.06 -65.06 57.26
C PRO D 238 6.81 -63.74 57.06
N ILE D 239 6.63 -63.12 55.88
CA ILE D 239 7.09 -61.73 55.58
C ILE D 239 5.92 -60.79 55.91
N TRP D 240 6.21 -59.61 56.46
CA TRP D 240 5.20 -58.61 56.88
C TRP D 240 5.43 -57.31 56.11
N SER D 241 4.46 -56.94 55.25
CA SER D 241 4.48 -55.71 54.42
C SER D 241 3.50 -54.69 54.98
N THR D 242 3.88 -53.41 54.96
CA THR D 242 3.05 -52.28 55.44
C THR D 242 2.00 -51.89 54.38
N TRP D 243 2.09 -52.41 53.15
CA TRP D 243 1.40 -51.81 51.98
C TRP D 243 -0.13 -51.93 52.09
N ALA D 244 -0.69 -53.15 52.08
CA ALA D 244 -2.15 -53.38 52.07
C ALA D 244 -2.76 -52.85 53.36
N LEU D 245 -2.02 -52.95 54.48
CA LEU D 245 -2.46 -52.57 55.85
C LEU D 245 -2.62 -51.04 55.94
N TYR D 246 -1.54 -50.30 55.67
CA TYR D 246 -1.43 -48.84 55.95
C TYR D 246 -1.51 -48.00 54.66
N GLY D 247 -1.06 -48.53 53.53
CA GLY D 247 -0.97 -47.77 52.26
C GLY D 247 0.10 -46.69 52.33
N ARG D 248 -0.07 -45.60 51.58
CA ARG D 248 0.89 -44.48 51.46
C ARG D 248 1.11 -43.83 52.84
N ALA D 249 0.08 -43.79 53.68
CA ALA D 249 0.04 -43.06 54.97
C ALA D 249 0.92 -43.73 56.04
N VAL D 250 1.68 -44.77 55.69
CA VAL D 250 2.65 -45.47 56.60
C VAL D 250 3.52 -44.41 57.29
N ASP D 251 3.80 -44.58 58.58
CA ASP D 251 4.70 -43.69 59.35
C ASP D 251 5.46 -44.50 60.40
N GLN D 252 6.29 -43.82 61.20
CA GLN D 252 7.21 -44.43 62.19
C GLN D 252 6.40 -45.16 63.28
N ASP D 253 5.33 -44.53 63.78
CA ASP D 253 4.46 -45.08 64.85
C ASP D 253 3.80 -46.38 64.35
N LYS D 254 3.25 -46.34 63.12
CA LYS D 254 2.51 -47.47 62.50
C LYS D 254 3.44 -48.67 62.29
N VAL D 255 4.67 -48.42 61.84
CA VAL D 255 5.70 -49.49 61.63
C VAL D 255 5.98 -50.18 62.97
N LEU D 256 6.17 -49.40 64.04
CA LEU D 256 6.52 -49.92 65.40
C LEU D 256 5.31 -50.66 66.01
N ARG D 257 4.10 -50.12 65.84
CA ARG D 257 2.83 -50.72 66.31
C ARG D 257 2.60 -52.06 65.59
N PHE D 258 2.86 -52.11 64.29
CA PHE D 258 2.79 -53.33 63.44
C PHE D 258 3.76 -54.39 64.00
N ALA D 259 5.03 -54.02 64.19
CA ALA D 259 6.11 -54.88 64.70
C ALA D 259 5.71 -55.46 66.06
N GLN D 260 5.25 -54.61 66.98
CA GLN D 260 4.78 -55.01 68.33
C GLN D 260 3.67 -56.06 68.20
N GLN D 261 2.64 -55.77 67.40
CA GLN D 261 1.41 -56.61 67.23
C GLN D 261 1.79 -57.99 66.66
N ILE D 262 2.78 -58.04 65.77
CA ILE D 262 3.32 -59.32 65.20
C ILE D 262 3.87 -60.18 66.36
N ARG D 263 4.60 -59.57 67.31
CA ARG D 263 5.24 -60.27 68.45
C ARG D 263 4.17 -60.72 69.47
N LEU D 264 3.19 -59.86 69.78
CA LEU D 264 2.14 -60.12 70.80
C LEU D 264 1.23 -61.27 70.34
N HIS D 265 1.06 -61.46 69.03
CA HIS D 265 0.24 -62.55 68.44
C HIS D 265 1.12 -63.78 68.13
N HIS D 266 2.38 -63.77 68.59
CA HIS D 266 3.31 -64.93 68.63
C HIS D 266 3.61 -65.45 67.22
N PHE D 267 3.91 -64.54 66.30
CA PHE D 267 4.37 -64.86 64.92
C PHE D 267 5.86 -64.54 64.79
N ASN D 268 6.61 -65.44 64.15
CA ASN D 268 7.98 -65.19 63.62
C ASN D 268 7.87 -64.23 62.44
N SER D 269 8.99 -63.66 62.00
CA SER D 269 9.09 -62.82 60.78
C SER D 269 10.44 -63.08 60.09
N SER D 270 10.42 -63.36 58.78
CA SER D 270 11.63 -63.33 57.93
C SER D 270 12.19 -61.91 58.00
N HIS D 271 11.32 -60.92 57.79
CA HIS D 271 11.64 -59.48 57.80
C HIS D 271 10.36 -58.65 57.71
N LEU D 272 10.45 -57.38 58.09
CA LEU D 272 9.36 -56.37 57.90
C LEU D 272 9.74 -55.51 56.69
N GLU D 273 8.84 -55.41 55.70
CA GLU D 273 9.05 -54.63 54.46
C GLU D 273 8.27 -53.30 54.58
N ILE D 274 9.00 -52.19 54.72
CA ILE D 274 8.42 -50.81 54.79
C ILE D 274 8.20 -50.34 53.36
N ASP D 275 6.94 -50.07 52.99
CA ASP D 275 6.53 -49.79 51.59
C ASP D 275 6.32 -48.29 51.38
N ASP D 276 5.89 -47.93 50.17
CA ASP D 276 5.35 -46.60 49.77
C ASP D 276 4.45 -46.07 50.89
N MET D 277 4.65 -44.83 51.39
CA MET D 277 5.69 -43.88 51.04
C MET D 277 6.47 -43.51 52.32
N TYR D 278 7.79 -43.63 52.30
CA TYR D 278 8.66 -43.25 53.44
C TYR D 278 9.62 -42.11 53.06
N THR D 279 9.59 -41.63 51.80
CA THR D 279 10.45 -40.52 51.30
C THR D 279 9.62 -39.25 51.16
N PRO D 280 10.24 -38.05 51.18
CA PRO D 280 9.52 -36.79 50.97
C PRO D 280 8.94 -36.66 49.56
N ALA D 281 9.66 -37.19 48.57
CA ALA D 281 9.26 -37.23 47.14
C ALA D 281 9.87 -38.48 46.49
N TYR D 282 9.26 -38.96 45.41
CA TYR D 282 9.69 -40.17 44.67
C TYR D 282 10.93 -39.81 43.85
N GLY D 283 12.05 -40.47 44.15
CA GLY D 283 13.40 -40.13 43.64
C GLY D 283 14.37 -39.82 44.76
N ASP D 284 13.89 -39.23 45.87
CA ASP D 284 14.65 -39.11 47.14
C ASP D 284 14.79 -40.50 47.75
N PHE D 285 15.92 -40.79 48.40
CA PHE D 285 16.25 -42.13 48.96
C PHE D 285 16.13 -42.13 50.48
N ASP D 286 16.44 -41.02 51.15
CA ASP D 286 16.40 -40.93 52.64
C ASP D 286 14.97 -40.62 53.11
N PHE D 287 14.72 -40.78 54.40
CA PHE D 287 13.37 -40.81 55.02
C PHE D 287 12.81 -39.39 55.17
N ASP D 288 11.49 -39.24 54.91
CA ASP D 288 10.67 -38.05 55.26
C ASP D 288 10.74 -37.84 56.78
N GLU D 289 11.38 -36.75 57.22
CA GLU D 289 11.65 -36.43 58.65
C GLU D 289 10.34 -36.16 59.40
N VAL D 290 9.24 -35.85 58.70
CA VAL D 290 7.90 -35.59 59.33
C VAL D 290 7.31 -36.95 59.78
N LYS D 291 7.14 -37.88 58.85
CA LYS D 291 6.50 -39.20 59.11
C LYS D 291 7.49 -40.13 59.83
N PHE D 292 8.80 -39.87 59.74
CA PHE D 292 9.87 -40.67 60.41
C PHE D 292 10.82 -39.73 61.16
N PRO D 293 10.38 -39.11 62.27
CA PRO D 293 11.21 -38.16 63.02
C PRO D 293 12.59 -38.71 63.43
N ASN D 294 12.67 -39.99 63.83
CA ASN D 294 13.93 -40.62 64.28
C ASN D 294 14.00 -42.03 63.68
N ALA D 295 14.32 -42.11 62.38
CA ALA D 295 14.48 -43.37 61.62
C ALA D 295 15.49 -44.27 62.31
N SER D 296 16.67 -43.74 62.69
CA SER D 296 17.76 -44.48 63.39
C SER D 296 17.20 -45.25 64.59
N ASP D 297 16.40 -44.58 65.42
CA ASP D 297 15.77 -45.15 66.64
C ASP D 297 14.76 -46.23 66.26
N MET D 298 13.94 -45.97 65.23
CA MET D 298 12.95 -46.93 64.69
C MET D 298 13.67 -48.24 64.33
N PHE D 299 14.78 -48.16 63.59
CA PHE D 299 15.57 -49.33 63.12
C PHE D 299 16.27 -50.01 64.31
N ARG D 300 16.73 -49.23 65.29
CA ARG D 300 17.38 -49.76 66.53
C ARG D 300 16.36 -50.61 67.30
N ARG D 301 15.12 -50.11 67.45
CA ARG D 301 14.01 -50.80 68.16
C ARG D 301 13.61 -52.07 67.41
N LEU D 302 13.50 -52.01 66.08
CA LEU D 302 13.16 -53.16 65.21
C LEU D 302 14.25 -54.23 65.33
N ARG D 303 15.52 -53.84 65.31
CA ARG D 303 16.69 -54.76 65.46
C ARG D 303 16.62 -55.46 66.83
N ASP D 304 16.39 -54.70 67.91
CA ASP D 304 16.27 -55.20 69.30
C ASP D 304 15.09 -56.18 69.43
N ALA D 305 14.02 -55.98 68.67
CA ALA D 305 12.80 -56.83 68.70
C ALA D 305 12.92 -58.01 67.73
N GLY D 306 14.08 -58.18 67.06
CA GLY D 306 14.40 -59.34 66.22
C GLY D 306 13.77 -59.25 64.82
N PHE D 307 13.75 -58.06 64.23
CA PHE D 307 13.23 -57.80 62.87
C PHE D 307 14.37 -57.38 61.96
N ARG D 308 14.63 -58.17 60.91
CA ARG D 308 15.32 -57.71 59.68
C ARG D 308 14.33 -56.81 58.93
N VAL D 309 14.83 -55.82 58.18
CA VAL D 309 13.97 -54.83 57.45
C VAL D 309 14.41 -54.73 55.99
N THR D 310 13.42 -54.69 55.08
CA THR D 310 13.61 -54.36 53.64
C THR D 310 12.83 -53.08 53.34
N LEU D 311 13.26 -52.34 52.30
CA LEU D 311 12.68 -51.05 51.87
C LEU D 311 12.23 -51.13 50.41
N TRP D 312 11.02 -50.63 50.14
CA TRP D 312 10.43 -50.44 48.79
C TRP D 312 11.24 -49.38 48.02
N VAL D 313 11.79 -49.77 46.87
CA VAL D 313 12.50 -48.86 45.93
C VAL D 313 11.93 -49.09 44.52
N HIS D 314 12.26 -48.19 43.59
CA HIS D 314 11.68 -48.10 42.24
C HIS D 314 12.65 -47.34 41.32
N PRO D 315 12.51 -47.44 39.98
CA PRO D 315 13.48 -46.84 39.08
C PRO D 315 13.16 -45.39 38.65
N PHE D 316 12.18 -44.74 39.28
CA PHE D 316 11.65 -43.41 38.87
C PHE D 316 12.25 -42.29 39.72
N VAL D 317 12.43 -41.12 39.09
CA VAL D 317 12.71 -39.83 39.78
C VAL D 317 11.68 -38.80 39.26
N ASN D 318 10.71 -38.46 40.09
CA ASN D 318 9.63 -37.50 39.75
C ASN D 318 10.24 -36.10 39.57
N TYR D 319 9.52 -35.20 38.91
CA TYR D 319 10.01 -33.84 38.54
C TYR D 319 10.19 -33.00 39.80
N ASN D 320 9.40 -33.26 40.86
CA ASN D 320 9.47 -32.50 42.15
C ASN D 320 10.40 -33.20 43.15
N SER D 321 11.16 -34.22 42.73
CA SER D 321 12.24 -34.84 43.54
C SER D 321 13.46 -33.92 43.54
N SER D 322 14.12 -33.79 44.69
CA SER D 322 15.38 -33.01 44.85
C SER D 322 16.52 -33.67 44.04
N ARG D 323 16.29 -34.84 43.48
CA ARG D 323 17.28 -35.64 42.71
C ARG D 323 17.03 -35.55 41.20
N PHE D 324 15.89 -34.99 40.76
CA PHE D 324 15.51 -34.88 39.33
C PHE D 324 16.57 -34.06 38.57
N GLY D 325 16.90 -32.87 39.10
CA GLY D 325 17.92 -31.97 38.50
C GLY D 325 19.24 -32.68 38.32
N GLU D 326 19.68 -33.42 39.35
CA GLU D 326 20.97 -34.17 39.35
C GLU D 326 20.97 -35.19 38.21
N GLY D 327 19.87 -35.93 38.06
CA GLY D 327 19.70 -36.95 37.01
C GLY D 327 19.78 -36.34 35.60
N VAL D 328 19.13 -35.19 35.38
CA VAL D 328 19.12 -34.49 34.07
C VAL D 328 20.56 -34.10 33.71
N GLU D 329 21.25 -33.44 34.64
CA GLU D 329 22.60 -32.85 34.43
C GLU D 329 23.65 -33.94 34.23
N ARG D 330 23.49 -35.09 34.89
CA ARG D 330 24.46 -36.22 34.85
C ARG D 330 24.01 -37.26 33.82
N GLU D 331 22.84 -37.04 33.19
CA GLU D 331 22.28 -37.82 32.04
C GLU D 331 22.13 -39.29 32.44
N LEU D 332 21.48 -39.53 33.58
CA LEU D 332 21.31 -40.88 34.20
C LEU D 332 19.98 -41.50 33.76
N PHE D 333 19.17 -40.76 32.99
CA PHE D 333 17.79 -41.15 32.62
C PHE D 333 17.72 -41.76 31.22
N VAL D 334 16.68 -42.56 31.00
CA VAL D 334 16.25 -43.04 29.65
C VAL D 334 15.93 -41.80 28.81
N ARG D 335 16.41 -41.76 27.57
CA ARG D 335 16.35 -40.54 26.72
C ARG D 335 15.22 -40.67 25.70
N GLU D 336 14.79 -39.55 25.13
CA GLU D 336 13.93 -39.50 23.92
C GLU D 336 14.74 -40.07 22.75
N PRO D 337 14.11 -40.40 21.61
CA PRO D 337 14.80 -41.12 20.52
C PRO D 337 16.15 -40.57 20.01
N THR D 338 16.39 -39.25 20.00
CA THR D 338 17.65 -38.64 19.47
C THR D 338 18.80 -38.82 20.48
N GLY D 339 18.51 -39.25 21.71
CA GLY D 339 19.53 -39.61 22.73
C GLY D 339 20.20 -38.41 23.36
N ARG D 340 19.55 -37.24 23.37
CA ARG D 340 20.13 -35.97 23.89
C ARG D 340 19.50 -35.59 25.23
N LEU D 341 18.20 -35.79 25.42
CA LEU D 341 17.44 -35.31 26.60
C LEU D 341 16.73 -36.46 27.29
N PRO D 342 16.43 -36.35 28.61
CA PRO D 342 15.56 -37.31 29.27
C PRO D 342 14.14 -37.32 28.67
N ALA D 343 13.48 -38.48 28.70
CA ALA D 343 12.07 -38.67 28.33
C ALA D 343 11.25 -38.80 29.61
N LEU D 344 10.20 -37.98 29.77
CA LEU D 344 9.25 -38.07 30.90
C LEU D 344 8.40 -39.34 30.76
N VAL D 345 8.05 -39.96 31.89
CA VAL D 345 7.17 -41.16 31.95
C VAL D 345 6.10 -40.90 33.01
N ARG D 346 4.96 -41.55 32.88
CA ARG D 346 3.91 -41.60 33.93
C ARG D 346 3.91 -43.00 34.55
N TRP D 347 3.92 -43.08 35.88
CA TRP D 347 3.64 -44.32 36.64
C TRP D 347 2.54 -44.01 37.66
N TRP D 348 2.15 -44.99 38.48
CA TRP D 348 1.00 -44.90 39.40
C TRP D 348 1.24 -43.80 40.45
N ASN D 349 2.49 -43.38 40.68
CA ASN D 349 2.85 -42.33 41.67
C ASN D 349 3.29 -41.02 40.99
N GLY D 350 3.00 -40.82 39.70
CA GLY D 350 3.07 -39.50 39.05
C GLY D 350 3.96 -39.44 37.81
N ILE D 351 4.53 -38.25 37.55
CA ILE D 351 5.31 -37.91 36.32
C ILE D 351 6.76 -37.59 36.71
N GLY D 352 7.71 -38.18 35.98
CA GLY D 352 9.15 -37.94 36.15
C GLY D 352 9.95 -38.67 35.09
N ALA D 353 11.22 -38.93 35.37
CA ALA D 353 12.12 -39.71 34.49
C ALA D 353 12.27 -41.10 35.08
N VAL D 354 12.90 -42.00 34.32
CA VAL D 354 13.21 -43.40 34.72
C VAL D 354 14.71 -43.62 34.49
N LEU D 355 15.39 -44.22 35.46
CA LEU D 355 16.86 -44.40 35.45
C LEU D 355 17.23 -45.38 34.33
N ASP D 356 18.34 -45.12 33.64
CA ASP D 356 18.84 -45.92 32.51
C ASP D 356 19.84 -46.95 33.06
N PHE D 357 19.39 -48.20 33.24
CA PHE D 357 20.19 -49.29 33.85
C PHE D 357 21.14 -49.90 32.82
N THR D 358 21.21 -49.35 31.59
CA THR D 358 22.27 -49.67 30.60
C THR D 358 23.47 -48.76 30.85
N HIS D 359 23.29 -47.68 31.61
CA HIS D 359 24.30 -46.63 31.89
C HIS D 359 25.05 -46.98 33.17
N PRO D 360 26.36 -47.33 33.12
CA PRO D 360 27.15 -47.62 34.32
C PRO D 360 27.04 -46.55 35.41
N LYS D 361 26.93 -45.27 35.03
CA LYS D 361 26.87 -44.13 35.97
C LYS D 361 25.54 -44.17 36.73
N ALA D 362 24.43 -44.45 36.04
CA ALA D 362 23.07 -44.53 36.63
C ALA D 362 22.97 -45.78 37.52
N ARG D 363 23.64 -46.87 37.15
CA ARG D 363 23.74 -48.12 37.96
C ARG D 363 24.51 -47.82 39.25
N ASP D 364 25.64 -47.14 39.16
CA ASP D 364 26.50 -46.79 40.33
C ASP D 364 25.74 -45.83 41.24
N TRP D 365 24.99 -44.90 40.65
CA TRP D 365 24.19 -43.87 41.37
C TRP D 365 23.11 -44.55 42.22
N PHE D 366 22.33 -45.45 41.61
CA PHE D 366 21.25 -46.23 42.25
C PHE D 366 21.85 -47.08 43.38
N GLN D 367 22.89 -47.87 43.07
CA GLN D 367 23.61 -48.76 44.01
C GLN D 367 24.13 -47.95 45.20
N GLY D 368 24.74 -46.79 44.92
CA GLY D 368 25.30 -45.89 45.96
C GLY D 368 24.27 -45.52 47.01
N HIS D 369 23.06 -45.17 46.60
CA HIS D 369 21.93 -44.81 47.50
C HIS D 369 21.46 -46.04 48.29
N LEU D 370 21.45 -47.23 47.67
CA LEU D 370 21.05 -48.49 48.35
C LEU D 370 22.08 -48.86 49.41
N ARG D 371 23.38 -48.75 49.08
CA ARG D 371 24.50 -49.08 50.02
C ARG D 371 24.49 -48.08 51.18
N ARG D 372 24.08 -46.83 50.94
CA ARG D 372 23.99 -45.78 51.98
C ARG D 372 22.87 -46.14 52.97
N LEU D 373 21.72 -46.62 52.46
CA LEU D 373 20.56 -47.03 53.30
C LEU D 373 20.93 -48.23 54.17
N ARG D 374 21.74 -49.17 53.66
CA ARG D 374 22.22 -50.35 54.42
C ARG D 374 23.23 -49.91 55.47
N SER D 375 24.22 -49.11 55.05
CA SER D 375 25.31 -48.60 55.90
C SER D 375 24.72 -47.82 57.10
N ARG D 376 23.70 -47.00 56.86
CA ARG D 376 23.15 -46.02 57.84
C ARG D 376 22.15 -46.71 58.76
N TYR D 377 21.23 -47.51 58.21
CA TYR D 377 20.03 -48.03 58.92
C TYR D 377 20.07 -49.56 59.12
N SER D 378 21.10 -50.25 58.62
CA SER D 378 21.25 -51.73 58.68
C SER D 378 20.06 -52.43 58.03
N VAL D 379 19.44 -51.78 57.04
CA VAL D 379 18.45 -52.39 56.11
C VAL D 379 19.13 -53.60 55.45
N ALA D 380 18.43 -54.74 55.36
CA ALA D 380 19.00 -56.02 54.89
C ALA D 380 19.02 -56.04 53.35
N SER D 381 17.92 -55.63 52.72
CA SER D 381 17.71 -55.68 51.25
C SER D 381 16.52 -54.80 50.87
N PHE D 382 16.02 -54.94 49.64
CA PHE D 382 15.03 -54.01 49.03
C PHE D 382 13.97 -54.78 48.25
N LYS D 383 12.75 -54.24 48.27
CA LYS D 383 11.68 -54.55 47.30
C LYS D 383 11.90 -53.65 46.07
N PHE D 384 12.37 -54.25 44.97
CA PHE D 384 12.62 -53.59 43.68
C PHE D 384 11.32 -53.60 42.86
N ASP D 385 10.51 -52.55 43.00
CA ASP D 385 9.17 -52.46 42.38
C ASP D 385 9.29 -51.92 40.94
N ALA D 386 8.20 -52.03 40.17
CA ALA D 386 8.13 -51.71 38.72
C ALA D 386 9.16 -52.56 37.98
N GLY D 387 9.74 -52.03 36.89
CA GLY D 387 10.77 -52.72 36.08
C GLY D 387 10.25 -53.11 34.70
N GLU D 388 8.97 -52.90 34.44
CA GLU D 388 8.30 -53.22 33.14
C GLU D 388 8.60 -52.09 32.15
N VAL D 389 8.76 -52.44 30.87
CA VAL D 389 9.06 -51.46 29.77
C VAL D 389 7.77 -50.72 29.37
N SER D 390 6.61 -51.14 29.87
CA SER D 390 5.34 -50.40 29.68
C SER D 390 5.38 -49.06 30.44
N TYR D 391 6.34 -48.87 31.37
CA TYR D 391 6.57 -47.58 32.08
C TYR D 391 7.70 -46.78 31.41
N LEU D 392 8.26 -47.28 30.30
CA LEU D 392 9.19 -46.51 29.45
C LEU D 392 8.37 -45.89 28.32
N PRO D 393 8.87 -44.85 27.64
CA PRO D 393 8.15 -44.26 26.51
C PRO D 393 8.05 -45.26 25.34
N ARG D 394 7.07 -45.07 24.45
CA ARG D 394 6.88 -45.89 23.21
C ARG D 394 8.24 -46.05 22.52
N ASP D 395 8.86 -44.95 22.11
CA ASP D 395 10.21 -44.91 21.46
C ASP D 395 11.15 -44.11 22.37
N PHE D 396 12.32 -44.69 22.66
CA PHE D 396 13.35 -44.16 23.59
C PHE D 396 14.74 -44.56 23.09
N SER D 397 15.78 -43.99 23.68
CA SER D 397 17.19 -44.41 23.51
C SER D 397 17.83 -44.54 24.89
N THR D 398 18.91 -45.31 24.98
CA THR D 398 19.62 -45.63 26.23
C THR D 398 21.12 -45.58 25.95
N TYR D 399 21.94 -45.37 26.98
CA TYR D 399 23.42 -45.30 26.90
C TYR D 399 23.93 -46.41 25.97
N ARG D 400 23.55 -47.67 26.23
CA ARG D 400 23.78 -48.82 25.32
C ARG D 400 22.45 -49.16 24.65
N PRO D 401 22.43 -49.43 23.32
CA PRO D 401 21.19 -49.68 22.61
C PRO D 401 20.51 -51.00 23.02
N LEU D 402 19.17 -50.97 23.07
CA LEU D 402 18.31 -52.14 23.43
C LEU D 402 17.36 -52.41 22.28
N PRO D 403 17.80 -53.12 21.21
CA PRO D 403 16.90 -53.49 20.12
C PRO D 403 15.70 -54.30 20.65
N ASP D 404 15.95 -55.17 21.64
CA ASP D 404 14.92 -55.84 22.48
C ASP D 404 14.69 -55.00 23.73
N PRO D 405 13.55 -54.27 23.85
CA PRO D 405 13.36 -53.31 24.94
C PRO D 405 13.28 -53.95 26.34
N SER D 406 12.77 -55.18 26.42
CA SER D 406 12.56 -55.93 27.69
C SER D 406 13.89 -56.23 28.39
N VAL D 407 15.02 -56.13 27.67
CA VAL D 407 16.38 -56.33 28.28
C VAL D 407 16.61 -55.21 29.32
N TRP D 408 15.90 -54.08 29.21
CA TRP D 408 15.90 -53.03 30.26
C TRP D 408 15.42 -53.64 31.59
N SER D 409 14.37 -54.44 31.57
CA SER D 409 13.82 -55.14 32.76
C SER D 409 14.93 -56.01 33.38
N ARG D 410 15.59 -56.84 32.56
CA ARG D 410 16.79 -57.63 32.97
C ARG D 410 17.76 -56.72 33.72
N ARG D 411 18.17 -55.61 33.08
CA ARG D 411 19.23 -54.70 33.59
C ARG D 411 18.81 -54.13 34.95
N TYR D 412 17.53 -53.80 35.12
CA TYR D 412 16.96 -53.34 36.42
C TYR D 412 17.07 -54.47 37.46
N THR D 413 16.75 -55.71 37.10
CA THR D 413 16.74 -56.85 38.06
C THR D 413 18.19 -57.14 38.52
N GLU D 414 19.20 -56.71 37.75
CA GLU D 414 20.63 -56.90 38.11
C GLU D 414 20.96 -56.05 39.35
N MET D 415 20.14 -55.04 39.65
CA MET D 415 20.34 -54.15 40.81
C MET D 415 20.11 -54.92 42.11
N ALA D 416 19.40 -56.06 42.06
CA ALA D 416 19.13 -56.93 43.22
C ALA D 416 20.37 -57.75 43.60
N LEU D 417 21.28 -58.02 42.65
CA LEU D 417 22.36 -59.03 42.81
C LEU D 417 23.15 -58.82 44.10
N PRO D 418 23.61 -57.59 44.44
CA PRO D 418 24.39 -57.39 45.66
C PRO D 418 23.59 -57.57 46.96
N PHE D 419 22.25 -57.61 46.89
CA PHE D 419 21.33 -57.74 48.06
C PHE D 419 20.36 -58.90 47.88
N PHE D 420 20.73 -59.89 47.05
CA PHE D 420 19.85 -60.96 46.51
C PHE D 420 19.15 -61.72 47.65
N SER D 421 19.85 -61.87 48.78
CA SER D 421 19.53 -62.77 49.90
C SER D 421 18.13 -62.50 50.46
N LEU D 422 17.67 -61.25 50.46
CA LEU D 422 16.31 -60.85 50.95
C LEU D 422 15.65 -59.88 49.97
N ALA D 423 16.04 -59.92 48.69
CA ALA D 423 15.50 -59.02 47.64
C ALA D 423 14.28 -59.67 46.99
N GLU D 424 13.35 -58.84 46.51
CA GLU D 424 12.32 -59.28 45.54
C GLU D 424 12.31 -58.31 44.36
N VAL D 425 12.01 -58.86 43.17
CA VAL D 425 11.69 -58.12 41.92
C VAL D 425 10.34 -58.64 41.45
N ARG D 426 9.65 -57.90 40.58
CA ARG D 426 8.33 -58.31 40.04
C ARG D 426 8.40 -58.45 38.52
N VAL D 427 9.62 -58.43 37.96
CA VAL D 427 9.83 -58.62 36.49
C VAL D 427 10.96 -59.64 36.31
N GLY D 428 10.91 -60.34 35.19
CA GLY D 428 11.91 -61.35 34.80
C GLY D 428 11.96 -61.43 33.30
N TYR D 429 13.11 -61.07 32.71
CA TYR D 429 13.42 -61.23 31.28
C TYR D 429 14.84 -61.79 31.21
N GLN D 430 14.94 -63.12 31.14
CA GLN D 430 16.22 -63.85 31.31
C GLN D 430 16.86 -63.43 32.63
N SER D 431 16.05 -63.24 33.67
CA SER D 431 16.47 -62.87 35.05
C SER D 431 16.62 -64.12 35.95
N GLN D 432 16.51 -65.33 35.38
CA GLN D 432 16.44 -66.61 36.14
C GLN D 432 17.70 -66.78 37.00
N ASN D 433 18.88 -66.32 36.56
CA ASN D 433 20.16 -66.54 37.31
C ASN D 433 20.36 -65.46 38.37
N ILE D 434 19.41 -64.54 38.54
CA ILE D 434 19.36 -63.60 39.68
C ILE D 434 18.65 -64.29 40.85
N SER D 435 19.40 -64.66 41.89
CA SER D 435 19.01 -65.67 42.91
C SER D 435 18.14 -65.05 44.01
N CYS D 436 17.25 -64.13 43.65
CA CYS D 436 16.33 -63.44 44.58
C CYS D 436 14.91 -63.98 44.37
N PHE D 437 13.94 -63.43 45.11
CA PHE D 437 12.50 -63.78 45.00
C PHE D 437 11.88 -62.98 43.86
N PHE D 438 10.88 -63.59 43.21
CA PHE D 438 10.09 -63.01 42.11
C PHE D 438 8.64 -62.94 42.58
N ARG D 439 8.11 -61.72 42.70
CA ARG D 439 6.74 -61.47 43.22
C ARG D 439 5.77 -61.38 42.04
N LEU D 440 4.64 -62.07 42.14
CA LEU D 440 3.47 -61.89 41.25
C LEU D 440 2.99 -60.44 41.37
N VAL D 441 2.55 -59.83 40.28
CA VAL D 441 1.99 -58.44 40.33
C VAL D 441 0.72 -58.48 41.19
N ASN D 442 0.46 -57.37 41.89
CA ASN D 442 -0.67 -57.14 42.82
C ASN D 442 -1.82 -58.13 42.58
N ARG D 443 -2.09 -58.99 43.57
CA ARG D 443 -3.32 -59.81 43.62
C ARG D 443 -4.45 -58.95 44.21
N ASP D 444 -5.65 -59.04 43.64
CA ASP D 444 -6.86 -58.37 44.21
C ASP D 444 -7.56 -59.33 45.19
N SER D 445 -8.24 -58.74 46.17
CA SER D 445 -9.00 -59.44 47.24
C SER D 445 -10.33 -59.95 46.68
N VAL D 446 -10.26 -60.82 45.66
CA VAL D 446 -11.43 -61.50 45.02
C VAL D 446 -11.11 -62.98 44.88
N TRP D 447 -12.11 -63.81 44.55
CA TRP D 447 -11.99 -65.28 44.48
C TRP D 447 -11.43 -65.74 43.12
N GLY D 448 -11.66 -64.96 42.07
CA GLY D 448 -11.57 -65.41 40.66
C GLY D 448 -10.16 -65.45 40.10
N TYR D 449 -10.08 -65.74 38.80
CA TYR D 449 -8.81 -65.89 38.03
C TYR D 449 -8.24 -64.52 37.64
N ASP D 450 -9.03 -63.45 37.80
CA ASP D 450 -8.63 -62.05 37.52
C ASP D 450 -7.87 -61.53 38.74
N LEU D 451 -6.63 -61.98 38.91
CA LEU D 451 -5.68 -61.60 40.00
C LEU D 451 -6.21 -62.01 41.37
N GLY D 452 -7.15 -62.95 41.44
CA GLY D 452 -7.79 -63.38 42.69
C GLY D 452 -7.21 -64.70 43.19
N LEU D 453 -7.89 -65.33 44.15
CA LEU D 453 -7.44 -66.59 44.79
C LEU D 453 -7.16 -67.66 43.73
N ARG D 454 -8.05 -67.81 42.75
CA ARG D 454 -7.96 -68.86 41.71
C ARG D 454 -6.82 -68.57 40.72
N SER D 455 -6.30 -67.34 40.68
CA SER D 455 -5.15 -66.95 39.82
C SER D 455 -3.83 -67.48 40.40
N LEU D 456 -3.78 -67.76 41.71
CA LEU D 456 -2.50 -67.98 42.43
C LEU D 456 -1.76 -69.19 41.84
N ILE D 457 -2.43 -70.35 41.78
CA ILE D 457 -1.76 -71.62 41.35
C ILE D 457 -1.37 -71.51 39.88
N PRO D 458 -2.28 -71.10 38.96
CA PRO D 458 -1.90 -70.86 37.56
C PRO D 458 -0.68 -69.92 37.41
N ALA D 459 -0.65 -68.82 38.17
CA ALA D 459 0.40 -67.78 38.05
C ALA D 459 1.73 -68.33 38.57
N VAL D 460 1.72 -69.03 39.71
CA VAL D 460 2.95 -69.59 40.32
C VAL D 460 3.49 -70.71 39.42
N LEU D 461 2.61 -71.55 38.88
CA LEU D 461 2.99 -72.66 37.96
C LEU D 461 3.62 -72.07 36.68
N THR D 462 2.97 -71.07 36.07
CA THR D 462 3.45 -70.36 34.86
C THR D 462 4.86 -69.84 35.10
N VAL D 463 5.08 -69.13 36.21
CA VAL D 463 6.39 -68.51 36.56
C VAL D 463 7.44 -69.61 36.82
N SER D 464 7.09 -70.65 37.59
CA SER D 464 7.93 -71.83 37.88
C SER D 464 8.43 -72.48 36.58
N MET D 465 7.52 -72.66 35.62
CA MET D 465 7.77 -73.24 34.28
C MET D 465 8.89 -72.46 33.55
N LEU D 466 8.99 -71.15 33.74
CA LEU D 466 9.94 -70.28 33.02
C LEU D 466 11.32 -70.30 33.70
N GLY D 467 11.49 -71.09 34.77
CA GLY D 467 12.80 -71.32 35.42
C GLY D 467 13.04 -70.38 36.58
N TYR D 468 11.97 -69.77 37.14
CA TYR D 468 12.02 -68.89 38.34
C TYR D 468 11.50 -69.67 39.55
N PRO D 469 12.39 -70.34 40.31
CA PRO D 469 11.95 -71.20 41.41
C PRO D 469 11.44 -70.44 42.64
N PHE D 470 12.07 -69.32 43.01
CA PHE D 470 11.83 -68.61 44.28
C PHE D 470 10.71 -67.60 44.08
N ILE D 471 9.45 -68.04 44.23
CA ILE D 471 8.24 -67.24 43.89
C ILE D 471 7.56 -66.78 45.17
N LEU D 472 7.22 -65.48 45.20
CA LEU D 472 6.42 -64.83 46.27
C LEU D 472 5.07 -64.45 45.67
N PRO D 473 3.96 -65.13 46.05
CA PRO D 473 2.65 -64.85 45.45
C PRO D 473 1.98 -63.58 46.00
N ASP D 474 2.70 -62.47 46.03
CA ASP D 474 2.23 -61.14 46.49
C ASP D 474 1.69 -61.24 47.94
N MET D 475 0.50 -60.72 48.22
CA MET D 475 -0.02 -60.47 49.60
C MET D 475 -1.11 -61.49 49.95
N VAL D 476 -1.03 -62.11 51.13
CA VAL D 476 -2.11 -62.97 51.68
C VAL D 476 -3.38 -62.11 51.75
N GLY D 477 -4.44 -62.52 51.06
CA GLY D 477 -5.76 -61.87 51.06
C GLY D 477 -5.88 -60.81 49.97
N GLY D 478 -4.79 -60.49 49.28
CA GLY D 478 -4.74 -59.46 48.24
C GLY D 478 -4.51 -58.08 48.81
N ASN D 479 -4.66 -57.05 47.97
CA ASN D 479 -4.25 -55.65 48.28
C ASN D 479 -5.45 -54.85 48.80
N ALA D 480 -6.64 -55.43 48.81
CA ALA D 480 -7.87 -54.82 49.39
C ALA D 480 -8.10 -53.43 48.78
N VAL D 481 -8.11 -53.35 47.46
CA VAL D 481 -8.44 -52.11 46.71
C VAL D 481 -9.97 -51.98 46.71
N PRO D 482 -10.54 -50.83 47.16
CA PRO D 482 -11.98 -50.62 47.07
C PRO D 482 -12.45 -50.79 45.62
N GLN D 483 -13.58 -51.46 45.42
CA GLN D 483 -14.22 -51.73 44.09
C GLN D 483 -13.60 -52.99 43.50
N ARG D 484 -12.53 -53.53 44.10
CA ARG D 484 -11.85 -54.79 43.68
C ARG D 484 -11.66 -55.68 44.93
N THR D 485 -12.64 -55.69 45.83
CA THR D 485 -12.60 -56.45 47.12
C THR D 485 -13.95 -57.13 47.37
N ALA D 486 -13.95 -58.47 47.44
CA ALA D 486 -15.10 -59.26 47.93
C ALA D 486 -15.21 -59.07 49.45
N GLY D 487 -16.07 -58.15 49.90
CA GLY D 487 -16.30 -57.82 51.33
C GLY D 487 -16.05 -56.36 51.67
N GLY D 488 -16.02 -55.45 50.69
CA GLY D 488 -15.89 -54.00 50.92
C GLY D 488 -14.49 -53.60 51.39
N ASP D 489 -14.29 -53.50 52.72
CA ASP D 489 -13.14 -52.79 53.36
C ASP D 489 -11.90 -53.69 53.35
N VAL D 490 -12.03 -54.94 53.78
CA VAL D 490 -10.97 -55.99 53.70
C VAL D 490 -11.59 -57.21 53.01
N PRO D 491 -10.77 -58.17 52.51
CA PRO D 491 -11.30 -59.43 51.99
C PRO D 491 -12.18 -60.09 53.05
N GLU D 492 -13.34 -60.64 52.63
CA GLU D 492 -14.25 -61.38 53.53
C GLU D 492 -13.46 -62.51 54.19
N ARG D 493 -13.89 -62.86 55.40
CA ARG D 493 -13.23 -63.80 56.36
C ARG D 493 -12.78 -65.09 55.67
N GLU D 494 -13.68 -65.71 54.90
CA GLU D 494 -13.48 -67.06 54.30
C GLU D 494 -12.41 -66.96 53.20
N LEU D 495 -12.42 -65.87 52.43
CA LEU D 495 -11.41 -65.59 51.36
C LEU D 495 -10.02 -65.48 52.00
N TYR D 496 -9.89 -64.71 53.07
CA TYR D 496 -8.63 -64.49 53.81
C TYR D 496 -8.06 -65.84 54.28
N ILE D 497 -8.90 -66.68 54.90
CA ILE D 497 -8.51 -68.00 55.49
C ILE D 497 -8.02 -68.92 54.36
N ARG D 498 -8.83 -69.12 53.32
CA ARG D 498 -8.49 -70.04 52.18
C ARG D 498 -7.19 -69.56 51.53
N TRP D 499 -6.99 -68.25 51.38
CA TRP D 499 -5.78 -67.63 50.78
C TRP D 499 -4.55 -67.93 51.65
N LEU D 500 -4.65 -67.59 52.93
CA LEU D 500 -3.65 -67.85 54.00
C LEU D 500 -3.18 -69.31 53.91
N GLU D 501 -4.14 -70.24 53.76
CA GLU D 501 -3.89 -71.70 53.77
C GLU D 501 -3.03 -72.09 52.55
N VAL D 502 -3.43 -71.67 51.34
CA VAL D 502 -2.67 -72.05 50.10
C VAL D 502 -1.32 -71.32 50.13
N ALA D 503 -1.27 -70.09 50.66
CA ALA D 503 -0.05 -69.25 50.70
C ALA D 503 1.00 -69.89 51.61
N ALA D 504 0.58 -70.63 52.64
CA ALA D 504 1.46 -71.30 53.61
C ALA D 504 2.30 -72.39 52.93
N PHE D 505 1.89 -72.87 51.74
CA PHE D 505 2.55 -73.98 51.02
C PHE D 505 3.35 -73.48 49.81
N MET D 506 3.41 -72.15 49.58
CA MET D 506 4.20 -71.54 48.48
C MET D 506 5.60 -71.18 48.98
N PRO D 507 6.60 -70.94 48.10
CA PRO D 507 7.99 -70.81 48.54
C PRO D 507 8.26 -69.69 49.55
N ALA D 508 7.61 -68.55 49.40
CA ALA D 508 7.65 -67.42 50.36
C ALA D 508 6.21 -67.00 50.67
N MET D 509 5.97 -66.52 51.89
CA MET D 509 4.63 -66.20 52.42
C MET D 509 4.67 -64.78 53.00
N GLN D 510 3.80 -63.90 52.50
CA GLN D 510 3.81 -62.47 52.89
C GLN D 510 2.41 -62.08 53.35
N PHE D 511 2.26 -61.70 54.62
CA PHE D 511 1.08 -60.99 55.19
C PHE D 511 1.27 -59.48 55.00
N SER D 512 0.16 -58.76 54.83
CA SER D 512 0.10 -57.29 55.03
C SER D 512 -1.08 -57.00 55.96
N ILE D 513 -2.32 -57.13 55.46
CA ILE D 513 -3.53 -57.13 56.33
C ILE D 513 -3.41 -58.34 57.26
N PRO D 514 -3.24 -58.13 58.59
CA PRO D 514 -2.87 -59.21 59.49
C PRO D 514 -4.05 -60.04 59.99
N PRO D 515 -3.80 -61.27 60.46
CA PRO D 515 -4.87 -62.13 60.98
C PRO D 515 -5.76 -61.48 62.06
N TRP D 516 -5.17 -60.67 62.95
CA TRP D 516 -5.87 -60.04 64.11
C TRP D 516 -6.75 -58.87 63.66
N ARG D 517 -6.77 -58.56 62.36
CA ARG D 517 -7.77 -57.63 61.76
C ARG D 517 -9.15 -58.30 61.81
N TYR D 518 -9.20 -59.64 61.87
CA TYR D 518 -10.45 -60.44 61.75
C TYR D 518 -10.98 -60.84 63.14
N ASP D 519 -10.53 -61.97 63.69
CA ASP D 519 -11.02 -62.55 64.97
C ASP D 519 -10.04 -63.62 65.46
N ALA D 520 -10.24 -64.11 66.69
CA ALA D 520 -9.33 -65.05 67.38
C ALA D 520 -9.17 -66.34 66.58
N GLU D 521 -10.22 -66.79 65.88
CA GLU D 521 -10.20 -68.06 65.10
C GLU D 521 -9.30 -67.87 63.87
N VAL D 522 -9.45 -66.77 63.15
CA VAL D 522 -8.56 -66.43 61.99
C VAL D 522 -7.11 -66.40 62.48
N VAL D 523 -6.84 -65.77 63.63
CA VAL D 523 -5.49 -65.71 64.26
C VAL D 523 -5.00 -67.14 64.52
N ALA D 524 -5.85 -67.96 65.18
CA ALA D 524 -5.55 -69.37 65.53
C ALA D 524 -5.24 -70.15 64.24
N ILE D 525 -6.03 -69.99 63.19
CA ILE D 525 -5.81 -70.68 61.88
C ILE D 525 -4.44 -70.27 61.33
N ALA D 526 -4.11 -68.97 61.36
CA ALA D 526 -2.83 -68.42 60.86
C ALA D 526 -1.66 -69.02 61.66
N GLN D 527 -1.78 -69.09 62.98
CA GLN D 527 -0.75 -69.68 63.89
C GLN D 527 -0.55 -71.17 63.54
N LYS D 528 -1.64 -71.88 63.28
CA LYS D 528 -1.61 -73.32 62.89
C LYS D 528 -0.84 -73.46 61.57
N PHE D 529 -1.13 -72.63 60.57
CA PHE D 529 -0.54 -72.74 59.22
C PHE D 529 0.91 -72.24 59.24
N ALA D 530 1.25 -71.30 60.13
CA ALA D 530 2.65 -70.87 60.39
C ALA D 530 3.45 -72.07 60.93
N ALA D 531 2.90 -72.76 61.94
CA ALA D 531 3.54 -73.94 62.58
C ALA D 531 3.69 -75.07 61.56
N LEU D 532 2.64 -75.34 60.79
CA LEU D 532 2.62 -76.41 59.75
C LEU D 532 3.65 -76.09 58.66
N ARG D 533 3.68 -74.84 58.18
CA ARG D 533 4.69 -74.33 57.22
C ARG D 533 6.10 -74.62 57.78
N ALA D 534 6.36 -74.25 59.03
CA ALA D 534 7.68 -74.37 59.71
C ALA D 534 8.13 -75.84 59.80
N SER D 535 7.23 -76.78 60.13
CA SER D 535 7.59 -78.19 60.45
C SER D 535 7.52 -79.10 59.21
N LEU D 536 6.53 -78.89 58.32
CA LEU D 536 6.33 -79.75 57.12
C LEU D 536 6.91 -79.10 55.85
N VAL D 537 6.53 -77.86 55.56
CA VAL D 537 6.75 -77.22 54.22
C VAL D 537 8.20 -76.71 54.12
N ALA D 538 8.66 -75.93 55.10
CA ALA D 538 9.93 -75.18 55.07
C ALA D 538 11.13 -76.10 54.90
N PRO D 539 11.27 -77.23 55.64
CA PRO D 539 12.40 -78.12 55.43
C PRO D 539 12.49 -78.62 53.97
N LEU D 540 11.34 -78.87 53.35
CA LEU D 540 11.25 -79.38 51.94
C LEU D 540 11.58 -78.26 50.95
N LEU D 541 11.06 -77.03 51.18
CA LEU D 541 11.36 -75.83 50.37
C LEU D 541 12.88 -75.60 50.32
N LEU D 542 13.56 -75.70 51.47
CA LEU D 542 15.02 -75.45 51.60
C LEU D 542 15.82 -76.54 50.88
N GLU D 543 15.41 -77.80 50.98
CA GLU D 543 16.06 -78.91 50.26
C GLU D 543 15.95 -78.66 48.75
N LEU D 544 14.74 -78.35 48.27
CA LEU D 544 14.42 -78.14 46.83
C LEU D 544 15.13 -76.89 46.31
N ALA D 545 15.23 -75.85 47.13
CA ALA D 545 15.93 -74.58 46.81
C ALA D 545 17.42 -74.85 46.57
N GLY D 546 18.06 -75.64 47.46
CA GLY D 546 19.46 -76.08 47.31
C GLY D 546 19.66 -76.94 46.07
N GLU D 547 18.61 -77.61 45.61
CA GLU D 547 18.62 -78.56 44.47
C GLU D 547 18.51 -77.79 43.14
N VAL D 548 17.86 -76.62 43.16
CA VAL D 548 17.67 -75.73 41.96
C VAL D 548 19.02 -75.51 41.28
N THR D 549 20.02 -75.11 42.06
CA THR D 549 21.40 -74.77 41.61
C THR D 549 21.91 -75.84 40.64
N ASP D 550 21.59 -77.11 40.90
CA ASP D 550 22.09 -78.29 40.14
C ASP D 550 21.10 -78.68 39.03
N THR D 551 19.81 -78.85 39.35
CA THR D 551 18.79 -79.47 38.45
C THR D 551 18.17 -78.41 37.54
N GLY D 552 18.01 -77.17 38.05
CA GLY D 552 17.26 -76.11 37.36
C GLY D 552 15.76 -76.37 37.35
N ASP D 553 15.28 -77.34 38.15
CA ASP D 553 13.85 -77.68 38.27
C ASP D 553 13.18 -76.66 39.20
N PRO D 554 11.90 -76.33 38.94
CA PRO D 554 11.16 -75.46 39.85
C PRO D 554 10.87 -76.12 41.21
N ILE D 555 10.46 -75.30 42.19
CA ILE D 555 10.01 -75.76 43.53
C ILE D 555 8.54 -76.16 43.44
N VAL D 556 7.68 -75.24 42.97
CA VAL D 556 6.23 -75.49 42.75
C VAL D 556 6.06 -76.13 41.37
N ARG D 557 5.53 -77.37 41.34
CA ARG D 557 5.44 -78.24 40.14
C ARG D 557 3.98 -78.55 39.86
N PRO D 558 3.55 -78.66 38.58
CA PRO D 558 2.20 -79.12 38.25
C PRO D 558 2.05 -80.62 38.49
N LEU D 559 0.82 -81.12 38.65
CA LEU D 559 0.57 -82.57 38.86
C LEU D 559 1.18 -83.39 37.72
N TRP D 560 1.19 -82.85 36.49
CA TRP D 560 1.66 -83.58 35.28
C TRP D 560 3.19 -83.76 35.32
N TRP D 561 3.89 -83.03 36.20
CA TRP D 561 5.35 -83.19 36.38
C TRP D 561 5.69 -84.67 36.61
N ILE D 562 4.98 -85.33 37.53
CA ILE D 562 5.24 -86.74 37.94
C ILE D 562 4.34 -87.69 37.14
N ALA D 563 3.24 -87.21 36.55
CA ALA D 563 2.27 -88.01 35.75
C ALA D 563 2.13 -87.41 34.34
N PRO D 564 3.21 -87.39 33.52
CA PRO D 564 3.18 -86.65 32.26
C PRO D 564 2.23 -87.22 31.19
N GLY D 565 1.86 -88.50 31.30
CA GLY D 565 0.92 -89.15 30.36
C GLY D 565 -0.54 -89.06 30.79
N ASP D 566 -0.85 -88.23 31.81
CA ASP D 566 -2.16 -88.21 32.50
C ASP D 566 -2.96 -86.96 32.11
N GLU D 567 -4.05 -87.15 31.35
CA GLU D 567 -4.89 -86.07 30.77
C GLU D 567 -5.53 -85.23 31.88
N THR D 568 -5.89 -85.83 33.02
CA THR D 568 -6.49 -85.12 34.19
C THR D 568 -5.43 -84.22 34.83
N ALA D 569 -4.20 -84.74 35.01
CA ALA D 569 -3.05 -84.00 35.56
C ALA D 569 -2.71 -82.80 34.66
N HIS D 570 -2.92 -82.94 33.33
CA HIS D 570 -2.69 -81.88 32.32
C HIS D 570 -3.62 -80.69 32.58
N ARG D 571 -4.86 -80.96 33.03
CA ARG D 571 -5.98 -79.98 33.08
C ARG D 571 -6.06 -79.26 34.45
N ILE D 572 -5.59 -79.88 35.54
CA ILE D 572 -5.89 -79.43 36.93
C ILE D 572 -5.18 -78.11 37.23
N ASP D 573 -5.93 -77.13 37.75
CA ASP D 573 -5.45 -75.78 38.14
C ASP D 573 -5.66 -75.50 39.63
N SER D 574 -6.23 -76.46 40.37
CA SER D 574 -6.65 -76.31 41.79
C SER D 574 -5.74 -77.14 42.71
N GLN D 575 -4.72 -77.80 42.14
CA GLN D 575 -3.71 -78.57 42.91
C GLN D 575 -2.32 -78.29 42.35
N PHE D 576 -1.30 -78.51 43.18
CA PHE D 576 0.12 -78.38 42.82
C PHE D 576 0.97 -79.29 43.71
N LEU D 577 2.22 -79.47 43.30
CA LEU D 577 3.26 -80.23 44.03
C LEU D 577 4.29 -79.25 44.57
N ILE D 578 4.82 -79.52 45.76
CA ILE D 578 6.13 -78.99 46.24
C ILE D 578 7.13 -80.13 46.06
N GLY D 579 8.09 -79.96 45.15
CA GLY D 579 8.94 -81.06 44.64
C GLY D 579 8.07 -82.13 44.00
N ASP D 580 8.43 -83.41 44.18
CA ASP D 580 7.67 -84.57 43.66
C ASP D 580 6.89 -85.23 44.79
N THR D 581 7.10 -84.82 46.05
CA THR D 581 6.74 -85.62 47.27
C THR D 581 5.65 -84.95 48.12
N LEU D 582 5.29 -83.68 47.91
CA LEU D 582 4.20 -83.03 48.69
C LEU D 582 3.11 -82.55 47.72
N LEU D 583 1.94 -83.16 47.78
CA LEU D 583 0.76 -82.82 46.94
C LEU D 583 -0.24 -81.99 47.77
N VAL D 584 -0.63 -80.82 47.26
CA VAL D 584 -1.46 -79.80 47.98
C VAL D 584 -2.76 -79.59 47.19
N ALA D 585 -3.90 -79.64 47.88
CA ALA D 585 -5.25 -79.51 47.29
C ALA D 585 -6.08 -78.59 48.18
N PRO D 586 -5.92 -77.26 48.04
CA PRO D 586 -6.66 -76.31 48.87
C PRO D 586 -8.11 -76.15 48.40
N VAL D 587 -8.99 -75.75 49.31
CA VAL D 587 -10.36 -75.28 48.97
C VAL D 587 -10.23 -73.85 48.45
N LEU D 588 -10.83 -73.57 47.29
CA LEU D 588 -10.70 -72.28 46.55
C LEU D 588 -12.08 -71.71 46.23
N GLU D 589 -13.12 -72.16 46.96
CA GLU D 589 -14.52 -71.73 46.79
C GLU D 589 -15.13 -71.41 48.14
N PRO D 590 -16.01 -70.39 48.24
CA PRO D 590 -16.70 -70.07 49.49
C PRO D 590 -17.76 -71.15 49.82
N GLY D 591 -17.98 -71.40 51.11
CA GLY D 591 -19.04 -72.29 51.64
C GLY D 591 -18.81 -73.76 51.32
N LYS D 592 -17.56 -74.22 51.34
CA LYS D 592 -17.19 -75.62 51.00
C LYS D 592 -16.35 -76.24 52.12
N GLN D 593 -16.75 -77.40 52.63
CA GLN D 593 -16.02 -78.16 53.68
C GLN D 593 -15.50 -79.49 53.10
N GLU D 594 -15.52 -79.59 51.77
CA GLU D 594 -14.95 -80.75 51.02
C GLU D 594 -14.63 -80.30 49.59
N ARG D 595 -13.70 -81.00 48.95
CA ARG D 595 -13.42 -80.87 47.50
C ARG D 595 -13.02 -82.23 46.95
N ASP D 596 -13.08 -82.37 45.62
CA ASP D 596 -12.48 -83.51 44.88
C ASP D 596 -10.98 -83.31 44.83
N VAL D 597 -10.20 -84.37 45.10
CA VAL D 597 -8.71 -84.36 45.09
C VAL D 597 -8.24 -85.47 44.15
N TYR D 598 -7.45 -85.13 43.14
CA TYR D 598 -6.85 -86.11 42.19
C TYR D 598 -5.45 -86.48 42.66
N LEU D 599 -5.20 -87.78 42.83
CA LEU D 599 -3.84 -88.33 43.11
C LEU D 599 -3.36 -88.98 41.80
N PRO D 600 -2.27 -88.46 41.20
CA PRO D 600 -1.98 -88.70 39.80
C PRO D 600 -1.21 -90.00 39.56
N ALA D 601 -0.32 -90.35 40.49
CA ALA D 601 0.52 -91.57 40.39
C ALA D 601 1.38 -91.71 41.65
N GLY D 602 1.74 -92.95 42.00
CA GLY D 602 2.49 -93.33 43.20
C GLY D 602 1.61 -93.63 44.39
N LYS D 603 2.21 -93.84 45.56
CA LYS D 603 1.51 -94.05 46.86
C LYS D 603 1.58 -92.75 47.66
N TRP D 604 0.46 -92.36 48.29
CA TRP D 604 0.30 -91.07 49.01
C TRP D 604 -0.22 -91.32 50.43
N ARG D 605 0.43 -90.72 51.43
CA ARG D 605 -0.04 -90.66 52.83
C ARG D 605 -0.69 -89.30 53.07
N SER D 606 -1.97 -89.28 53.42
CA SER D 606 -2.73 -88.04 53.70
C SER D 606 -2.28 -87.43 55.02
N TYR D 607 -2.70 -86.20 55.29
CA TYR D 607 -2.34 -85.42 56.50
C TYR D 607 -2.95 -86.09 57.74
N LYS D 608 -4.01 -86.89 57.54
CA LYS D 608 -4.71 -87.65 58.63
C LYS D 608 -4.10 -89.05 58.81
N GLY D 609 -3.19 -89.47 57.93
CA GLY D 609 -2.45 -90.76 58.02
C GLY D 609 -2.92 -91.82 57.02
N GLU D 610 -3.98 -91.54 56.24
CA GLU D 610 -4.58 -92.51 55.27
C GLU D 610 -3.54 -92.85 54.19
N LEU D 611 -3.30 -94.14 53.92
CA LEU D 611 -2.48 -94.62 52.77
C LEU D 611 -3.37 -94.83 51.53
N PHE D 612 -3.18 -94.03 50.49
CA PHE D 612 -3.79 -94.22 49.15
C PHE D 612 -2.77 -94.88 48.23
N ASP D 613 -2.95 -96.15 47.88
CA ASP D 613 -1.98 -96.89 47.02
C ASP D 613 -2.62 -97.38 45.70
N LYS D 614 -3.84 -96.96 45.40
CA LYS D 614 -4.51 -97.30 44.10
C LYS D 614 -4.64 -95.99 43.32
N THR D 615 -3.62 -95.66 42.52
CA THR D 615 -3.55 -94.40 41.73
C THR D 615 -3.20 -94.71 40.28
N PRO D 616 -3.58 -93.85 39.31
CA PRO D 616 -4.24 -92.59 39.62
C PRO D 616 -5.69 -92.79 40.07
N VAL D 617 -6.24 -91.88 40.87
CA VAL D 617 -7.66 -91.92 41.33
C VAL D 617 -8.12 -90.51 41.73
N LEU D 618 -9.40 -90.20 41.49
CA LEU D 618 -10.12 -89.04 42.05
C LEU D 618 -10.72 -89.42 43.41
N LEU D 619 -10.29 -88.76 44.48
CA LEU D 619 -10.96 -88.78 45.80
C LEU D 619 -12.14 -87.81 45.75
N THR D 620 -13.37 -88.31 45.74
CA THR D 620 -14.61 -87.48 45.69
C THR D 620 -14.99 -87.00 47.10
N ASP D 621 -15.38 -85.73 47.22
CA ASP D 621 -15.93 -85.12 48.46
C ASP D 621 -14.95 -85.39 49.61
N TYR D 622 -13.66 -85.10 49.41
CA TYR D 622 -12.62 -85.28 50.45
C TYR D 622 -12.79 -84.19 51.49
N PRO D 623 -13.04 -84.51 52.77
CA PRO D 623 -13.32 -83.50 53.80
C PRO D 623 -12.14 -82.55 54.02
N VAL D 624 -12.42 -81.25 53.98
CA VAL D 624 -11.47 -80.13 54.24
C VAL D 624 -12.28 -79.02 54.91
N ASP D 625 -12.28 -78.95 56.25
CA ASP D 625 -13.02 -77.90 57.00
C ASP D 625 -12.35 -76.55 56.74
N LEU D 626 -12.99 -75.46 57.21
CA LEU D 626 -12.54 -74.06 57.01
C LEU D 626 -11.09 -73.90 57.46
N ASP D 627 -10.69 -74.60 58.53
CA ASP D 627 -9.36 -74.43 59.17
C ASP D 627 -8.38 -75.49 58.65
N GLU D 628 -8.64 -76.09 57.49
CA GLU D 628 -7.81 -77.20 56.96
C GLU D 628 -7.42 -76.96 55.49
N ILE D 629 -6.36 -77.65 55.08
CA ILE D 629 -5.96 -77.88 53.67
C ILE D 629 -5.71 -79.39 53.51
N ALA D 630 -6.10 -79.96 52.37
CA ALA D 630 -5.78 -81.36 51.98
C ALA D 630 -4.35 -81.37 51.43
N TYR D 631 -3.45 -82.12 52.08
CA TYR D 631 -2.10 -82.41 51.57
C TYR D 631 -1.79 -83.89 51.77
N PHE D 632 -0.88 -84.39 50.93
CA PHE D 632 -0.48 -85.82 50.85
C PHE D 632 1.04 -85.85 50.63
N THR D 633 1.72 -86.82 51.25
CA THR D 633 3.18 -87.02 51.17
C THR D 633 3.46 -88.35 50.48
N TRP D 634 4.49 -88.40 49.63
CA TRP D 634 4.98 -89.63 48.95
C TRP D 634 5.27 -90.73 49.98
N ALA D 635 4.90 -91.99 49.69
CA ALA D 635 4.98 -93.13 50.62
C ALA D 635 5.89 -94.24 50.05
#